data_2K8E
#
_entry.id   2K8E
#
_cell.length_a   1.000
_cell.length_b   1.000
_cell.length_c   1.000
_cell.angle_alpha   90.00
_cell.angle_beta   90.00
_cell.angle_gamma   90.00
#
_symmetry.space_group_name_H-M   'P 1'
#
_entity_poly.entity_id   1
_entity_poly.type   'polypeptide(L)'
_entity_poly.pdbx_seq_one_letter_code
;QGHMLFSIHNFNQGVIMAGWFELSKSSDNQFRFVLKAGNGETILTSELYTSKTSAEKGIASVRSNSPQEERYEKKTASNG
KFYFNLKAANHQIIGSSQMYATAQSRETGIASVKANGTSQTVKDNTGSNN
;
_entity_poly.pdbx_strand_id   A
#
# COMPACT_ATOMS: atom_id res chain seq x y z
N GLY A 14 19.61 -17.77 -0.68
CA GLY A 14 18.39 -16.98 -0.93
C GLY A 14 18.67 -15.49 -1.09
N VAL A 15 17.66 -14.73 -1.55
CA VAL A 15 17.76 -13.27 -1.76
C VAL A 15 17.23 -12.50 -0.53
N ILE A 16 17.67 -11.24 -0.38
CA ILE A 16 17.21 -10.34 0.70
C ILE A 16 15.74 -9.93 0.46
N MET A 17 14.88 -10.20 1.46
CA MET A 17 13.46 -9.79 1.42
C MET A 17 13.33 -8.36 1.97
N ALA A 18 12.39 -7.58 1.42
CA ALA A 18 12.08 -6.23 1.87
C ALA A 18 10.57 -6.10 2.05
N GLY A 19 10.10 -6.41 3.27
CA GLY A 19 8.67 -6.41 3.59
C GLY A 19 7.89 -7.47 2.82
N TRP A 20 6.55 -7.39 2.90
CA TRP A 20 5.65 -8.34 2.24
C TRP A 20 4.24 -7.74 2.08
N PHE A 21 3.56 -8.17 1.02
CA PHE A 21 2.14 -7.89 0.79
C PHE A 21 1.32 -9.06 1.34
N GLU A 22 0.08 -8.78 1.79
CA GLU A 22 -0.88 -9.83 2.19
C GLU A 22 -2.23 -9.53 1.54
N LEU A 23 -2.62 -10.36 0.55
CA LEU A 23 -3.90 -10.23 -0.15
C LEU A 23 -4.97 -10.99 0.62
N SER A 24 -5.87 -10.25 1.26
CA SER A 24 -7.01 -10.80 2.02
C SER A 24 -8.31 -10.22 1.45
N LYS A 25 -9.37 -11.03 1.40
CA LYS A 25 -10.70 -10.55 1.05
C LYS A 25 -11.46 -10.23 2.35
N SER A 26 -12.21 -9.12 2.34
CA SER A 26 -12.92 -8.60 3.52
C SER A 26 -14.20 -9.42 3.83
N SER A 27 -14.97 -8.96 4.83
CA SER A 27 -16.27 -9.56 5.19
C SER A 27 -17.27 -9.46 4.00
N ASP A 28 -17.05 -8.45 3.14
CA ASP A 28 -17.86 -8.22 1.92
C ASP A 28 -17.17 -8.87 0.67
N ASN A 29 -16.20 -9.78 0.94
CA ASN A 29 -15.44 -10.56 -0.08
C ASN A 29 -14.57 -9.67 -0.99
N GLN A 30 -14.31 -8.43 -0.54
CA GLN A 30 -13.54 -7.44 -1.32
C GLN A 30 -12.03 -7.66 -1.14
N PHE A 31 -11.31 -7.76 -2.26
CA PHE A 31 -9.90 -8.14 -2.30
C PHE A 31 -9.04 -6.90 -2.10
N ARG A 32 -8.22 -6.95 -1.06
CA ARG A 32 -7.43 -5.81 -0.58
C ARG A 32 -6.11 -6.33 -0.01
N PHE A 33 -5.00 -5.89 -0.60
CA PHE A 33 -3.65 -6.25 -0.13
C PHE A 33 -3.09 -5.12 0.73
N VAL A 34 -2.45 -5.49 1.84
CA VAL A 34 -1.73 -4.55 2.71
C VAL A 34 -0.23 -4.76 2.53
N LEU A 35 0.52 -3.66 2.34
CA LEU A 35 1.98 -3.68 2.29
C LEU A 35 2.51 -3.44 3.71
N LYS A 36 3.30 -4.38 4.19
CA LYS A 36 3.95 -4.34 5.49
C LYS A 36 5.46 -4.27 5.32
N ALA A 37 6.12 -3.63 6.29
CA ALA A 37 7.57 -3.48 6.34
C ALA A 37 8.20 -4.68 7.07
N GLY A 38 9.54 -4.60 7.31
CA GLY A 38 10.30 -5.69 7.93
C GLY A 38 9.80 -6.11 9.31
N ASN A 39 9.29 -5.14 10.09
CA ASN A 39 8.73 -5.38 11.45
C ASN A 39 7.22 -5.72 11.42
N GLY A 40 6.68 -5.93 10.20
CA GLY A 40 5.25 -6.19 10.01
C GLY A 40 4.39 -4.92 10.04
N GLU A 41 5.06 -3.75 10.09
CA GLU A 41 4.40 -2.44 10.15
C GLU A 41 3.73 -2.12 8.81
N THR A 42 2.39 -2.12 8.80
CA THR A 42 1.61 -1.78 7.61
C THR A 42 1.85 -0.29 7.26
N ILE A 43 2.35 -0.07 6.04
CA ILE A 43 2.78 1.25 5.54
C ILE A 43 1.87 1.74 4.39
N LEU A 44 1.18 0.77 3.76
CA LEU A 44 0.29 1.02 2.61
C LEU A 44 -0.86 0.01 2.66
N THR A 45 -2.05 0.43 2.21
CA THR A 45 -3.26 -0.41 2.17
C THR A 45 -4.08 -0.02 0.94
N SER A 46 -4.28 -0.97 0.02
CA SER A 46 -5.10 -0.75 -1.19
C SER A 46 -6.59 -0.60 -0.82
N GLU A 47 -7.42 -0.20 -1.80
CA GLU A 47 -8.88 -0.14 -1.61
C GLU A 47 -9.51 -1.51 -1.83
N LEU A 48 -10.82 -1.55 -1.58
CA LEU A 48 -11.63 -2.75 -1.76
C LEU A 48 -11.90 -2.98 -3.25
N TYR A 49 -11.33 -4.07 -3.79
CA TYR A 49 -11.48 -4.46 -5.20
C TYR A 49 -12.52 -5.59 -5.30
N THR A 50 -13.47 -5.47 -6.24
CA THR A 50 -14.53 -6.47 -6.45
C THR A 50 -13.93 -7.81 -7.00
N SER A 51 -12.77 -7.70 -7.68
CA SER A 51 -12.06 -8.86 -8.26
C SER A 51 -10.58 -8.86 -7.85
N LYS A 52 -10.00 -10.06 -7.68
CA LYS A 52 -8.56 -10.23 -7.37
C LYS A 52 -7.69 -9.74 -8.54
N THR A 53 -8.23 -9.81 -9.77
CA THR A 53 -7.57 -9.28 -10.98
C THR A 53 -7.24 -7.78 -10.86
N SER A 54 -8.13 -7.03 -10.20
CA SER A 54 -7.94 -5.59 -9.91
C SER A 54 -6.83 -5.39 -8.85
N ALA A 55 -6.73 -6.36 -7.92
CA ALA A 55 -5.69 -6.36 -6.85
C ALA A 55 -4.30 -6.75 -7.41
N GLU A 56 -4.29 -7.59 -8.48
CA GLU A 56 -3.05 -7.99 -9.19
C GLU A 56 -2.47 -6.79 -9.95
N LYS A 57 -3.37 -6.07 -10.65
CA LYS A 57 -3.02 -4.82 -11.34
C LYS A 57 -2.76 -3.69 -10.33
N GLY A 58 -3.35 -3.81 -9.13
CA GLY A 58 -3.12 -2.88 -8.05
C GLY A 58 -1.68 -2.93 -7.58
N ILE A 59 -1.16 -4.15 -7.29
CA ILE A 59 0.23 -4.33 -6.83
C ILE A 59 1.23 -4.08 -7.99
N ALA A 60 0.81 -4.45 -9.22
CA ALA A 60 1.61 -4.21 -10.44
C ALA A 60 1.87 -2.70 -10.61
N SER A 61 0.83 -1.91 -10.33
CA SER A 61 0.89 -0.44 -10.41
C SER A 61 1.70 0.15 -9.24
N VAL A 62 1.49 -0.33 -7.97
CA VAL A 62 2.22 0.23 -6.80
C VAL A 62 3.73 -0.07 -6.90
N ARG A 63 4.08 -1.18 -7.57
CA ARG A 63 5.48 -1.62 -7.73
C ARG A 63 6.19 -0.76 -8.79
N SER A 64 5.43 -0.36 -9.84
CA SER A 64 5.93 0.50 -10.92
C SER A 64 5.97 1.98 -10.46
N ASN A 65 5.04 2.37 -9.57
CA ASN A 65 4.93 3.75 -9.04
C ASN A 65 5.53 3.83 -7.61
N SER A 66 6.26 2.77 -7.22
CA SER A 66 7.02 2.71 -5.95
C SER A 66 8.17 3.76 -5.93
N PRO A 67 9.04 3.88 -7.00
CA PRO A 67 10.07 4.95 -7.08
C PRO A 67 9.47 6.30 -7.52
N GLN A 68 8.21 6.30 -7.98
CA GLN A 68 7.53 7.51 -8.46
C GLN A 68 6.93 8.27 -7.26
N GLU A 69 7.80 9.04 -6.57
CA GLU A 69 7.44 9.81 -5.35
C GLU A 69 6.33 10.84 -5.62
N GLU A 70 6.25 11.31 -6.87
CA GLU A 70 5.32 12.37 -7.28
C GLU A 70 3.90 11.80 -7.49
N ARG A 71 3.80 10.48 -7.76
CA ARG A 71 2.51 9.80 -7.97
C ARG A 71 1.76 9.57 -6.63
N TYR A 72 2.53 9.58 -5.52
CA TYR A 72 1.94 9.61 -4.16
C TYR A 72 1.30 11.00 -3.92
N GLU A 73 0.07 11.01 -3.38
CA GLU A 73 -0.64 12.26 -3.07
C GLU A 73 -0.44 12.59 -1.59
N LYS A 74 0.54 13.47 -1.32
CA LYS A 74 0.91 13.88 0.04
C LYS A 74 -0.13 14.91 0.52
N LYS A 75 -1.04 14.44 1.39
CA LYS A 75 -2.22 15.17 1.86
C LYS A 75 -2.20 15.27 3.39
N THR A 76 -2.95 16.25 3.93
CA THR A 76 -3.14 16.43 5.38
C THR A 76 -4.64 16.52 5.69
N ALA A 77 -5.14 15.54 6.46
CA ALA A 77 -6.54 15.51 6.95
C ALA A 77 -6.81 16.67 7.93
N SER A 78 -8.09 17.05 8.07
CA SER A 78 -8.55 18.13 8.98
C SER A 78 -8.37 17.73 10.47
N ASN A 79 -8.05 16.45 10.72
CA ASN A 79 -7.67 15.92 12.05
C ASN A 79 -6.17 16.23 12.33
N GLY A 80 -5.51 16.99 11.42
CA GLY A 80 -4.09 17.34 11.53
C GLY A 80 -3.18 16.14 11.31
N LYS A 81 -3.59 15.23 10.42
CA LYS A 81 -2.91 13.95 10.18
C LYS A 81 -2.33 13.91 8.76
N PHE A 82 -1.02 13.68 8.65
CA PHE A 82 -0.31 13.63 7.36
C PHE A 82 -0.28 12.18 6.82
N TYR A 83 -0.76 12.00 5.58
CA TYR A 83 -0.86 10.69 4.91
C TYR A 83 -0.62 10.87 3.41
N PHE A 84 -0.57 9.76 2.65
CA PHE A 84 -0.38 9.82 1.19
C PHE A 84 -1.16 8.70 0.49
N ASN A 85 -1.85 9.06 -0.62
CA ASN A 85 -2.63 8.12 -1.43
C ASN A 85 -1.96 7.97 -2.80
N LEU A 86 -1.47 6.76 -3.10
CA LEU A 86 -0.80 6.46 -4.38
C LEU A 86 -1.88 6.22 -5.45
N LYS A 87 -1.86 7.06 -6.51
CA LYS A 87 -2.85 7.02 -7.61
C LYS A 87 -2.40 6.05 -8.71
N ALA A 88 -3.40 5.58 -9.47
CA ALA A 88 -3.21 4.86 -10.74
C ALA A 88 -3.58 5.79 -11.91
N ALA A 89 -3.35 5.30 -13.14
CA ALA A 89 -3.81 5.98 -14.37
C ALA A 89 -5.35 6.06 -14.41
N ASN A 90 -5.99 5.08 -13.76
CA ASN A 90 -7.46 4.95 -13.68
C ASN A 90 -8.05 5.84 -12.55
N HIS A 91 -7.22 6.75 -12.00
CA HIS A 91 -7.59 7.68 -10.89
C HIS A 91 -7.85 6.92 -9.58
N GLN A 92 -7.62 5.59 -9.59
CA GLN A 92 -7.94 4.69 -8.47
C GLN A 92 -6.80 4.68 -7.46
N ILE A 93 -7.18 4.65 -6.17
CA ILE A 93 -6.23 4.54 -5.07
C ILE A 93 -5.74 3.07 -5.00
N ILE A 94 -4.55 2.84 -5.57
CA ILE A 94 -3.91 1.51 -5.55
C ILE A 94 -3.23 1.24 -4.19
N GLY A 95 -3.12 2.29 -3.36
CA GLY A 95 -2.61 2.17 -2.01
C GLY A 95 -2.72 3.48 -1.22
N SER A 96 -3.65 3.53 -0.26
CA SER A 96 -3.77 4.64 0.69
C SER A 96 -2.94 4.31 1.92
N SER A 97 -2.16 5.28 2.40
CA SER A 97 -1.33 5.11 3.58
C SER A 97 -2.13 5.48 4.83
N GLN A 98 -1.65 4.98 5.97
CA GLN A 98 -2.24 5.24 7.29
C GLN A 98 -1.93 6.70 7.68
N MET A 99 -2.89 7.37 8.31
CA MET A 99 -2.73 8.79 8.69
C MET A 99 -1.77 8.90 9.89
N TYR A 100 -0.64 9.57 9.63
CA TYR A 100 0.45 9.73 10.62
C TYR A 100 0.28 11.05 11.39
N ALA A 101 0.90 11.13 12.57
CA ALA A 101 0.83 12.33 13.41
C ALA A 101 1.72 13.46 12.82
N THR A 102 3.00 13.13 12.59
CA THR A 102 3.99 14.08 12.07
C THR A 102 4.17 13.94 10.54
N ALA A 103 4.63 15.04 9.90
CA ALA A 103 4.91 15.09 8.46
C ALA A 103 6.15 14.25 8.11
N GLN A 104 7.13 14.21 9.04
CA GLN A 104 8.37 13.41 8.88
C GLN A 104 8.05 11.90 8.80
N SER A 105 6.99 11.47 9.51
CA SER A 105 6.51 10.07 9.50
C SER A 105 5.86 9.73 8.14
N ARG A 106 5.26 10.75 7.50
CA ARG A 106 4.69 10.63 6.14
C ARG A 106 5.82 10.47 5.10
N GLU A 107 6.93 11.21 5.31
CA GLU A 107 8.11 11.18 4.41
C GLU A 107 8.87 9.85 4.54
N THR A 108 8.98 9.35 5.78
CA THR A 108 9.52 8.02 6.09
C THR A 108 8.60 6.95 5.45
N GLY A 109 7.29 7.24 5.43
CA GLY A 109 6.30 6.41 4.75
C GLY A 109 6.57 6.30 3.25
N ILE A 110 6.85 7.45 2.60
CA ILE A 110 7.21 7.50 1.16
C ILE A 110 8.42 6.59 0.87
N ALA A 111 9.44 6.72 1.74
CA ALA A 111 10.69 5.94 1.65
C ALA A 111 10.46 4.44 1.92
N SER A 112 9.52 4.13 2.82
CA SER A 112 9.24 2.76 3.26
C SER A 112 8.43 2.01 2.18
N VAL A 113 7.41 2.68 1.62
CA VAL A 113 6.59 2.10 0.52
C VAL A 113 7.42 1.98 -0.77
N LYS A 114 8.42 2.86 -0.90
CA LYS A 114 9.40 2.79 -2.00
C LYS A 114 10.34 1.58 -1.82
N ALA A 115 10.70 1.29 -0.56
CA ALA A 115 11.62 0.19 -0.20
C ALA A 115 10.94 -1.18 -0.34
N ASN A 116 9.77 -1.32 0.29
CA ASN A 116 9.03 -2.59 0.38
C ASN A 116 8.08 -2.77 -0.83
N GLY A 117 7.85 -1.69 -1.58
CA GLY A 117 7.00 -1.71 -2.78
C GLY A 117 7.70 -2.29 -4.00
N THR A 118 9.05 -2.28 -3.98
CA THR A 118 9.87 -2.92 -5.03
C THR A 118 9.81 -4.46 -4.94
N SER A 119 9.23 -4.98 -3.83
CA SER A 119 8.98 -6.41 -3.63
C SER A 119 7.64 -6.81 -4.29
N GLN A 120 7.35 -8.12 -4.31
CA GLN A 120 6.09 -8.69 -4.82
C GLN A 120 5.75 -9.97 -4.02
N THR A 121 6.27 -10.05 -2.78
CA THR A 121 6.06 -11.21 -1.88
C THR A 121 4.63 -11.19 -1.30
N VAL A 122 3.68 -11.73 -2.10
CA VAL A 122 2.24 -11.75 -1.76
C VAL A 122 1.89 -13.03 -0.97
N LYS A 123 1.38 -12.83 0.25
CA LYS A 123 0.82 -13.89 1.09
C LYS A 123 -0.70 -13.96 0.84
N ASP A 124 -1.17 -15.08 0.26
CA ASP A 124 -2.59 -15.30 0.00
C ASP A 124 -3.32 -15.60 1.32
N ASN A 125 -3.92 -14.54 1.89
CA ASN A 125 -4.75 -14.65 3.11
C ASN A 125 -6.25 -14.83 2.70
N THR A 126 -6.53 -14.71 1.38
CA THR A 126 -7.84 -15.00 0.77
C THR A 126 -8.24 -16.48 1.00
N GLY A 127 -9.54 -16.77 0.89
CA GLY A 127 -10.08 -18.11 1.16
C GLY A 127 -10.66 -18.24 2.56
N SER A 128 -10.99 -17.10 3.17
CA SER A 128 -11.69 -17.05 4.46
C SER A 128 -13.21 -17.23 4.25
N ASN A 129 -13.74 -18.37 4.72
CA ASN A 129 -15.17 -18.71 4.61
C ASN A 129 -15.60 -19.57 5.82
N GLY A 14 21.24 -2.41 -5.04
CA GLY A 14 20.16 -3.10 -4.33
C GLY A 14 19.68 -2.33 -3.10
N VAL A 15 18.34 -2.32 -2.87
CA VAL A 15 17.73 -1.68 -1.68
C VAL A 15 17.39 -2.75 -0.64
N ILE A 16 17.55 -2.40 0.65
CA ILE A 16 17.15 -3.27 1.77
C ILE A 16 15.60 -3.26 1.90
N MET A 17 14.97 -4.32 1.35
CA MET A 17 13.51 -4.46 1.33
C MET A 17 13.03 -5.01 2.69
N ALA A 18 12.61 -4.10 3.55
CA ALA A 18 12.03 -4.42 4.86
C ALA A 18 10.50 -4.28 4.76
N GLY A 19 9.86 -5.26 4.10
CA GLY A 19 8.41 -5.22 3.90
C GLY A 19 7.93 -6.26 2.91
N TRP A 20 6.66 -6.62 3.05
CA TRP A 20 5.99 -7.65 2.26
C TRP A 20 4.56 -7.20 1.91
N PHE A 21 3.98 -7.78 0.86
CA PHE A 21 2.58 -7.57 0.47
C PHE A 21 1.72 -8.74 1.00
N GLU A 22 0.46 -8.43 1.36
CA GLU A 22 -0.53 -9.45 1.77
C GLU A 22 -1.85 -9.17 1.06
N LEU A 23 -2.24 -10.06 0.12
CA LEU A 23 -3.56 -9.97 -0.53
C LEU A 23 -4.59 -10.57 0.42
N SER A 24 -5.23 -9.69 1.17
CA SER A 24 -6.22 -10.02 2.20
C SER A 24 -7.62 -9.70 1.66
N LYS A 25 -8.64 -9.89 2.49
CA LYS A 25 -10.02 -9.52 2.18
C LYS A 25 -10.66 -8.81 3.38
N SER A 26 -11.54 -7.86 3.09
CA SER A 26 -12.39 -7.22 4.08
C SER A 26 -13.58 -8.13 4.45
N SER A 27 -14.32 -7.76 5.50
CA SER A 27 -15.52 -8.50 5.94
C SER A 27 -16.67 -8.36 4.91
N ASP A 28 -16.50 -7.45 3.92
CA ASP A 28 -17.43 -7.27 2.78
C ASP A 28 -17.07 -8.23 1.61
N ASN A 29 -16.12 -9.16 1.87
CA ASN A 29 -15.63 -10.18 0.92
C ASN A 29 -14.80 -9.58 -0.24
N GLN A 30 -14.49 -8.27 -0.15
CA GLN A 30 -13.75 -7.55 -1.20
C GLN A 30 -12.24 -7.75 -0.99
N PHE A 31 -11.52 -7.98 -2.09
CA PHE A 31 -10.09 -8.34 -2.07
C PHE A 31 -9.22 -7.09 -2.17
N ARG A 32 -8.19 -6.99 -1.34
CA ARG A 32 -7.30 -5.82 -1.26
C ARG A 32 -5.93 -6.27 -0.76
N PHE A 33 -4.86 -5.70 -1.31
CA PHE A 33 -3.48 -5.98 -0.85
C PHE A 33 -3.02 -4.85 0.09
N VAL A 34 -2.29 -5.22 1.15
CA VAL A 34 -1.65 -4.27 2.06
C VAL A 34 -0.12 -4.40 1.92
N LEU A 35 0.58 -3.27 1.81
CA LEU A 35 2.04 -3.23 1.92
C LEU A 35 2.35 -3.04 3.42
N LYS A 36 2.85 -4.10 4.05
CA LYS A 36 3.18 -4.13 5.47
C LYS A 36 4.71 -4.22 5.64
N ALA A 37 5.32 -3.17 6.21
CA ALA A 37 6.78 -3.06 6.44
C ALA A 37 7.29 -4.12 7.44
N GLY A 38 8.64 -4.17 7.58
CA GLY A 38 9.33 -5.14 8.45
C GLY A 38 9.02 -4.95 9.93
N ASN A 39 8.48 -3.77 10.27
CA ASN A 39 8.04 -3.43 11.65
C ASN A 39 6.71 -4.16 12.02
N GLY A 40 6.10 -4.86 11.04
CA GLY A 40 4.81 -5.51 11.23
C GLY A 40 3.63 -4.53 11.12
N GLU A 41 3.91 -3.34 10.57
CA GLU A 41 2.92 -2.24 10.42
C GLU A 41 2.70 -1.93 8.93
N THR A 42 1.42 -1.73 8.55
CA THR A 42 1.04 -1.42 7.19
C THR A 42 1.35 0.06 6.87
N ILE A 43 2.18 0.28 5.83
CA ILE A 43 2.57 1.61 5.35
C ILE A 43 1.59 2.12 4.28
N LEU A 44 0.83 1.18 3.67
CA LEU A 44 -0.04 1.49 2.52
C LEU A 44 -1.12 0.39 2.38
N THR A 45 -2.41 0.74 2.49
CA THR A 45 -3.54 -0.19 2.30
C THR A 45 -4.30 0.19 1.02
N SER A 46 -4.50 -0.77 0.11
CA SER A 46 -5.24 -0.53 -1.14
C SER A 46 -6.76 -0.59 -0.92
N GLU A 47 -7.53 -0.18 -1.94
CA GLU A 47 -9.00 -0.15 -1.89
C GLU A 47 -9.65 -1.51 -2.20
N LEU A 48 -10.99 -1.51 -2.25
CA LEU A 48 -11.80 -2.71 -2.36
C LEU A 48 -11.94 -3.10 -3.84
N TYR A 49 -11.37 -4.27 -4.19
CA TYR A 49 -11.47 -4.84 -5.55
C TYR A 49 -12.40 -6.06 -5.49
N THR A 50 -13.51 -6.00 -6.27
CA THR A 50 -14.51 -7.08 -6.33
C THR A 50 -13.90 -8.39 -6.88
N SER A 51 -12.92 -8.25 -7.79
CA SER A 51 -12.13 -9.37 -8.34
C SER A 51 -10.68 -9.22 -7.87
N LYS A 52 -10.07 -10.35 -7.43
CA LYS A 52 -8.65 -10.39 -6.99
C LYS A 52 -7.69 -9.95 -8.11
N THR A 53 -8.12 -10.20 -9.37
CA THR A 53 -7.35 -9.83 -10.58
C THR A 53 -7.02 -8.34 -10.63
N SER A 54 -7.97 -7.51 -10.15
CA SER A 54 -7.81 -6.05 -10.08
C SER A 54 -6.80 -5.65 -8.97
N ALA A 55 -6.70 -6.49 -7.91
CA ALA A 55 -5.68 -6.33 -6.84
C ALA A 55 -4.29 -6.81 -7.32
N GLU A 56 -4.27 -7.83 -8.21
CA GLU A 56 -3.01 -8.36 -8.81
C GLU A 56 -2.45 -7.37 -9.85
N LYS A 57 -3.34 -6.67 -10.55
CA LYS A 57 -2.98 -5.53 -11.42
C LYS A 57 -2.71 -4.27 -10.59
N GLY A 58 -3.35 -4.21 -9.41
CA GLY A 58 -3.18 -3.12 -8.45
C GLY A 58 -1.77 -3.07 -7.88
N ILE A 59 -1.21 -4.25 -7.54
CA ILE A 59 0.17 -4.36 -7.05
C ILE A 59 1.16 -4.13 -8.21
N ALA A 60 0.76 -4.53 -9.43
CA ALA A 60 1.52 -4.22 -10.66
C ALA A 60 1.58 -2.70 -10.90
N SER A 61 0.49 -2.00 -10.50
CA SER A 61 0.41 -0.53 -10.57
C SER A 61 1.36 0.12 -9.56
N VAL A 62 1.26 -0.28 -8.26
CA VAL A 62 2.10 0.33 -7.18
C VAL A 62 3.60 0.02 -7.41
N ARG A 63 3.88 -1.12 -8.06
CA ARG A 63 5.25 -1.56 -8.39
C ARG A 63 5.87 -0.57 -9.38
N SER A 64 5.17 -0.37 -10.51
CA SER A 64 5.62 0.52 -11.59
C SER A 64 5.62 2.01 -11.14
N ASN A 65 4.82 2.32 -10.11
CA ASN A 65 4.65 3.69 -9.57
C ASN A 65 5.50 3.93 -8.31
N SER A 66 6.34 2.94 -7.91
CA SER A 66 7.30 3.11 -6.79
C SER A 66 8.42 4.15 -7.16
N PRO A 67 9.08 4.07 -8.37
CA PRO A 67 10.05 5.11 -8.81
C PRO A 67 9.36 6.43 -9.25
N GLN A 68 8.03 6.37 -9.51
CA GLN A 68 7.25 7.52 -9.97
C GLN A 68 6.78 8.37 -8.77
N GLU A 69 7.51 9.48 -8.52
CA GLU A 69 7.27 10.38 -7.38
C GLU A 69 5.94 11.15 -7.51
N GLU A 70 5.45 11.29 -8.76
CA GLU A 70 4.23 12.06 -9.10
C GLU A 70 2.96 11.30 -8.65
N ARG A 71 3.05 9.97 -8.64
CA ARG A 71 1.89 9.09 -8.41
C ARG A 71 1.49 9.04 -6.92
N TYR A 72 2.33 9.56 -6.03
CA TYR A 72 1.98 9.72 -4.61
C TYR A 72 2.27 11.16 -4.15
N GLU A 73 1.43 11.67 -3.24
CA GLU A 73 1.55 13.03 -2.70
C GLU A 73 1.48 12.99 -1.16
N LYS A 74 2.21 13.92 -0.52
CA LYS A 74 2.17 14.12 0.94
C LYS A 74 0.79 14.71 1.31
N LYS A 75 -0.03 13.93 2.04
CA LYS A 75 -1.44 14.28 2.34
C LYS A 75 -1.63 14.56 3.84
N THR A 76 -2.47 15.56 4.15
CA THR A 76 -2.84 15.90 5.54
C THR A 76 -4.38 15.84 5.69
N ALA A 77 -4.84 14.93 6.56
CA ALA A 77 -6.27 14.75 6.90
C ALA A 77 -6.86 15.98 7.60
N SER A 78 -8.21 16.00 7.71
CA SER A 78 -8.99 17.10 8.30
C SER A 78 -8.68 17.30 9.81
N ASN A 79 -8.21 16.22 10.48
CA ASN A 79 -7.84 16.25 11.90
C ASN A 79 -6.36 16.64 12.10
N GLY A 80 -5.71 17.11 11.01
CA GLY A 80 -4.30 17.50 11.03
C GLY A 80 -3.34 16.32 10.91
N LYS A 81 -3.89 15.11 10.68
CA LYS A 81 -3.12 13.86 10.62
C LYS A 81 -2.33 13.79 9.32
N PHE A 82 -1.21 13.07 9.34
CA PHE A 82 -0.31 12.98 8.20
C PHE A 82 -0.31 11.54 7.65
N TYR A 83 -0.55 11.42 6.34
CA TYR A 83 -0.57 10.15 5.59
C TYR A 83 -0.21 10.44 4.12
N PHE A 84 -0.18 9.41 3.29
CA PHE A 84 -0.06 9.58 1.83
C PHE A 84 -0.98 8.58 1.10
N ASN A 85 -1.10 8.73 -0.23
CA ASN A 85 -1.85 7.78 -1.06
C ASN A 85 -1.19 7.64 -2.44
N LEU A 86 -1.18 6.40 -2.96
CA LEU A 86 -0.64 6.07 -4.27
C LEU A 86 -1.79 6.04 -5.31
N LYS A 87 -1.49 6.57 -6.51
CA LYS A 87 -2.44 6.79 -7.61
C LYS A 87 -2.00 6.04 -8.88
N ALA A 88 -2.95 5.79 -9.78
CA ALA A 88 -2.70 5.09 -11.06
C ALA A 88 -3.28 5.91 -12.25
N ALA A 89 -3.18 5.34 -13.46
CA ALA A 89 -3.75 5.94 -14.70
C ALA A 89 -5.29 6.04 -14.62
N ASN A 90 -5.88 5.20 -13.75
CA ASN A 90 -7.33 5.10 -13.52
C ASN A 90 -7.86 6.32 -12.75
N HIS A 91 -6.91 7.06 -12.10
CA HIS A 91 -7.19 8.11 -11.09
C HIS A 91 -7.79 7.51 -9.80
N GLN A 92 -7.68 6.17 -9.67
CA GLN A 92 -8.14 5.43 -8.49
C GLN A 92 -7.04 5.36 -7.44
N ILE A 93 -7.45 5.06 -6.20
CA ILE A 93 -6.55 4.83 -5.09
C ILE A 93 -6.09 3.34 -5.13
N ILE A 94 -4.85 3.12 -5.57
CA ILE A 94 -4.21 1.78 -5.53
C ILE A 94 -3.47 1.58 -4.20
N GLY A 95 -3.50 2.61 -3.34
CA GLY A 95 -2.93 2.55 -2.01
C GLY A 95 -3.25 3.81 -1.21
N SER A 96 -3.43 3.67 0.10
CA SER A 96 -3.70 4.78 1.03
C SER A 96 -3.28 4.36 2.45
N SER A 97 -2.40 5.16 3.04
CA SER A 97 -1.74 4.85 4.32
C SER A 97 -2.68 4.97 5.53
N GLN A 98 -2.19 4.53 6.70
CA GLN A 98 -2.88 4.73 7.98
C GLN A 98 -2.71 6.21 8.40
N MET A 99 -3.68 6.76 9.14
CA MET A 99 -3.57 8.15 9.64
C MET A 99 -2.55 8.20 10.78
N TYR A 100 -1.45 8.91 10.56
CA TYR A 100 -0.34 9.04 11.52
C TYR A 100 -0.47 10.39 12.25
N ALA A 101 -0.01 10.45 13.50
CA ALA A 101 -0.04 11.70 14.29
C ALA A 101 1.09 12.65 13.87
N THR A 102 2.24 12.08 13.43
CA THR A 102 3.45 12.84 13.10
C THR A 102 3.75 12.83 11.59
N ALA A 103 4.35 13.93 11.11
CA ALA A 103 4.65 14.18 9.68
C ALA A 103 5.81 13.29 9.18
N GLN A 104 6.67 12.85 10.10
CA GLN A 104 7.84 12.02 9.79
C GLN A 104 7.42 10.60 9.33
N SER A 105 6.30 10.10 9.89
CA SER A 105 5.85 8.72 9.67
C SER A 105 5.37 8.49 8.22
N ARG A 106 4.79 9.53 7.57
CA ARG A 106 4.30 9.41 6.19
C ARG A 106 5.47 9.41 5.18
N GLU A 107 6.49 10.25 5.41
CA GLU A 107 7.70 10.32 4.53
C GLU A 107 8.66 9.13 4.78
N THR A 108 8.66 8.61 6.01
CA THR A 108 9.32 7.33 6.35
C THR A 108 8.61 6.17 5.63
N GLY A 109 7.27 6.28 5.57
CA GLY A 109 6.43 5.33 4.83
C GLY A 109 6.66 5.40 3.32
N ILE A 110 6.88 6.62 2.79
CA ILE A 110 7.24 6.85 1.37
C ILE A 110 8.54 6.09 1.04
N ALA A 111 9.57 6.33 1.88
CA ALA A 111 10.90 5.69 1.75
C ALA A 111 10.79 4.15 1.79
N SER A 112 9.80 3.66 2.57
CA SER A 112 9.51 2.23 2.73
C SER A 112 8.79 1.67 1.47
N VAL A 113 7.94 2.50 0.82
CA VAL A 113 7.26 2.11 -0.46
C VAL A 113 8.28 2.07 -1.62
N LYS A 114 9.26 2.98 -1.55
CA LYS A 114 10.34 3.09 -2.58
C LYS A 114 11.26 1.85 -2.54
N ALA A 115 11.48 1.31 -1.32
CA ALA A 115 12.32 0.12 -1.12
C ALA A 115 11.50 -1.18 -1.37
N ASN A 116 10.32 -1.27 -0.75
CA ASN A 116 9.50 -2.51 -0.72
C ASN A 116 8.53 -2.59 -1.91
N GLY A 117 8.54 -1.56 -2.76
CA GLY A 117 7.70 -1.54 -3.96
C GLY A 117 8.17 -2.52 -5.03
N THR A 118 9.48 -2.85 -5.00
CA THR A 118 10.09 -3.83 -5.92
C THR A 118 10.02 -5.27 -5.33
N SER A 119 9.55 -5.40 -4.06
CA SER A 119 9.38 -6.71 -3.41
C SER A 119 8.27 -7.53 -4.10
N GLN A 120 8.47 -8.86 -4.19
CA GLN A 120 7.57 -9.78 -4.92
C GLN A 120 6.84 -10.72 -3.92
N THR A 121 6.99 -10.43 -2.62
CA THR A 121 6.45 -11.27 -1.53
C THR A 121 4.93 -11.03 -1.36
N VAL A 122 4.11 -11.85 -2.05
CA VAL A 122 2.64 -11.75 -2.00
C VAL A 122 2.07 -12.91 -1.13
N LYS A 123 1.48 -12.56 0.01
CA LYS A 123 0.85 -13.52 0.94
C LYS A 123 -0.68 -13.49 0.76
N ASP A 124 -1.27 -14.55 0.20
CA ASP A 124 -2.73 -14.62 -0.01
C ASP A 124 -3.44 -14.93 1.33
N ASN A 125 -3.88 -13.87 2.00
CA ASN A 125 -4.61 -13.93 3.29
C ASN A 125 -6.15 -13.89 3.05
N THR A 126 -6.56 -13.97 1.77
CA THR A 126 -7.99 -13.98 1.37
C THR A 126 -8.71 -15.24 1.93
N GLY A 127 -9.32 -15.08 3.12
CA GLY A 127 -10.04 -16.15 3.81
C GLY A 127 -9.39 -16.53 5.13
N SER A 128 -8.07 -16.26 5.25
CA SER A 128 -7.28 -16.57 6.45
C SER A 128 -7.63 -15.57 7.58
N ASN A 129 -8.65 -15.96 8.36
CA ASN A 129 -9.18 -15.17 9.49
C ASN A 129 -9.10 -16.04 10.77
N GLY A 14 19.54 -18.68 -1.09
CA GLY A 14 18.29 -18.15 -1.67
C GLY A 14 18.07 -16.69 -1.30
N VAL A 15 16.98 -16.09 -1.82
CA VAL A 15 16.63 -14.68 -1.56
C VAL A 15 15.86 -14.56 -0.24
N ILE A 16 16.12 -13.48 0.52
CA ILE A 16 15.40 -13.17 1.77
C ILE A 16 14.39 -12.02 1.52
N MET A 17 13.13 -12.24 1.90
CA MET A 17 12.02 -11.33 1.61
C MET A 17 11.93 -10.23 2.68
N ALA A 18 12.50 -9.06 2.36
CA ALA A 18 12.52 -7.88 3.24
C ALA A 18 11.33 -6.97 2.87
N GLY A 19 10.18 -7.24 3.50
CA GLY A 19 8.90 -6.62 3.13
C GLY A 19 8.08 -7.55 2.26
N TRP A 20 6.75 -7.47 2.38
CA TRP A 20 5.81 -8.34 1.67
C TRP A 20 4.42 -7.72 1.62
N PHE A 21 3.66 -8.10 0.60
CA PHE A 21 2.25 -7.73 0.45
C PHE A 21 1.38 -8.91 0.90
N GLU A 22 0.15 -8.60 1.38
CA GLU A 22 -0.84 -9.60 1.78
C GLU A 22 -2.19 -9.24 1.17
N LEU A 23 -2.68 -10.10 0.27
CA LEU A 23 -4.01 -9.98 -0.33
C LEU A 23 -5.05 -10.53 0.64
N SER A 24 -5.67 -9.61 1.37
CA SER A 24 -6.72 -9.92 2.35
C SER A 24 -8.09 -9.57 1.74
N LYS A 25 -9.16 -9.80 2.51
CA LYS A 25 -10.50 -9.31 2.17
C LYS A 25 -11.25 -8.97 3.47
N SER A 26 -12.08 -7.92 3.42
CA SER A 26 -12.81 -7.39 4.59
C SER A 26 -14.08 -8.22 4.88
N SER A 27 -14.88 -7.74 5.85
CA SER A 27 -16.20 -8.33 6.18
C SER A 27 -17.18 -8.21 4.99
N ASP A 28 -16.90 -7.24 4.10
CA ASP A 28 -17.62 -7.02 2.83
C ASP A 28 -17.32 -8.14 1.79
N ASN A 29 -16.21 -8.89 2.03
CA ASN A 29 -15.60 -9.86 1.08
C ASN A 29 -14.92 -9.16 -0.11
N GLN A 30 -14.75 -7.82 0.00
CA GLN A 30 -14.00 -7.02 -0.99
C GLN A 30 -12.50 -7.14 -0.71
N PHE A 31 -11.71 -7.28 -1.78
CA PHE A 31 -10.30 -7.66 -1.72
C PHE A 31 -9.43 -6.41 -1.60
N ARG A 32 -8.40 -6.51 -0.75
CA ARG A 32 -7.60 -5.37 -0.30
C ARG A 32 -6.17 -5.85 0.00
N PHE A 33 -5.16 -5.16 -0.53
CA PHE A 33 -3.74 -5.44 -0.22
C PHE A 33 -3.31 -4.60 0.98
N VAL A 34 -2.47 -5.19 1.83
CA VAL A 34 -1.71 -4.47 2.87
C VAL A 34 -0.22 -4.80 2.68
N LEU A 35 0.62 -3.75 2.70
CA LEU A 35 2.07 -3.87 2.55
C LEU A 35 2.68 -3.77 3.95
N LYS A 36 3.21 -4.89 4.45
CA LYS A 36 3.98 -4.90 5.69
C LYS A 36 5.48 -4.87 5.34
N ALA A 37 6.19 -3.88 5.87
CA ALA A 37 7.65 -3.74 5.68
C ALA A 37 8.41 -4.90 6.36
N GLY A 38 9.77 -4.90 6.24
CA GLY A 38 10.63 -5.87 6.95
C GLY A 38 10.48 -5.78 8.48
N ASN A 39 9.98 -4.61 8.94
CA ASN A 39 9.64 -4.31 10.35
C ASN A 39 8.44 -5.15 10.84
N GLY A 40 7.59 -5.61 9.90
CA GLY A 40 6.33 -6.31 10.20
C GLY A 40 5.15 -5.36 10.33
N GLU A 41 5.44 -4.05 10.22
CA GLU A 41 4.46 -2.96 10.34
C GLU A 41 3.83 -2.67 8.98
N THR A 42 2.49 -2.54 8.93
CA THR A 42 1.79 -2.13 7.72
C THR A 42 2.07 -0.63 7.44
N ILE A 43 2.64 -0.36 6.27
CA ILE A 43 3.09 0.98 5.83
C ILE A 43 2.17 1.53 4.71
N LEU A 44 1.52 0.61 3.99
CA LEU A 44 0.67 0.90 2.84
C LEU A 44 -0.56 -0.03 2.89
N THR A 45 -1.68 0.43 2.36
CA THR A 45 -2.94 -0.31 2.33
C THR A 45 -3.75 0.12 1.09
N SER A 46 -3.88 -0.79 0.11
CA SER A 46 -4.71 -0.57 -1.10
C SER A 46 -6.20 -0.40 -0.73
N GLU A 47 -7.00 0.10 -1.68
CA GLU A 47 -8.44 0.33 -1.45
C GLU A 47 -9.24 -0.99 -1.47
N LEU A 48 -10.56 -0.89 -1.27
CA LEU A 48 -11.47 -2.03 -1.34
C LEU A 48 -11.90 -2.25 -2.80
N TYR A 49 -11.49 -3.39 -3.36
CA TYR A 49 -11.77 -3.77 -4.76
C TYR A 49 -12.85 -4.85 -4.79
N THR A 50 -13.75 -4.79 -5.79
CA THR A 50 -14.85 -5.77 -5.96
C THR A 50 -14.30 -7.18 -6.29
N SER A 51 -13.11 -7.22 -6.90
CA SER A 51 -12.42 -8.45 -7.29
C SER A 51 -10.92 -8.33 -7.00
N LYS A 52 -10.27 -9.47 -6.69
CA LYS A 52 -8.81 -9.51 -6.40
C LYS A 52 -7.99 -9.05 -7.60
N THR A 53 -8.57 -9.25 -8.81
CA THR A 53 -7.97 -8.89 -10.10
C THR A 53 -7.44 -7.44 -10.13
N SER A 54 -8.28 -6.50 -9.65
CA SER A 54 -7.95 -5.06 -9.61
C SER A 54 -6.90 -4.74 -8.54
N ALA A 55 -6.86 -5.59 -7.50
CA ALA A 55 -5.85 -5.52 -6.43
C ALA A 55 -4.49 -6.04 -6.94
N GLU A 56 -4.53 -7.07 -7.81
CA GLU A 56 -3.34 -7.65 -8.47
C GLU A 56 -2.75 -6.66 -9.48
N LYS A 57 -3.65 -5.95 -10.18
CA LYS A 57 -3.27 -4.82 -11.04
C LYS A 57 -2.72 -3.67 -10.19
N GLY A 58 -3.27 -3.54 -8.96
CA GLY A 58 -2.85 -2.55 -7.99
C GLY A 58 -1.40 -2.71 -7.57
N ILE A 59 -0.99 -3.95 -7.19
CA ILE A 59 0.41 -4.24 -6.81
C ILE A 59 1.35 -4.17 -8.05
N ALA A 60 0.85 -4.63 -9.22
CA ALA A 60 1.59 -4.55 -10.49
C ALA A 60 1.95 -3.09 -10.82
N SER A 61 0.98 -2.18 -10.53
CA SER A 61 1.12 -0.75 -10.75
C SER A 61 2.06 -0.09 -9.72
N VAL A 62 1.94 -0.44 -8.39
CA VAL A 62 2.82 0.14 -7.34
C VAL A 62 4.28 -0.31 -7.55
N ARG A 63 4.44 -1.51 -8.14
CA ARG A 63 5.76 -2.07 -8.49
C ARG A 63 6.40 -1.25 -9.63
N SER A 64 5.56 -0.82 -10.58
CA SER A 64 5.97 0.03 -11.71
C SER A 64 6.12 1.51 -11.29
N ASN A 65 5.40 1.89 -10.20
CA ASN A 65 5.38 3.27 -9.67
C ASN A 65 6.22 3.38 -8.38
N SER A 66 7.04 2.34 -8.10
CA SER A 66 8.02 2.37 -6.98
C SER A 66 9.00 3.59 -7.07
N PRO A 67 9.60 3.94 -8.27
CA PRO A 67 10.44 5.15 -8.41
C PRO A 67 9.64 6.43 -8.77
N GLN A 68 8.37 6.28 -9.20
CA GLN A 68 7.57 7.39 -9.76
C GLN A 68 7.04 8.31 -8.65
N GLU A 69 7.83 9.37 -8.36
CA GLU A 69 7.61 10.32 -7.24
C GLU A 69 6.27 11.08 -7.37
N GLU A 70 5.85 11.35 -8.63
CA GLU A 70 4.61 12.09 -8.93
C GLU A 70 3.36 11.28 -8.54
N ARG A 71 3.51 9.95 -8.53
CA ARG A 71 2.44 9.02 -8.14
C ARG A 71 2.29 8.99 -6.61
N TYR A 72 3.39 9.30 -5.88
CA TYR A 72 3.35 9.49 -4.42
C TYR A 72 2.88 10.92 -4.12
N GLU A 73 1.58 11.09 -3.83
CA GLU A 73 0.99 12.40 -3.48
C GLU A 73 0.60 12.42 -1.99
N LYS A 74 0.72 13.60 -1.37
CA LYS A 74 0.38 13.85 0.04
C LYS A 74 -1.11 14.21 0.15
N LYS A 75 -1.74 13.86 1.28
CA LYS A 75 -3.17 14.12 1.52
C LYS A 75 -3.44 14.17 3.03
N THR A 76 -4.11 15.25 3.49
CA THR A 76 -4.44 15.45 4.91
C THR A 76 -5.82 14.86 5.21
N ALA A 77 -5.87 13.90 6.15
CA ALA A 77 -7.12 13.29 6.66
C ALA A 77 -8.06 14.34 7.28
N SER A 78 -9.35 13.98 7.40
CA SER A 78 -10.36 14.83 8.07
C SER A 78 -10.14 14.86 9.60
N ASN A 79 -9.24 13.96 10.10
CA ASN A 79 -8.72 14.00 11.49
C ASN A 79 -7.73 15.18 11.67
N GLY A 80 -7.34 15.83 10.55
CA GLY A 80 -6.33 16.90 10.56
C GLY A 80 -4.90 16.36 10.42
N LYS A 81 -4.77 15.02 10.45
CA LYS A 81 -3.47 14.33 10.44
C LYS A 81 -3.05 14.00 9.01
N PHE A 82 -1.75 13.77 8.80
CA PHE A 82 -1.13 13.73 7.47
C PHE A 82 -0.80 12.30 7.06
N TYR A 83 -1.24 11.89 5.86
CA TYR A 83 -0.90 10.60 5.24
C TYR A 83 -0.65 10.84 3.74
N PHE A 84 -0.28 9.80 3.00
CA PHE A 84 -0.09 9.90 1.54
C PHE A 84 -0.97 8.87 0.83
N ASN A 85 -1.03 8.97 -0.50
CA ASN A 85 -1.81 8.10 -1.35
C ASN A 85 -1.08 7.96 -2.71
N LEU A 86 -0.77 6.70 -3.05
CA LEU A 86 -0.11 6.36 -4.31
C LEU A 86 -1.20 6.26 -5.39
N LYS A 87 -1.34 7.36 -6.15
CA LYS A 87 -2.33 7.51 -7.22
C LYS A 87 -1.77 6.90 -8.51
N ALA A 88 -2.67 6.30 -9.33
CA ALA A 88 -2.31 5.70 -10.63
C ALA A 88 -2.90 6.52 -11.79
N ALA A 89 -2.48 6.17 -13.02
CA ALA A 89 -3.02 6.73 -14.27
C ALA A 89 -4.48 6.25 -14.53
N ASN A 90 -4.94 5.29 -13.71
CA ASN A 90 -6.30 4.73 -13.79
C ASN A 90 -7.31 5.53 -12.93
N HIS A 91 -6.85 6.68 -12.36
CA HIS A 91 -7.62 7.56 -11.45
C HIS A 91 -7.87 6.91 -10.07
N GLN A 92 -7.41 5.66 -9.89
CA GLN A 92 -7.61 4.89 -8.65
C GLN A 92 -6.34 4.96 -7.79
N ILE A 93 -6.51 4.87 -6.47
CA ILE A 93 -5.39 4.78 -5.55
C ILE A 93 -5.01 3.30 -5.40
N ILE A 94 -3.87 2.95 -5.96
CA ILE A 94 -3.34 1.58 -5.99
C ILE A 94 -2.68 1.19 -4.64
N GLY A 95 -2.57 2.17 -3.73
CA GLY A 95 -2.09 1.94 -2.37
C GLY A 95 -2.03 3.23 -1.58
N SER A 96 -2.88 3.36 -0.54
CA SER A 96 -2.93 4.57 0.32
C SER A 96 -2.43 4.23 1.72
N SER A 97 -1.85 5.21 2.42
CA SER A 97 -1.53 5.06 3.84
C SER A 97 -2.78 5.30 4.69
N GLN A 98 -2.72 4.92 5.98
CA GLN A 98 -3.84 5.07 6.91
C GLN A 98 -3.93 6.54 7.38
N MET A 99 -3.04 6.92 8.34
CA MET A 99 -3.02 8.25 8.97
C MET A 99 -1.80 8.33 9.91
N TYR A 100 -0.92 9.31 9.68
CA TYR A 100 0.20 9.60 10.59
C TYR A 100 -0.14 10.85 11.42
N ALA A 101 -0.27 10.68 12.74
CA ALA A 101 -0.50 11.80 13.68
C ALA A 101 0.74 12.73 13.70
N THR A 102 1.93 12.12 13.67
CA THR A 102 3.21 12.83 13.53
C THR A 102 3.56 12.96 12.03
N ALA A 103 3.69 14.21 11.58
CA ALA A 103 3.84 14.55 10.14
C ALA A 103 5.17 14.06 9.54
N GLN A 104 6.19 13.88 10.39
CA GLN A 104 7.53 13.37 9.97
C GLN A 104 7.46 11.92 9.47
N SER A 105 6.49 11.15 10.01
CA SER A 105 6.29 9.73 9.66
C SER A 105 5.70 9.57 8.24
N ARG A 106 5.06 10.66 7.73
CA ARG A 106 4.51 10.72 6.35
C ARG A 106 5.68 10.67 5.33
N GLU A 107 6.76 11.40 5.65
CA GLU A 107 8.02 11.40 4.89
C GLU A 107 8.66 10.00 4.87
N THR A 108 8.73 9.38 6.06
CA THR A 108 9.24 8.02 6.25
C THR A 108 8.40 7.00 5.46
N GLY A 109 7.08 7.24 5.40
CA GLY A 109 6.14 6.37 4.69
C GLY A 109 6.41 6.29 3.19
N ILE A 110 6.72 7.46 2.57
CA ILE A 110 7.10 7.54 1.14
C ILE A 110 8.35 6.66 0.87
N ALA A 111 9.35 6.81 1.75
CA ALA A 111 10.65 6.10 1.68
C ALA A 111 10.47 4.59 1.94
N SER A 112 9.49 4.24 2.80
CA SER A 112 9.23 2.86 3.21
C SER A 112 8.55 2.09 2.06
N VAL A 113 7.59 2.75 1.38
CA VAL A 113 6.86 2.15 0.23
C VAL A 113 7.77 2.15 -1.03
N LYS A 114 8.72 3.10 -1.09
CA LYS A 114 9.79 3.10 -2.11
C LYS A 114 10.69 1.85 -1.93
N ALA A 115 10.97 1.50 -0.65
CA ALA A 115 11.85 0.39 -0.27
C ALA A 115 11.15 -0.98 -0.43
N ASN A 116 9.91 -1.08 0.07
CA ASN A 116 9.17 -2.36 0.18
C ASN A 116 8.13 -2.53 -0.94
N GLY A 117 7.99 -1.51 -1.80
CA GLY A 117 7.16 -1.61 -3.01
C GLY A 117 7.84 -2.41 -4.11
N THR A 118 9.13 -2.74 -3.89
CA THR A 118 9.93 -3.61 -4.76
C THR A 118 9.63 -5.10 -4.51
N SER A 119 8.93 -5.39 -3.40
CA SER A 119 8.58 -6.76 -2.97
C SER A 119 7.53 -7.38 -3.93
N GLN A 120 7.90 -8.48 -4.59
CA GLN A 120 6.99 -9.25 -5.47
C GLN A 120 6.14 -10.24 -4.63
N THR A 121 6.60 -10.51 -3.39
CA THR A 121 5.99 -11.51 -2.49
C THR A 121 4.52 -11.16 -2.12
N VAL A 122 3.58 -11.72 -2.93
CA VAL A 122 2.14 -11.68 -2.66
C VAL A 122 1.78 -12.91 -1.80
N LYS A 123 1.61 -12.67 -0.49
CA LYS A 123 1.04 -13.67 0.42
C LYS A 123 -0.48 -13.51 0.41
N ASP A 124 -1.22 -14.62 0.51
CA ASP A 124 -2.68 -14.60 0.48
C ASP A 124 -3.27 -14.79 1.88
N ASN A 125 -4.31 -14.02 2.17
CA ASN A 125 -5.02 -14.02 3.45
C ASN A 125 -6.55 -14.14 3.21
N THR A 126 -6.98 -14.16 1.91
CA THR A 126 -8.41 -14.29 1.57
C THR A 126 -8.90 -15.71 1.91
N GLY A 127 -10.05 -15.80 2.60
CA GLY A 127 -10.63 -17.08 3.01
C GLY A 127 -9.99 -17.65 4.28
N SER A 128 -9.23 -16.80 5.02
CA SER A 128 -8.60 -17.19 6.30
C SER A 128 -9.71 -17.43 7.35
N ASN A 129 -9.62 -18.55 8.07
CA ASN A 129 -10.67 -18.99 9.02
C ASN A 129 -10.78 -18.01 10.23
N GLY A 14 24.31 -5.23 -0.71
CA GLY A 14 23.25 -4.45 -0.02
C GLY A 14 22.30 -5.35 0.75
N VAL A 15 21.60 -4.76 1.74
CA VAL A 15 20.60 -5.49 2.56
C VAL A 15 19.33 -5.77 1.74
N ILE A 16 18.60 -6.83 2.12
CA ILE A 16 17.35 -7.23 1.44
C ILE A 16 16.17 -6.34 1.90
N MET A 17 15.12 -6.26 1.07
CA MET A 17 13.92 -5.46 1.37
C MET A 17 13.07 -6.20 2.41
N ALA A 18 13.21 -5.77 3.68
CA ALA A 18 12.50 -6.37 4.82
C ALA A 18 11.05 -5.90 4.84
N GLY A 19 10.14 -6.73 4.29
CA GLY A 19 8.72 -6.43 4.21
C GLY A 19 8.00 -7.31 3.22
N TRP A 20 6.66 -7.26 3.26
CA TRP A 20 5.80 -8.15 2.51
C TRP A 20 4.42 -7.51 2.24
N PHE A 21 3.65 -8.16 1.37
CA PHE A 21 2.25 -7.84 1.07
C PHE A 21 1.36 -8.96 1.63
N GLU A 22 0.13 -8.63 2.05
CA GLU A 22 -0.89 -9.61 2.44
C GLU A 22 -2.22 -9.22 1.78
N LEU A 23 -2.66 -10.04 0.81
CA LEU A 23 -3.92 -9.82 0.09
C LEU A 23 -5.10 -10.38 0.91
N SER A 24 -5.78 -9.48 1.60
CA SER A 24 -6.93 -9.77 2.45
C SER A 24 -8.24 -9.61 1.66
N LYS A 25 -9.38 -9.89 2.31
CA LYS A 25 -10.72 -9.64 1.75
C LYS A 25 -11.57 -8.87 2.77
N SER A 26 -12.67 -8.28 2.30
CA SER A 26 -13.58 -7.46 3.12
C SER A 26 -15.01 -8.04 3.10
N SER A 27 -15.99 -7.27 3.63
CA SER A 27 -17.36 -7.75 3.88
C SER A 27 -18.10 -8.16 2.58
N ASP A 28 -17.76 -7.50 1.46
CA ASP A 28 -18.34 -7.80 0.12
C ASP A 28 -17.52 -8.88 -0.61
N ASN A 29 -16.61 -9.55 0.14
CA ASN A 29 -15.63 -10.56 -0.39
C ASN A 29 -14.65 -9.88 -1.39
N GLN A 30 -14.52 -8.54 -1.28
CA GLN A 30 -13.68 -7.72 -2.14
C GLN A 30 -12.26 -7.65 -1.58
N PHE A 31 -11.29 -7.69 -2.49
CA PHE A 31 -9.88 -7.93 -2.20
C PHE A 31 -9.15 -6.60 -1.95
N ARG A 32 -8.40 -6.58 -0.86
CA ARG A 32 -7.70 -5.40 -0.36
C ARG A 32 -6.27 -5.81 0.03
N PHE A 33 -5.26 -5.08 -0.49
CA PHE A 33 -3.84 -5.33 -0.16
C PHE A 33 -3.46 -4.47 1.05
N VAL A 34 -2.75 -5.08 2.01
CA VAL A 34 -2.04 -4.34 3.07
C VAL A 34 -0.53 -4.57 2.85
N LEU A 35 0.24 -3.47 2.88
CA LEU A 35 1.70 -3.49 2.70
C LEU A 35 2.33 -3.28 4.07
N LYS A 36 3.05 -4.28 4.56
CA LYS A 36 3.71 -4.25 5.87
C LYS A 36 5.23 -4.26 5.69
N ALA A 37 5.94 -3.45 6.49
CA ALA A 37 7.40 -3.49 6.58
C ALA A 37 7.83 -4.64 7.51
N GLY A 38 9.16 -4.88 7.60
CA GLY A 38 9.73 -5.92 8.45
C GLY A 38 9.59 -5.62 9.94
N ASN A 39 9.26 -4.36 10.24
CA ASN A 39 8.94 -3.87 11.61
C ASN A 39 7.59 -4.42 12.09
N GLY A 40 6.81 -5.01 11.17
CA GLY A 40 5.50 -5.58 11.47
C GLY A 40 4.37 -4.57 11.33
N GLU A 41 4.71 -3.32 10.95
CA GLU A 41 3.74 -2.22 10.80
C GLU A 41 3.30 -2.07 9.33
N THR A 42 2.02 -1.77 9.14
CA THR A 42 1.45 -1.49 7.81
C THR A 42 1.79 -0.05 7.40
N ILE A 43 2.51 0.09 6.28
CA ILE A 43 2.98 1.39 5.74
C ILE A 43 1.96 1.97 4.74
N LEU A 44 1.25 1.08 4.03
CA LEU A 44 0.29 1.44 2.98
C LEU A 44 -0.85 0.40 2.96
N THR A 45 -2.05 0.81 2.55
CA THR A 45 -3.20 -0.08 2.39
C THR A 45 -3.93 0.24 1.07
N SER A 46 -3.84 -0.66 0.09
CA SER A 46 -4.59 -0.56 -1.18
C SER A 46 -6.09 -0.72 -0.92
N GLU A 47 -6.94 -0.14 -1.79
CA GLU A 47 -8.41 -0.20 -1.65
C GLU A 47 -8.99 -1.51 -2.22
N LEU A 48 -10.33 -1.55 -2.37
CA LEU A 48 -11.07 -2.76 -2.77
C LEU A 48 -10.95 -3.02 -4.28
N TYR A 49 -10.91 -4.31 -4.61
CA TYR A 49 -10.86 -4.84 -5.98
C TYR A 49 -11.88 -5.98 -6.07
N THR A 50 -12.70 -6.00 -7.13
CA THR A 50 -13.72 -7.05 -7.35
C THR A 50 -13.05 -8.43 -7.49
N SER A 51 -11.88 -8.45 -8.14
CA SER A 51 -11.07 -9.66 -8.34
C SER A 51 -9.64 -9.43 -7.84
N LYS A 52 -9.01 -10.52 -7.39
CA LYS A 52 -7.60 -10.53 -6.96
C LYS A 52 -6.64 -10.29 -8.14
N THR A 53 -7.12 -10.62 -9.36
CA THR A 53 -6.42 -10.27 -10.61
C THR A 53 -6.32 -8.74 -10.80
N SER A 54 -7.37 -8.00 -10.36
CA SER A 54 -7.37 -6.51 -10.34
C SER A 54 -6.39 -6.01 -9.26
N ALA A 55 -6.31 -6.76 -8.14
CA ALA A 55 -5.38 -6.46 -7.03
C ALA A 55 -3.92 -6.71 -7.48
N GLU A 56 -3.73 -7.66 -8.42
CA GLU A 56 -2.42 -7.94 -9.03
C GLU A 56 -1.97 -6.75 -9.90
N LYS A 57 -2.94 -6.10 -10.55
CA LYS A 57 -2.71 -4.85 -11.30
C LYS A 57 -2.34 -3.72 -10.32
N GLY A 58 -2.97 -3.74 -9.13
CA GLY A 58 -2.74 -2.75 -8.06
C GLY A 58 -1.30 -2.78 -7.52
N ILE A 59 -0.80 -3.99 -7.18
CA ILE A 59 0.59 -4.16 -6.68
C ILE A 59 1.62 -3.86 -7.80
N ALA A 60 1.26 -4.20 -9.05
CA ALA A 60 2.09 -3.89 -10.23
C ALA A 60 2.21 -2.36 -10.44
N SER A 61 1.09 -1.66 -10.17
CA SER A 61 1.00 -0.19 -10.34
C SER A 61 1.76 0.56 -9.22
N VAL A 62 1.69 0.08 -7.94
CA VAL A 62 2.39 0.75 -6.82
C VAL A 62 3.93 0.62 -6.98
N ARG A 63 4.35 -0.53 -7.56
CA ARG A 63 5.76 -0.83 -7.85
C ARG A 63 6.24 0.01 -9.06
N SER A 64 5.32 0.23 -10.01
CA SER A 64 5.56 1.05 -11.21
C SER A 64 5.51 2.56 -10.83
N ASN A 65 4.84 2.89 -9.71
CA ASN A 65 4.74 4.27 -9.17
C ASN A 65 5.83 4.52 -8.11
N SER A 66 6.76 3.57 -7.95
CA SER A 66 7.96 3.76 -7.11
C SER A 66 8.91 4.85 -7.73
N PRO A 67 9.25 4.81 -9.09
CA PRO A 67 9.93 5.96 -9.76
C PRO A 67 9.00 7.19 -9.91
N GLN A 68 7.68 6.94 -9.96
CA GLN A 68 6.64 7.99 -10.09
C GLN A 68 6.16 8.40 -8.68
N GLU A 69 7.13 8.63 -7.77
CA GLU A 69 6.86 8.89 -6.33
C GLU A 69 6.14 10.24 -6.07
N GLU A 70 6.09 11.09 -7.10
CA GLU A 70 5.37 12.37 -7.06
C GLU A 70 3.84 12.14 -7.15
N ARG A 71 3.44 11.00 -7.75
CA ARG A 71 2.01 10.63 -7.97
C ARG A 71 1.29 10.26 -6.64
N TYR A 72 2.07 9.98 -5.58
CA TYR A 72 1.52 9.86 -4.22
C TYR A 72 0.95 11.23 -3.81
N GLU A 73 -0.34 11.27 -3.46
CA GLU A 73 -1.05 12.54 -3.21
C GLU A 73 -1.01 12.83 -1.71
N LYS A 74 -0.25 13.88 -1.33
CA LYS A 74 -0.06 14.28 0.07
C LYS A 74 -1.40 14.78 0.66
N LYS A 75 -1.99 13.90 1.48
CA LYS A 75 -3.25 14.16 2.19
C LYS A 75 -2.93 14.66 3.62
N THR A 76 -3.77 15.58 4.11
CA THR A 76 -3.71 16.04 5.50
C THR A 76 -5.11 15.90 6.11
N ALA A 77 -5.20 15.04 7.12
CA ALA A 77 -6.44 14.82 7.88
C ALA A 77 -6.72 15.99 8.85
N SER A 78 -8.00 16.18 9.21
CA SER A 78 -8.42 17.20 10.20
C SER A 78 -7.94 16.82 11.62
N ASN A 79 -7.48 15.55 11.77
CA ASN A 79 -6.82 15.05 12.98
C ASN A 79 -5.35 15.53 13.09
N GLY A 80 -4.92 16.39 12.13
CA GLY A 80 -3.57 16.93 12.11
C GLY A 80 -2.52 15.90 11.70
N LYS A 81 -2.97 14.80 11.07
CA LYS A 81 -2.12 13.67 10.67
C LYS A 81 -1.89 13.70 9.16
N PHE A 82 -0.61 13.67 8.76
CA PHE A 82 -0.22 13.55 7.34
C PHE A 82 -0.31 12.07 6.93
N TYR A 83 -0.84 11.82 5.75
CA TYR A 83 -0.82 10.50 5.09
C TYR A 83 -0.84 10.75 3.58
N PHE A 84 -0.75 9.70 2.79
CA PHE A 84 -0.77 9.82 1.32
C PHE A 84 -1.64 8.74 0.69
N ASN A 85 -2.38 9.12 -0.34
CA ASN A 85 -3.14 8.19 -1.18
C ASN A 85 -2.48 8.15 -2.56
N LEU A 86 -1.92 6.98 -2.92
CA LEU A 86 -1.31 6.76 -4.23
C LEU A 86 -2.41 6.47 -5.26
N LYS A 87 -2.43 7.26 -6.34
CA LYS A 87 -3.51 7.26 -7.33
C LYS A 87 -3.02 6.65 -8.65
N ALA A 88 -3.88 5.83 -9.28
CA ALA A 88 -3.61 5.24 -10.60
C ALA A 88 -4.25 6.09 -11.72
N ALA A 89 -3.76 5.88 -12.96
CA ALA A 89 -4.29 6.54 -14.18
C ALA A 89 -5.77 6.18 -14.42
N ASN A 90 -6.16 4.98 -13.96
CA ASN A 90 -7.53 4.43 -14.07
C ASN A 90 -8.47 4.97 -12.98
N HIS A 91 -8.03 6.04 -12.26
CA HIS A 91 -8.79 6.69 -11.16
C HIS A 91 -8.96 5.74 -9.95
N GLN A 92 -8.19 4.65 -9.92
CA GLN A 92 -8.22 3.65 -8.85
C GLN A 92 -7.23 4.05 -7.76
N ILE A 93 -7.68 4.09 -6.49
CA ILE A 93 -6.78 4.33 -5.36
C ILE A 93 -6.04 3.00 -5.07
N ILE A 94 -4.81 2.91 -5.63
CA ILE A 94 -3.95 1.70 -5.53
C ILE A 94 -3.17 1.68 -4.20
N GLY A 95 -3.26 2.78 -3.44
CA GLY A 95 -2.69 2.85 -2.12
C GLY A 95 -3.27 3.99 -1.31
N SER A 96 -3.42 3.79 -0.01
CA SER A 96 -3.90 4.82 0.94
C SER A 96 -3.38 4.46 2.34
N SER A 97 -2.56 5.34 2.92
CA SER A 97 -1.93 5.11 4.22
C SER A 97 -2.90 5.43 5.38
N GLN A 98 -2.56 4.95 6.59
CA GLN A 98 -3.42 5.12 7.78
C GLN A 98 -3.33 6.57 8.29
N MET A 99 -2.31 6.86 9.13
CA MET A 99 -2.06 8.19 9.70
C MET A 99 -0.64 8.26 10.26
N TYR A 100 0.09 9.30 9.87
CA TYR A 100 1.43 9.60 10.42
C TYR A 100 1.34 10.77 11.42
N ALA A 101 1.95 10.59 12.60
CA ALA A 101 1.96 11.60 13.68
C ALA A 101 2.68 12.89 13.24
N THR A 102 3.68 12.74 12.36
CA THR A 102 4.50 13.85 11.84
C THR A 102 4.80 13.67 10.34
N ALA A 103 5.28 14.76 9.70
CA ALA A 103 5.59 14.81 8.25
C ALA A 103 6.81 13.94 7.88
N GLN A 104 7.74 13.81 8.85
CA GLN A 104 8.95 12.95 8.71
C GLN A 104 8.57 11.48 8.49
N SER A 105 7.50 11.04 9.19
CA SER A 105 7.00 9.66 9.14
C SER A 105 6.26 9.39 7.81
N ARG A 106 5.64 10.46 7.27
CA ARG A 106 5.01 10.45 5.93
C ARG A 106 6.07 10.28 4.84
N GLU A 107 7.24 10.95 5.03
CA GLU A 107 8.41 10.85 4.13
C GLU A 107 9.06 9.46 4.25
N THR A 108 9.07 8.91 5.48
CA THR A 108 9.50 7.53 5.75
C THR A 108 8.57 6.54 5.02
N GLY A 109 7.27 6.89 5.01
CA GLY A 109 6.24 6.11 4.33
C GLY A 109 6.48 5.99 2.84
N ILE A 110 6.75 7.14 2.19
CA ILE A 110 7.08 7.20 0.74
C ILE A 110 8.28 6.28 0.43
N ALA A 111 9.34 6.45 1.25
CA ALA A 111 10.59 5.69 1.15
C ALA A 111 10.35 4.18 1.32
N SER A 112 9.46 3.85 2.25
CA SER A 112 9.16 2.47 2.64
C SER A 112 8.29 1.78 1.57
N VAL A 113 7.36 2.50 0.94
CA VAL A 113 6.50 1.94 -0.13
C VAL A 113 7.32 1.67 -1.41
N LYS A 114 8.34 2.52 -1.65
CA LYS A 114 9.29 2.32 -2.76
C LYS A 114 10.18 1.07 -2.51
N ALA A 115 10.66 0.94 -1.26
CA ALA A 115 11.57 -0.15 -0.85
C ALA A 115 10.84 -1.51 -0.80
N ASN A 116 9.67 -1.51 -0.16
CA ASN A 116 8.87 -2.73 0.08
C ASN A 116 7.90 -3.01 -1.08
N GLY A 117 7.76 -2.03 -2.00
CA GLY A 117 6.90 -2.18 -3.18
C GLY A 117 7.42 -3.22 -4.17
N THR A 118 8.76 -3.27 -4.31
CA THR A 118 9.46 -4.22 -5.21
C THR A 118 9.51 -5.66 -4.61
N SER A 119 9.14 -5.79 -3.32
CA SER A 119 9.15 -7.09 -2.62
C SER A 119 8.03 -8.01 -3.18
N GLN A 120 8.43 -9.00 -3.98
CA GLN A 120 7.51 -9.97 -4.60
C GLN A 120 7.28 -11.13 -3.61
N THR A 121 6.52 -10.81 -2.56
CA THR A 121 6.13 -11.74 -1.51
C THR A 121 4.70 -11.40 -1.03
N VAL A 122 3.71 -12.07 -1.63
CA VAL A 122 2.27 -11.84 -1.37
C VAL A 122 1.67 -13.03 -0.59
N LYS A 123 1.07 -12.74 0.57
CA LYS A 123 0.35 -13.72 1.37
C LYS A 123 -1.16 -13.52 1.12
N ASP A 124 -1.68 -14.24 0.11
CA ASP A 124 -3.12 -14.21 -0.23
C ASP A 124 -3.90 -14.97 0.87
N ASN A 125 -4.44 -14.18 1.82
CA ASN A 125 -5.10 -14.69 3.04
C ASN A 125 -6.57 -15.04 2.81
N THR A 126 -7.07 -14.79 1.60
CA THR A 126 -8.49 -15.01 1.24
C THR A 126 -8.82 -16.52 1.19
N GLY A 127 -10.09 -16.86 1.43
CA GLY A 127 -10.53 -18.26 1.51
C GLY A 127 -10.75 -18.71 2.95
N SER A 128 -10.15 -17.98 3.92
CA SER A 128 -10.30 -18.27 5.36
C SER A 128 -11.65 -17.75 5.87
N ASN A 129 -12.43 -18.64 6.52
CA ASN A 129 -13.78 -18.33 7.02
C ASN A 129 -13.70 -18.15 8.56
N GLY A 14 18.00 -19.50 1.37
CA GLY A 14 16.86 -18.55 1.29
C GLY A 14 17.25 -17.14 1.71
N VAL A 15 16.45 -16.15 1.27
CA VAL A 15 16.66 -14.72 1.62
C VAL A 15 15.50 -14.25 2.51
N ILE A 16 15.73 -13.19 3.30
CA ILE A 16 14.69 -12.53 4.10
C ILE A 16 13.95 -11.50 3.23
N MET A 17 12.62 -11.43 3.40
CA MET A 17 11.76 -10.49 2.64
C MET A 17 11.67 -9.17 3.40
N ALA A 18 12.37 -8.16 2.85
CA ALA A 18 12.36 -6.78 3.38
C ALA A 18 11.03 -6.11 2.98
N GLY A 19 9.99 -6.40 3.77
CA GLY A 19 8.61 -6.00 3.46
C GLY A 19 7.88 -7.06 2.67
N TRP A 20 6.54 -7.06 2.79
CA TRP A 20 5.67 -8.03 2.13
C TRP A 20 4.24 -7.47 2.03
N PHE A 21 3.53 -7.89 0.99
CA PHE A 21 2.10 -7.59 0.81
C PHE A 21 1.26 -8.68 1.46
N GLU A 22 0.01 -8.36 1.79
CA GLU A 22 -0.97 -9.30 2.38
C GLU A 22 -2.33 -9.13 1.70
N LEU A 23 -2.74 -10.13 0.91
CA LEU A 23 -4.00 -10.11 0.16
C LEU A 23 -5.10 -10.81 0.98
N SER A 24 -5.95 -9.99 1.60
CA SER A 24 -7.07 -10.45 2.44
C SER A 24 -8.41 -10.22 1.73
N LYS A 25 -9.49 -10.71 2.36
CA LYS A 25 -10.87 -10.51 1.89
C LYS A 25 -11.67 -9.72 2.94
N SER A 26 -12.68 -8.96 2.48
CA SER A 26 -13.54 -8.13 3.34
C SER A 26 -14.76 -8.93 3.86
N SER A 27 -15.63 -8.24 4.62
CA SER A 27 -16.91 -8.80 5.12
C SER A 27 -17.84 -9.19 3.95
N ASP A 28 -17.78 -8.41 2.86
CA ASP A 28 -18.53 -8.66 1.61
C ASP A 28 -17.64 -9.39 0.56
N ASN A 29 -16.46 -9.86 1.03
CA ASN A 29 -15.49 -10.69 0.25
C ASN A 29 -14.79 -9.87 -0.88
N GLN A 30 -14.55 -8.57 -0.64
CA GLN A 30 -13.71 -7.74 -1.53
C GLN A 30 -12.22 -7.98 -1.23
N PHE A 31 -11.42 -8.06 -2.29
CA PHE A 31 -10.01 -8.41 -2.24
C PHE A 31 -9.17 -7.13 -2.07
N ARG A 32 -8.45 -7.04 -0.94
CA ARG A 32 -7.63 -5.89 -0.58
C ARG A 32 -6.24 -6.37 -0.19
N PHE A 33 -5.22 -5.92 -0.92
CA PHE A 33 -3.82 -6.15 -0.55
C PHE A 33 -3.31 -4.92 0.22
N VAL A 34 -2.68 -5.17 1.37
CA VAL A 34 -1.96 -4.14 2.13
C VAL A 34 -0.47 -4.40 1.96
N LEU A 35 0.35 -3.46 2.42
CA LEU A 35 1.81 -3.57 2.42
C LEU A 35 2.27 -3.31 3.86
N LYS A 36 3.03 -4.25 4.42
CA LYS A 36 3.72 -4.08 5.69
C LYS A 36 5.22 -4.05 5.46
N ALA A 37 5.90 -3.14 6.17
CA ALA A 37 7.37 -3.03 6.14
C ALA A 37 8.04 -4.25 6.79
N GLY A 38 9.39 -4.28 6.79
CA GLY A 38 10.16 -5.30 7.51
C GLY A 38 9.92 -5.28 9.03
N ASN A 39 9.43 -4.13 9.54
CA ASN A 39 9.01 -3.97 10.95
C ASN A 39 7.74 -4.81 11.27
N GLY A 40 6.95 -5.11 10.23
CA GLY A 40 5.68 -5.82 10.40
C GLY A 40 4.50 -4.88 10.64
N GLU A 41 4.70 -3.59 10.34
CA GLU A 41 3.65 -2.56 10.46
C GLU A 41 3.14 -2.13 9.07
N THR A 42 1.82 -1.90 8.96
CA THR A 42 1.20 -1.47 7.70
C THR A 42 1.64 -0.05 7.33
N ILE A 43 2.23 0.07 6.13
CA ILE A 43 2.74 1.33 5.57
C ILE A 43 1.86 1.79 4.39
N LEU A 44 1.08 0.85 3.84
CA LEU A 44 0.25 1.08 2.64
C LEU A 44 -0.97 0.16 2.71
N THR A 45 -2.11 0.64 2.20
CA THR A 45 -3.38 -0.12 2.15
C THR A 45 -4.14 0.28 0.87
N SER A 46 -4.39 -0.70 -0.01
CA SER A 46 -5.09 -0.45 -1.29
C SER A 46 -6.62 -0.43 -1.09
N GLU A 47 -7.34 -0.16 -2.19
CA GLU A 47 -8.81 -0.15 -2.26
C GLU A 47 -9.38 -1.58 -2.21
N LEU A 48 -10.71 -1.64 -2.16
CA LEU A 48 -11.47 -2.90 -2.19
C LEU A 48 -11.83 -3.24 -3.66
N TYR A 49 -11.27 -4.35 -4.15
CA TYR A 49 -11.50 -4.85 -5.53
C TYR A 49 -12.54 -6.00 -5.48
N THR A 50 -13.36 -6.13 -6.52
CA THR A 50 -14.37 -7.22 -6.61
C THR A 50 -13.72 -8.52 -7.10
N SER A 51 -12.68 -8.39 -7.95
CA SER A 51 -11.94 -9.54 -8.51
C SER A 51 -10.54 -9.60 -7.89
N LYS A 52 -10.03 -10.82 -7.67
CA LYS A 52 -8.69 -11.05 -7.12
C LYS A 52 -7.61 -10.62 -8.13
N THR A 53 -7.88 -10.88 -9.43
CA THR A 53 -6.99 -10.53 -10.55
C THR A 53 -6.68 -9.01 -10.58
N SER A 54 -7.70 -8.20 -10.25
CA SER A 54 -7.61 -6.74 -10.16
C SER A 54 -6.61 -6.30 -9.06
N ALA A 55 -6.64 -7.02 -7.92
CA ALA A 55 -5.74 -6.78 -6.78
C ALA A 55 -4.30 -7.26 -7.10
N GLU A 56 -4.21 -8.35 -7.88
CA GLU A 56 -2.92 -8.92 -8.32
C GLU A 56 -2.24 -8.01 -9.38
N LYS A 57 -3.05 -7.28 -10.15
CA LYS A 57 -2.54 -6.21 -11.04
C LYS A 57 -2.21 -4.94 -10.26
N GLY A 58 -2.92 -4.73 -9.12
CA GLY A 58 -2.70 -3.58 -8.26
C GLY A 58 -1.29 -3.53 -7.67
N ILE A 59 -0.76 -4.71 -7.26
CA ILE A 59 0.63 -4.81 -6.74
C ILE A 59 1.67 -4.55 -7.86
N ALA A 60 1.32 -4.94 -9.10
CA ALA A 60 2.15 -4.68 -10.30
C ALA A 60 2.17 -3.16 -10.61
N SER A 61 1.04 -2.49 -10.33
CA SER A 61 0.87 -1.04 -10.53
C SER A 61 1.69 -0.23 -9.51
N VAL A 62 1.56 -0.56 -8.21
CA VAL A 62 2.25 0.16 -7.13
C VAL A 62 3.77 -0.04 -7.20
N ARG A 63 4.20 -1.19 -7.75
CA ARG A 63 5.62 -1.56 -7.89
C ARG A 63 6.40 -0.43 -8.62
N SER A 64 5.87 -0.01 -9.77
CA SER A 64 6.53 0.97 -10.65
C SER A 64 6.30 2.42 -10.16
N ASN A 65 5.14 2.69 -9.53
CA ASN A 65 4.73 4.07 -9.18
C ASN A 65 5.08 4.45 -7.72
N SER A 66 5.54 3.46 -6.91
CA SER A 66 5.94 3.69 -5.50
C SER A 66 7.18 4.62 -5.31
N PRO A 67 8.25 4.58 -6.20
CA PRO A 67 9.37 5.57 -6.12
C PRO A 67 8.97 6.97 -6.63
N GLN A 68 7.77 7.09 -7.22
CA GLN A 68 7.27 8.35 -7.77
C GLN A 68 6.34 9.02 -6.76
N GLU A 69 6.93 9.85 -5.87
CA GLU A 69 6.21 10.64 -4.86
C GLU A 69 5.24 11.65 -5.52
N GLU A 70 5.50 11.95 -6.81
CA GLU A 70 4.66 12.83 -7.64
C GLU A 70 3.18 12.36 -7.68
N ARG A 71 2.99 11.03 -7.76
CA ARG A 71 1.65 10.40 -7.87
C ARG A 71 1.00 10.22 -6.48
N TYR A 72 1.76 10.45 -5.40
CA TYR A 72 1.23 10.49 -4.03
C TYR A 72 0.67 11.89 -3.75
N GLU A 73 -0.62 11.94 -3.35
CA GLU A 73 -1.25 13.20 -2.92
C GLU A 73 -1.17 13.27 -1.39
N LYS A 74 -0.25 14.10 -0.89
CA LYS A 74 -0.09 14.35 0.54
C LYS A 74 -1.27 15.21 1.04
N LYS A 75 -2.22 14.53 1.69
CA LYS A 75 -3.43 15.14 2.26
C LYS A 75 -3.29 15.28 3.77
N THR A 76 -4.15 16.09 4.38
CA THR A 76 -4.19 16.30 5.83
C THR A 76 -5.60 16.02 6.36
N ALA A 77 -5.70 14.94 7.14
CA ALA A 77 -6.94 14.56 7.85
C ALA A 77 -7.34 15.65 8.89
N SER A 78 -8.59 15.57 9.38
CA SER A 78 -9.15 16.54 10.36
C SER A 78 -8.40 16.48 11.71
N ASN A 79 -7.63 15.39 11.92
CA ASN A 79 -6.81 15.18 13.12
C ASN A 79 -5.45 15.93 13.03
N GLY A 80 -5.21 16.61 11.88
CA GLY A 80 -3.94 17.30 11.62
C GLY A 80 -2.81 16.33 11.20
N LYS A 81 -3.21 15.10 10.83
CA LYS A 81 -2.27 14.02 10.45
C LYS A 81 -2.15 13.96 8.94
N PHE A 82 -0.93 13.67 8.44
CA PHE A 82 -0.64 13.69 7.00
C PHE A 82 -0.62 12.26 6.46
N TYR A 83 -1.40 12.00 5.41
CA TYR A 83 -1.48 10.68 4.76
C TYR A 83 -1.35 10.86 3.24
N PHE A 84 -1.20 9.73 2.53
CA PHE A 84 -0.92 9.74 1.07
C PHE A 84 -1.87 8.79 0.35
N ASN A 85 -1.91 8.90 -0.98
CA ASN A 85 -2.53 7.91 -1.85
C ASN A 85 -1.80 7.90 -3.19
N LEU A 86 -1.47 6.71 -3.67
CA LEU A 86 -0.77 6.51 -4.93
C LEU A 86 -1.80 6.40 -6.04
N LYS A 87 -1.78 7.36 -6.97
CA LYS A 87 -2.74 7.43 -8.07
C LYS A 87 -2.16 6.79 -9.33
N ALA A 88 -3.00 6.06 -10.06
CA ALA A 88 -2.70 5.55 -11.40
C ALA A 88 -3.33 6.49 -12.46
N ALA A 89 -2.91 6.33 -13.73
CA ALA A 89 -3.47 7.10 -14.87
C ALA A 89 -4.94 6.72 -15.14
N ASN A 90 -5.39 5.59 -14.54
CA ASN A 90 -6.81 5.15 -14.58
C ASN A 90 -7.67 5.92 -13.55
N HIS A 91 -7.05 6.90 -12.87
CA HIS A 91 -7.69 7.75 -11.82
C HIS A 91 -8.05 6.92 -10.57
N GLN A 92 -7.48 5.72 -10.45
CA GLN A 92 -7.74 4.80 -9.33
C GLN A 92 -6.62 4.92 -8.28
N ILE A 93 -7.00 4.74 -7.00
CA ILE A 93 -6.05 4.71 -5.88
C ILE A 93 -5.55 3.27 -5.71
N ILE A 94 -4.35 3.01 -6.23
CA ILE A 94 -3.73 1.67 -6.21
C ILE A 94 -3.05 1.37 -4.87
N GLY A 95 -2.80 2.41 -4.05
CA GLY A 95 -2.20 2.23 -2.72
C GLY A 95 -2.29 3.48 -1.84
N SER A 96 -3.22 3.47 -0.88
CA SER A 96 -3.44 4.59 0.04
C SER A 96 -2.61 4.38 1.32
N SER A 97 -1.62 5.24 1.55
CA SER A 97 -0.78 5.19 2.75
C SER A 97 -1.51 5.89 3.92
N GLN A 98 -1.48 5.27 5.11
CA GLN A 98 -2.27 5.74 6.28
C GLN A 98 -1.64 7.00 6.93
N MET A 99 -2.38 7.59 7.90
CA MET A 99 -2.03 8.89 8.49
C MET A 99 -0.83 8.77 9.45
N TYR A 100 0.24 9.49 9.09
CA TYR A 100 1.43 9.67 9.91
C TYR A 100 1.31 10.98 10.71
N ALA A 101 1.68 10.92 11.99
CA ALA A 101 1.64 12.06 12.91
C ALA A 101 2.81 13.03 12.61
N THR A 102 4.04 12.49 12.68
CA THR A 102 5.27 13.29 12.61
C THR A 102 5.76 13.50 11.16
N ALA A 103 6.46 14.64 10.95
CA ALA A 103 6.96 15.08 9.64
C ALA A 103 8.16 14.23 9.15
N GLN A 104 8.88 13.61 10.11
CA GLN A 104 9.94 12.64 9.80
C GLN A 104 9.33 11.38 9.15
N SER A 105 8.15 10.99 9.63
CA SER A 105 7.38 9.81 9.12
C SER A 105 6.72 10.12 7.76
N ARG A 106 6.58 11.42 7.43
CA ARG A 106 6.09 11.87 6.10
C ARG A 106 7.06 11.36 5.01
N GLU A 107 8.36 11.59 5.24
CA GLU A 107 9.46 11.16 4.34
C GLU A 107 9.72 9.64 4.47
N THR A 108 9.84 9.18 5.74
CA THR A 108 10.08 7.74 6.05
C THR A 108 8.94 6.85 5.54
N GLY A 109 7.73 7.42 5.47
CA GLY A 109 6.55 6.72 4.97
C GLY A 109 6.66 6.37 3.49
N ILE A 110 6.97 7.38 2.66
CA ILE A 110 7.17 7.20 1.21
C ILE A 110 8.42 6.32 0.95
N ALA A 111 9.46 6.53 1.78
CA ALA A 111 10.73 5.77 1.72
C ALA A 111 10.50 4.29 2.06
N SER A 112 9.50 4.01 2.91
CA SER A 112 9.12 2.65 3.26
C SER A 112 8.36 2.01 2.09
N VAL A 113 7.33 2.72 1.57
CA VAL A 113 6.44 2.19 0.51
C VAL A 113 7.23 1.88 -0.79
N LYS A 114 8.23 2.71 -1.13
CA LYS A 114 9.07 2.50 -2.34
C LYS A 114 9.99 1.26 -2.17
N ALA A 115 10.54 1.10 -0.96
CA ALA A 115 11.55 0.05 -0.65
C ALA A 115 10.89 -1.34 -0.52
N ASN A 116 9.73 -1.38 0.15
CA ASN A 116 8.97 -2.61 0.38
C ASN A 116 7.95 -2.86 -0.75
N GLY A 117 7.75 -1.83 -1.61
CA GLY A 117 6.84 -1.93 -2.78
C GLY A 117 7.43 -2.71 -3.94
N THR A 118 8.74 -2.97 -3.88
CA THR A 118 9.44 -3.86 -4.84
C THR A 118 9.26 -5.34 -4.46
N SER A 119 8.87 -5.60 -3.19
CA SER A 119 8.69 -6.95 -2.67
C SER A 119 7.38 -7.57 -3.19
N GLN A 120 7.44 -8.26 -4.33
CA GLN A 120 6.27 -8.87 -4.98
C GLN A 120 5.98 -10.23 -4.32
N THR A 121 5.57 -10.16 -3.06
CA THR A 121 5.29 -11.31 -2.19
C THR A 121 3.99 -11.05 -1.41
N VAL A 122 2.86 -11.52 -1.98
CA VAL A 122 1.54 -11.41 -1.34
C VAL A 122 1.31 -12.58 -0.37
N LYS A 123 0.68 -12.27 0.77
CA LYS A 123 0.27 -13.25 1.77
C LYS A 123 -1.21 -13.57 1.52
N ASP A 124 -1.48 -14.70 0.85
CA ASP A 124 -2.84 -15.07 0.45
C ASP A 124 -3.67 -15.53 1.65
N ASN A 125 -4.42 -14.58 2.23
CA ASN A 125 -5.51 -14.88 3.18
C ASN A 125 -6.75 -15.34 2.39
N THR A 126 -6.83 -14.87 1.14
CA THR A 126 -7.81 -15.33 0.16
C THR A 126 -7.67 -16.85 -0.08
N GLY A 127 -8.82 -17.55 -0.15
CA GLY A 127 -8.85 -19.01 -0.27
C GLY A 127 -9.10 -19.71 1.07
N SER A 128 -8.85 -19.00 2.19
CA SER A 128 -9.03 -19.54 3.55
C SER A 128 -10.52 -19.56 3.96
N ASN A 129 -10.84 -20.34 4.99
CA ASN A 129 -12.22 -20.46 5.52
C ASN A 129 -12.43 -19.42 6.66
N GLY A 14 23.54 -3.26 1.43
CA GLY A 14 22.61 -2.36 2.13
C GLY A 14 21.61 -3.11 2.98
N VAL A 15 20.47 -2.47 3.31
CA VAL A 15 19.38 -3.09 4.08
C VAL A 15 18.64 -4.13 3.21
N ILE A 16 18.26 -5.26 3.82
CA ILE A 16 17.43 -6.27 3.16
C ILE A 16 15.99 -5.76 3.03
N MET A 17 15.38 -6.02 1.86
CA MET A 17 14.03 -5.52 1.55
C MET A 17 13.00 -6.27 2.42
N ALA A 18 12.64 -5.64 3.54
CA ALA A 18 11.80 -6.24 4.58
C ALA A 18 10.37 -5.68 4.46
N GLY A 19 9.53 -6.41 3.71
CA GLY A 19 8.14 -6.05 3.50
C GLY A 19 7.43 -7.04 2.60
N TRP A 20 6.11 -7.17 2.81
CA TRP A 20 5.26 -8.13 2.10
C TRP A 20 3.86 -7.55 1.93
N PHE A 21 3.19 -7.91 0.83
CA PHE A 21 1.79 -7.55 0.59
C PHE A 21 0.90 -8.72 1.00
N GLU A 22 0.01 -8.50 1.97
CA GLU A 22 -1.03 -9.49 2.31
C GLU A 22 -2.31 -9.13 1.57
N LEU A 23 -2.66 -9.95 0.57
CA LEU A 23 -3.93 -9.82 -0.16
C LEU A 23 -5.02 -10.46 0.70
N SER A 24 -5.77 -9.58 1.37
CA SER A 24 -6.76 -9.95 2.38
C SER A 24 -8.17 -9.83 1.78
N LYS A 25 -9.04 -10.79 2.11
CA LYS A 25 -10.47 -10.71 1.79
C LYS A 25 -11.20 -10.13 3.02
N SER A 26 -12.03 -9.13 2.77
CA SER A 26 -12.83 -8.46 3.81
C SER A 26 -14.13 -9.25 4.06
N SER A 27 -14.99 -8.76 4.96
CA SER A 27 -16.21 -9.47 5.40
C SER A 27 -17.18 -9.75 4.20
N ASP A 28 -17.11 -8.91 3.16
CA ASP A 28 -17.93 -9.05 1.93
C ASP A 28 -17.10 -9.66 0.77
N ASN A 29 -16.06 -10.45 1.14
CA ASN A 29 -15.10 -11.10 0.20
C ASN A 29 -14.28 -10.09 -0.63
N GLN A 30 -14.31 -8.80 -0.24
CA GLN A 30 -13.66 -7.70 -0.99
C GLN A 30 -12.12 -7.82 -0.90
N PHE A 31 -11.47 -7.83 -2.07
CA PHE A 31 -10.04 -8.13 -2.22
C PHE A 31 -9.22 -6.84 -2.09
N ARG A 32 -8.34 -6.80 -1.10
CA ARG A 32 -7.57 -5.60 -0.74
C ARG A 32 -6.21 -6.03 -0.21
N PHE A 33 -5.14 -5.62 -0.90
CA PHE A 33 -3.77 -5.92 -0.49
C PHE A 33 -3.25 -4.79 0.41
N VAL A 34 -2.73 -5.17 1.57
CA VAL A 34 -2.07 -4.26 2.50
C VAL A 34 -0.55 -4.53 2.47
N LEU A 35 0.24 -3.47 2.33
CA LEU A 35 1.70 -3.56 2.38
C LEU A 35 2.14 -3.37 3.83
N LYS A 36 2.68 -4.45 4.40
CA LYS A 36 3.26 -4.47 5.74
C LYS A 36 4.77 -4.51 5.62
N ALA A 37 5.46 -3.61 6.33
CA ALA A 37 6.93 -3.61 6.41
C ALA A 37 7.43 -4.78 7.30
N GLY A 38 8.77 -4.86 7.51
CA GLY A 38 9.41 -5.99 8.20
C GLY A 38 8.99 -6.19 9.66
N ASN A 39 8.33 -5.19 10.26
CA ASN A 39 7.83 -5.25 11.65
C ASN A 39 6.49 -6.02 11.74
N GLY A 40 5.84 -6.25 10.58
CA GLY A 40 4.45 -6.68 10.52
C GLY A 40 3.48 -5.49 10.52
N GLU A 41 4.07 -4.28 10.45
CA GLU A 41 3.35 -3.01 10.52
C GLU A 41 2.80 -2.64 9.14
N THR A 42 1.46 -2.55 9.02
CA THR A 42 0.82 -2.03 7.80
C THR A 42 1.20 -0.54 7.62
N ILE A 43 1.85 -0.23 6.50
CA ILE A 43 2.29 1.12 6.14
C ILE A 43 1.38 1.69 5.04
N LEU A 44 0.76 0.79 4.27
CA LEU A 44 0.00 1.12 3.06
C LEU A 44 -1.20 0.17 2.94
N THR A 45 -2.39 0.71 2.65
CA THR A 45 -3.62 -0.07 2.48
C THR A 45 -4.33 0.38 1.18
N SER A 46 -4.59 -0.56 0.28
CA SER A 46 -5.19 -0.27 -1.05
C SER A 46 -6.73 -0.18 -0.95
N GLU A 47 -7.39 0.07 -2.11
CA GLU A 47 -8.87 0.08 -2.23
C GLU A 47 -9.47 -1.34 -2.05
N LEU A 48 -10.79 -1.39 -1.95
CA LEU A 48 -11.56 -2.63 -1.97
C LEU A 48 -11.92 -2.95 -3.43
N TYR A 49 -11.35 -4.04 -3.94
CA TYR A 49 -11.55 -4.51 -5.33
C TYR A 49 -12.60 -5.64 -5.34
N THR A 50 -13.31 -5.77 -6.48
CA THR A 50 -14.32 -6.82 -6.68
C THR A 50 -13.66 -8.14 -7.12
N SER A 51 -12.40 -8.06 -7.59
CA SER A 51 -11.61 -9.21 -8.05
C SER A 51 -10.15 -9.10 -7.55
N LYS A 52 -9.50 -10.26 -7.31
CA LYS A 52 -8.10 -10.32 -6.85
C LYS A 52 -7.14 -9.91 -7.98
N THR A 53 -7.58 -10.12 -9.24
CA THR A 53 -6.83 -9.70 -10.43
C THR A 53 -6.81 -8.16 -10.55
N SER A 54 -7.86 -7.49 -10.01
CA SER A 54 -7.93 -6.02 -9.94
C SER A 54 -6.88 -5.49 -8.94
N ALA A 55 -6.70 -6.27 -7.85
CA ALA A 55 -5.67 -6.01 -6.82
C ALA A 55 -4.25 -6.30 -7.37
N GLU A 56 -4.16 -7.27 -8.30
CA GLU A 56 -2.93 -7.60 -9.04
C GLU A 56 -2.50 -6.42 -9.93
N LYS A 57 -3.48 -5.81 -10.60
CA LYS A 57 -3.25 -4.61 -11.44
C LYS A 57 -2.83 -3.43 -10.55
N GLY A 58 -3.38 -3.40 -9.32
CA GLY A 58 -3.07 -2.38 -8.31
C GLY A 58 -1.61 -2.42 -7.86
N ILE A 59 -1.12 -3.64 -7.49
CA ILE A 59 0.27 -3.82 -7.00
C ILE A 59 1.29 -3.65 -8.14
N ALA A 60 0.89 -4.04 -9.37
CA ALA A 60 1.71 -3.81 -10.58
C ALA A 60 1.94 -2.30 -10.78
N SER A 61 0.88 -1.52 -10.49
CA SER A 61 0.91 -0.07 -10.60
C SER A 61 1.77 0.57 -9.48
N VAL A 62 1.65 0.10 -8.21
CA VAL A 62 2.45 0.69 -7.07
C VAL A 62 3.96 0.49 -7.32
N ARG A 63 4.28 -0.64 -7.97
CA ARG A 63 5.64 -0.99 -8.36
C ARG A 63 6.14 -0.07 -9.48
N SER A 64 5.25 0.23 -10.44
CA SER A 64 5.55 1.16 -11.55
C SER A 64 5.69 2.61 -11.03
N ASN A 65 5.10 2.90 -9.85
CA ASN A 65 5.21 4.21 -9.19
C ASN A 65 6.29 4.22 -8.08
N SER A 66 6.95 3.07 -7.84
CA SER A 66 8.08 3.01 -6.89
C SER A 66 9.29 3.88 -7.38
N PRO A 67 9.73 3.85 -8.71
CA PRO A 67 10.79 4.74 -9.21
C PRO A 67 10.32 6.22 -9.27
N GLN A 68 9.05 6.42 -9.67
CA GLN A 68 8.43 7.76 -9.80
C GLN A 68 7.59 8.05 -8.53
N GLU A 69 8.31 8.00 -7.39
CA GLU A 69 7.76 8.19 -6.02
C GLU A 69 7.20 9.61 -5.78
N GLU A 70 7.49 10.52 -6.73
CA GLU A 70 7.02 11.91 -6.67
C GLU A 70 5.48 12.02 -6.87
N ARG A 71 4.88 11.02 -7.54
CA ARG A 71 3.42 11.01 -7.86
C ARG A 71 2.55 10.74 -6.60
N TYR A 72 3.18 10.24 -5.51
CA TYR A 72 2.49 9.98 -4.23
C TYR A 72 1.91 11.30 -3.69
N GLU A 73 0.61 11.33 -3.37
CA GLU A 73 -0.14 12.56 -3.08
C GLU A 73 -0.24 12.82 -1.57
N LYS A 74 0.52 13.83 -1.09
CA LYS A 74 0.46 14.28 0.30
C LYS A 74 -0.85 15.07 0.53
N LYS A 75 -1.74 14.49 1.33
CA LYS A 75 -2.96 15.18 1.80
C LYS A 75 -3.12 14.93 3.31
N THR A 76 -3.60 15.95 4.02
CA THR A 76 -3.78 15.90 5.47
C THR A 76 -5.26 15.66 5.81
N ALA A 77 -5.51 14.73 6.73
CA ALA A 77 -6.86 14.40 7.25
C ALA A 77 -7.50 15.61 7.95
N SER A 78 -8.83 15.55 8.10
CA SER A 78 -9.62 16.60 8.79
C SER A 78 -9.25 16.70 10.28
N ASN A 79 -8.76 15.58 10.85
CA ASN A 79 -8.24 15.53 12.23
C ASN A 79 -6.90 16.31 12.36
N GLY A 80 -6.20 16.47 11.24
CA GLY A 80 -4.90 17.16 11.19
C GLY A 80 -3.73 16.18 11.14
N LYS A 81 -3.95 14.99 10.54
CA LYS A 81 -2.94 13.92 10.45
C LYS A 81 -2.50 13.69 8.99
N PHE A 82 -1.19 13.74 8.77
CA PHE A 82 -0.58 13.76 7.44
C PHE A 82 -0.45 12.34 6.88
N TYR A 83 -0.94 12.10 5.67
CA TYR A 83 -0.76 10.82 4.96
C TYR A 83 -0.44 11.08 3.50
N PHE A 84 -0.13 10.01 2.76
CA PHE A 84 0.04 10.06 1.31
C PHE A 84 -0.77 8.93 0.68
N ASN A 85 -1.48 9.25 -0.41
CA ASN A 85 -2.24 8.26 -1.18
C ASN A 85 -1.65 8.15 -2.58
N LEU A 86 -1.37 6.93 -3.00
CA LEU A 86 -0.93 6.63 -4.36
C LEU A 86 -2.18 6.33 -5.18
N LYS A 87 -2.67 7.33 -5.94
CA LYS A 87 -3.81 7.14 -6.85
C LYS A 87 -3.27 7.13 -8.29
N ALA A 88 -3.78 6.17 -9.09
CA ALA A 88 -3.34 5.91 -10.47
C ALA A 88 -4.31 6.53 -11.49
N ALA A 89 -3.91 6.52 -12.78
CA ALA A 89 -4.69 7.13 -13.88
C ALA A 89 -6.06 6.43 -14.11
N ASN A 90 -6.28 5.28 -13.43
CA ASN A 90 -7.55 4.53 -13.44
C ASN A 90 -8.55 5.09 -12.41
N HIS A 91 -8.19 6.25 -11.78
CA HIS A 91 -8.99 6.95 -10.76
C HIS A 91 -9.18 6.08 -9.48
N GLN A 92 -8.27 5.12 -9.29
CA GLN A 92 -8.27 4.21 -8.13
C GLN A 92 -7.00 4.41 -7.28
N ILE A 93 -7.17 4.58 -5.96
CA ILE A 93 -6.04 4.66 -5.03
C ILE A 93 -5.44 3.26 -4.84
N ILE A 94 -4.33 3.01 -5.53
CA ILE A 94 -3.67 1.70 -5.54
C ILE A 94 -2.88 1.46 -4.22
N GLY A 95 -2.81 2.49 -3.35
CA GLY A 95 -2.25 2.35 -2.01
C GLY A 95 -2.35 3.63 -1.20
N SER A 96 -3.36 3.72 -0.31
CA SER A 96 -3.52 4.86 0.62
C SER A 96 -2.82 4.52 1.94
N SER A 97 -1.79 5.29 2.28
CA SER A 97 -1.01 5.09 3.50
C SER A 97 -1.84 5.44 4.75
N GLN A 98 -1.35 4.98 5.91
CA GLN A 98 -1.97 5.23 7.22
C GLN A 98 -1.76 6.70 7.61
N MET A 99 -2.63 7.23 8.49
CA MET A 99 -2.51 8.61 8.97
C MET A 99 -1.33 8.70 9.96
N TYR A 100 -0.33 9.49 9.59
CA TYR A 100 0.84 9.78 10.43
C TYR A 100 0.56 11.03 11.26
N ALA A 101 1.05 11.05 12.51
CA ALA A 101 0.93 12.20 13.41
C ALA A 101 1.80 13.38 12.92
N THR A 102 3.00 13.04 12.41
CA THR A 102 3.99 14.01 11.93
C THR A 102 4.25 13.83 10.43
N ALA A 103 4.60 14.95 9.75
CA ALA A 103 4.86 14.98 8.30
C ALA A 103 6.17 14.25 7.92
N GLN A 104 7.12 14.17 8.87
CA GLN A 104 8.41 13.47 8.66
C GLN A 104 8.21 11.94 8.53
N SER A 105 7.17 11.41 9.20
CA SER A 105 6.82 9.99 9.15
C SER A 105 6.23 9.59 7.78
N ARG A 106 5.67 10.59 7.06
CA ARG A 106 5.26 10.44 5.64
C ARG A 106 6.48 10.11 4.78
N GLU A 107 7.55 10.92 4.95
CA GLU A 107 8.81 10.81 4.16
C GLU A 107 9.49 9.46 4.39
N THR A 108 9.43 8.97 5.65
CA THR A 108 9.91 7.63 6.03
C THR A 108 9.03 6.55 5.36
N GLY A 109 7.72 6.84 5.29
CA GLY A 109 6.74 5.96 4.62
C GLY A 109 6.95 5.86 3.12
N ILE A 110 7.37 6.99 2.48
CA ILE A 110 7.68 7.04 1.03
C ILE A 110 8.81 6.05 0.73
N ALA A 111 9.85 6.11 1.58
CA ALA A 111 11.05 5.26 1.48
C ALA A 111 10.72 3.77 1.71
N SER A 112 9.77 3.52 2.62
CA SER A 112 9.33 2.16 2.96
C SER A 112 8.54 1.53 1.80
N VAL A 113 7.63 2.31 1.18
CA VAL A 113 6.80 1.87 0.03
C VAL A 113 7.67 1.76 -1.27
N LYS A 114 8.74 2.56 -1.32
CA LYS A 114 9.69 2.59 -2.45
C LYS A 114 10.44 1.24 -2.50
N ALA A 115 10.92 0.80 -1.32
CA ALA A 115 11.71 -0.43 -1.16
C ALA A 115 10.82 -1.68 -1.22
N ASN A 116 9.72 -1.65 -0.46
CA ASN A 116 8.81 -2.80 -0.28
C ASN A 116 7.80 -2.92 -1.43
N GLY A 117 7.66 -1.86 -2.24
CA GLY A 117 6.83 -1.89 -3.46
C GLY A 117 7.45 -2.75 -4.56
N THR A 118 8.79 -2.81 -4.56
CA THR A 118 9.58 -3.66 -5.47
C THR A 118 9.88 -5.05 -4.83
N SER A 119 9.23 -5.33 -3.68
CA SER A 119 9.27 -6.65 -3.01
C SER A 119 7.94 -7.38 -3.28
N GLN A 120 7.97 -8.44 -4.12
CA GLN A 120 6.76 -9.18 -4.56
C GLN A 120 6.47 -10.39 -3.64
N THR A 121 6.68 -10.21 -2.32
CA THR A 121 6.30 -11.21 -1.31
C THR A 121 4.78 -11.06 -1.04
N VAL A 122 3.96 -11.55 -1.98
CA VAL A 122 2.50 -11.43 -1.92
C VAL A 122 1.92 -12.66 -1.20
N LYS A 123 1.66 -12.47 0.10
CA LYS A 123 1.00 -13.48 0.93
C LYS A 123 -0.52 -13.47 0.64
N ASP A 124 -1.07 -14.64 0.30
CA ASP A 124 -2.52 -14.82 0.16
C ASP A 124 -3.12 -14.94 1.56
N ASN A 125 -3.59 -13.79 2.09
CA ASN A 125 -4.31 -13.73 3.37
C ASN A 125 -5.84 -13.99 3.13
N THR A 126 -6.18 -14.18 1.84
CA THR A 126 -7.50 -14.66 1.40
C THR A 126 -7.67 -16.16 1.74
N GLY A 127 -8.65 -16.47 2.60
CA GLY A 127 -8.98 -17.85 2.97
C GLY A 127 -8.17 -18.37 4.14
N SER A 128 -7.70 -17.44 4.98
CA SER A 128 -6.99 -17.76 6.24
C SER A 128 -8.01 -18.18 7.31
N ASN A 129 -8.42 -19.45 7.27
CA ASN A 129 -9.45 -20.00 8.17
C ASN A 129 -8.90 -20.12 9.63
N GLY A 14 22.97 -9.06 -1.99
CA GLY A 14 22.81 -8.17 -0.82
C GLY A 14 21.66 -8.59 0.07
N VAL A 15 21.09 -7.63 0.81
CA VAL A 15 19.93 -7.87 1.71
C VAL A 15 18.62 -7.89 0.92
N ILE A 16 17.60 -8.54 1.49
CA ILE A 16 16.24 -8.57 0.91
C ILE A 16 15.47 -7.28 1.27
N MET A 17 14.39 -6.98 0.51
CA MET A 17 13.48 -5.87 0.82
C MET A 17 12.65 -6.28 2.04
N ALA A 18 12.90 -5.62 3.19
CA ALA A 18 12.20 -5.91 4.45
C ALA A 18 10.74 -5.40 4.36
N GLY A 19 9.88 -6.23 3.77
CA GLY A 19 8.48 -5.91 3.59
C GLY A 19 7.76 -6.98 2.76
N TRP A 20 6.46 -7.17 3.04
CA TRP A 20 5.61 -8.17 2.39
C TRP A 20 4.18 -7.63 2.24
N PHE A 21 3.51 -8.08 1.19
CA PHE A 21 2.08 -7.80 0.93
C PHE A 21 1.22 -8.94 1.50
N GLU A 22 -0.04 -8.64 1.87
CA GLU A 22 -1.04 -9.66 2.27
C GLU A 22 -2.35 -9.35 1.54
N LEU A 23 -2.73 -10.19 0.56
CA LEU A 23 -3.98 -10.04 -0.19
C LEU A 23 -5.14 -10.63 0.63
N SER A 24 -5.90 -9.74 1.27
CA SER A 24 -7.04 -10.09 2.11
C SER A 24 -8.35 -9.87 1.33
N LYS A 25 -9.50 -10.09 1.99
CA LYS A 25 -10.82 -9.71 1.46
C LYS A 25 -11.68 -9.13 2.60
N SER A 26 -12.78 -8.49 2.21
CA SER A 26 -13.78 -7.95 3.14
C SER A 26 -14.98 -8.93 3.19
N SER A 27 -16.06 -8.54 3.90
CA SER A 27 -17.26 -9.39 4.11
C SER A 27 -17.95 -9.74 2.78
N ASP A 28 -17.94 -8.78 1.83
CA ASP A 28 -18.54 -8.97 0.49
C ASP A 28 -17.49 -9.51 -0.52
N ASN A 29 -16.46 -10.22 -0.01
CA ASN A 29 -15.37 -10.84 -0.81
C ASN A 29 -14.53 -9.78 -1.55
N GLN A 30 -14.60 -8.53 -1.09
CA GLN A 30 -13.89 -7.40 -1.71
C GLN A 30 -12.39 -7.50 -1.45
N PHE A 31 -11.59 -7.66 -2.50
CA PHE A 31 -10.17 -8.03 -2.38
C PHE A 31 -9.32 -6.76 -2.20
N ARG A 32 -8.60 -6.73 -1.07
CA ARG A 32 -7.88 -5.57 -0.58
C ARG A 32 -6.57 -6.05 0.04
N PHE A 33 -5.44 -5.66 -0.54
CA PHE A 33 -4.11 -6.07 -0.06
C PHE A 33 -3.45 -4.94 0.73
N VAL A 34 -2.69 -5.33 1.75
CA VAL A 34 -1.88 -4.44 2.58
C VAL A 34 -0.41 -4.64 2.21
N LEU A 35 0.44 -3.76 2.75
CA LEU A 35 1.90 -3.85 2.64
C LEU A 35 2.46 -3.51 4.02
N LYS A 36 3.01 -4.52 4.69
CA LYS A 36 3.74 -4.34 5.96
C LYS A 36 5.22 -4.24 5.65
N ALA A 37 5.93 -3.37 6.38
CA ALA A 37 7.40 -3.34 6.37
C ALA A 37 7.95 -4.50 7.23
N GLY A 38 9.30 -4.63 7.29
CA GLY A 38 9.97 -5.69 8.07
C GLY A 38 9.73 -5.57 9.58
N ASN A 39 9.30 -4.37 9.99
CA ASN A 39 8.87 -4.05 11.37
C ASN A 39 7.60 -4.85 11.79
N GLY A 40 6.84 -5.33 10.79
CA GLY A 40 5.54 -5.99 11.01
C GLY A 40 4.38 -4.98 10.99
N GLU A 41 4.73 -3.71 10.73
CA GLU A 41 3.80 -2.58 10.73
C GLU A 41 3.37 -2.26 9.28
N THR A 42 2.06 -2.12 9.05
CA THR A 42 1.50 -1.81 7.74
C THR A 42 1.79 -0.33 7.37
N ILE A 43 2.49 -0.16 6.24
CA ILE A 43 2.91 1.16 5.71
C ILE A 43 1.97 1.63 4.57
N LEU A 44 1.30 0.68 3.91
CA LEU A 44 0.43 0.96 2.75
C LEU A 44 -0.75 -0.03 2.77
N THR A 45 -1.94 0.44 2.35
CA THR A 45 -3.14 -0.40 2.28
C THR A 45 -4.02 0.06 1.09
N SER A 46 -4.14 -0.82 0.09
CA SER A 46 -4.98 -0.58 -1.10
C SER A 46 -6.46 -0.58 -0.76
N GLU A 47 -7.29 -0.06 -1.69
CA GLU A 47 -8.75 0.00 -1.50
C GLU A 47 -9.43 -1.32 -1.90
N LEU A 48 -10.76 -1.34 -1.73
CA LEU A 48 -11.61 -2.51 -1.97
C LEU A 48 -11.77 -2.71 -3.50
N TYR A 49 -11.21 -3.80 -4.02
CA TYR A 49 -11.41 -4.26 -5.41
C TYR A 49 -12.53 -5.31 -5.44
N THR A 50 -13.17 -5.47 -6.59
CA THR A 50 -14.18 -6.53 -6.80
C THR A 50 -13.47 -7.87 -7.14
N SER A 51 -12.23 -7.77 -7.68
CA SER A 51 -11.46 -8.92 -8.16
C SER A 51 -10.06 -8.98 -7.52
N LYS A 52 -9.57 -10.22 -7.31
CA LYS A 52 -8.22 -10.50 -6.78
C LYS A 52 -7.18 -10.26 -7.88
N THR A 53 -7.66 -10.43 -9.12
CA THR A 53 -6.95 -10.12 -10.36
C THR A 53 -6.66 -8.60 -10.46
N SER A 54 -7.65 -7.78 -10.02
CA SER A 54 -7.51 -6.31 -9.95
C SER A 54 -6.45 -5.91 -8.89
N ALA A 55 -6.40 -6.70 -7.81
CA ALA A 55 -5.42 -6.54 -6.72
C ALA A 55 -4.02 -7.06 -7.11
N GLU A 56 -3.99 -8.08 -7.98
CA GLU A 56 -2.73 -8.68 -8.47
C GLU A 56 -2.05 -7.73 -9.49
N LYS A 57 -2.87 -7.08 -10.31
CA LYS A 57 -2.43 -5.98 -11.19
C LYS A 57 -2.25 -4.68 -10.36
N GLY A 58 -2.93 -4.61 -9.20
CA GLY A 58 -2.82 -3.48 -8.27
C GLY A 58 -1.43 -3.34 -7.69
N ILE A 59 -0.84 -4.47 -7.24
CA ILE A 59 0.56 -4.49 -6.74
C ILE A 59 1.54 -4.16 -7.88
N ALA A 60 1.23 -4.63 -9.10
CA ALA A 60 2.03 -4.34 -10.31
C ALA A 60 2.02 -2.83 -10.63
N SER A 61 0.86 -2.18 -10.36
CA SER A 61 0.67 -0.74 -10.59
C SER A 61 1.40 0.11 -9.52
N VAL A 62 1.31 -0.30 -8.22
CA VAL A 62 1.99 0.44 -7.13
C VAL A 62 3.52 0.27 -7.23
N ARG A 63 3.94 -0.89 -7.78
CA ARG A 63 5.37 -1.23 -8.02
C ARG A 63 5.92 -0.29 -9.11
N SER A 64 5.13 -0.14 -10.20
CA SER A 64 5.45 0.73 -11.35
C SER A 64 5.50 2.23 -10.96
N ASN A 65 4.95 2.56 -9.77
CA ASN A 65 4.93 3.94 -9.25
C ASN A 65 5.57 4.05 -7.84
N SER A 66 6.38 3.04 -7.46
CA SER A 66 7.15 3.06 -6.18
C SER A 66 8.20 4.22 -6.14
N PRO A 67 9.03 4.47 -7.23
CA PRO A 67 9.94 5.65 -7.26
C PRO A 67 9.23 6.96 -7.69
N GLN A 68 8.00 6.84 -8.22
CA GLN A 68 7.25 7.97 -8.80
C GLN A 68 6.67 8.87 -7.69
N GLU A 69 7.52 9.79 -7.21
CA GLU A 69 7.22 10.76 -6.12
C GLU A 69 6.08 11.71 -6.51
N GLU A 70 5.96 11.99 -7.83
CA GLU A 70 4.85 12.79 -8.39
C GLU A 70 3.50 12.11 -8.16
N ARG A 71 3.50 10.76 -8.23
CA ARG A 71 2.27 9.95 -8.15
C ARG A 71 1.86 9.71 -6.67
N TYR A 72 2.82 9.88 -5.74
CA TYR A 72 2.54 9.97 -4.30
C TYR A 72 1.84 11.30 -4.00
N GLU A 73 0.53 11.22 -3.73
CA GLU A 73 -0.30 12.38 -3.41
C GLU A 73 -0.44 12.48 -1.87
N LYS A 74 0.24 13.47 -1.28
CA LYS A 74 0.32 13.64 0.19
C LYS A 74 -0.69 14.69 0.66
N LYS A 75 -1.55 14.30 1.58
CA LYS A 75 -2.67 15.11 2.11
C LYS A 75 -2.69 15.04 3.65
N THR A 76 -3.18 16.11 4.28
CA THR A 76 -3.45 16.15 5.73
C THR A 76 -4.92 15.75 5.99
N ALA A 77 -5.11 14.64 6.71
CA ALA A 77 -6.43 14.15 7.15
C ALA A 77 -7.14 15.15 8.08
N SER A 78 -8.46 14.95 8.24
CA SER A 78 -9.33 15.75 9.12
C SER A 78 -8.99 15.51 10.61
N ASN A 79 -8.23 14.43 10.87
CA ASN A 79 -7.70 14.09 12.21
C ASN A 79 -6.39 14.87 12.53
N GLY A 80 -5.96 15.74 11.58
CA GLY A 80 -4.77 16.57 11.75
C GLY A 80 -3.47 15.79 11.62
N LYS A 81 -3.49 14.75 10.76
CA LYS A 81 -2.34 13.83 10.54
C LYS A 81 -1.97 13.83 9.06
N PHE A 82 -0.68 13.60 8.76
CA PHE A 82 -0.16 13.57 7.37
C PHE A 82 -0.11 12.14 6.86
N TYR A 83 -0.72 11.91 5.70
CA TYR A 83 -0.73 10.61 5.01
C TYR A 83 -0.52 10.85 3.52
N PHE A 84 -0.43 9.77 2.75
CA PHE A 84 -0.36 9.84 1.28
C PHE A 84 -1.18 8.70 0.67
N ASN A 85 -1.44 8.82 -0.64
CA ASN A 85 -2.18 7.82 -1.41
C ASN A 85 -1.65 7.82 -2.86
N LEU A 86 -1.44 6.62 -3.39
CA LEU A 86 -0.92 6.42 -4.74
C LEU A 86 -2.12 6.39 -5.71
N LYS A 87 -2.14 7.34 -6.65
CA LYS A 87 -3.21 7.50 -7.65
C LYS A 87 -2.86 6.73 -8.94
N ALA A 88 -3.86 6.08 -9.53
CA ALA A 88 -3.71 5.34 -10.80
C ALA A 88 -3.97 6.27 -12.00
N ALA A 89 -3.78 5.72 -13.22
CA ALA A 89 -4.21 6.39 -14.47
C ALA A 89 -5.75 6.44 -14.55
N ASN A 90 -6.40 5.50 -13.82
CA ASN A 90 -7.86 5.43 -13.65
C ASN A 90 -8.34 6.45 -12.59
N HIS A 91 -7.36 7.15 -11.96
CA HIS A 91 -7.56 8.12 -10.85
C HIS A 91 -8.09 7.42 -9.58
N GLN A 92 -7.97 6.07 -9.56
CA GLN A 92 -8.37 5.23 -8.42
C GLN A 92 -7.21 5.09 -7.43
N ILE A 93 -7.54 4.84 -6.16
CA ILE A 93 -6.54 4.67 -5.10
C ILE A 93 -6.05 3.21 -5.11
N ILE A 94 -4.88 3.00 -5.74
CA ILE A 94 -4.24 1.66 -5.81
C ILE A 94 -3.43 1.36 -4.54
N GLY A 95 -3.24 2.34 -3.65
CA GLY A 95 -2.54 2.14 -2.38
C GLY A 95 -2.59 3.36 -1.49
N SER A 96 -3.44 3.33 -0.44
CA SER A 96 -3.59 4.43 0.52
C SER A 96 -2.80 4.10 1.80
N SER A 97 -1.83 4.94 2.14
CA SER A 97 -1.04 4.79 3.36
C SER A 97 -1.88 5.20 4.60
N GLN A 98 -1.36 4.87 5.79
CA GLN A 98 -1.99 5.22 7.06
C GLN A 98 -1.58 6.63 7.50
N MET A 99 -2.30 7.15 8.50
CA MET A 99 -2.05 8.49 9.05
C MET A 99 -0.79 8.48 9.93
N TYR A 100 0.20 9.27 9.53
CA TYR A 100 1.41 9.53 10.32
C TYR A 100 1.21 10.81 11.12
N ALA A 101 1.78 10.84 12.35
CA ALA A 101 1.66 11.98 13.27
C ALA A 101 2.30 13.24 12.66
N THR A 102 3.59 13.14 12.33
CA THR A 102 4.40 14.24 11.79
C THR A 102 4.76 13.98 10.32
N ALA A 103 5.30 15.03 9.67
CA ALA A 103 5.74 14.99 8.26
C ALA A 103 7.03 14.16 8.13
N GLN A 104 7.87 14.14 9.19
CA GLN A 104 9.14 13.37 9.23
C GLN A 104 8.84 11.84 9.15
N SER A 105 7.70 11.44 9.73
CA SER A 105 7.23 10.04 9.70
C SER A 105 6.57 9.71 8.34
N ARG A 106 5.93 10.74 7.73
CA ARG A 106 5.23 10.60 6.43
C ARG A 106 6.23 10.39 5.27
N GLU A 107 7.39 11.10 5.32
CA GLU A 107 8.46 10.97 4.28
C GLU A 107 9.24 9.66 4.45
N THR A 108 9.35 9.17 5.71
CA THR A 108 9.87 7.83 6.01
C THR A 108 8.91 6.77 5.43
N GLY A 109 7.59 7.10 5.47
CA GLY A 109 6.55 6.28 4.86
C GLY A 109 6.71 6.18 3.35
N ILE A 110 6.95 7.34 2.68
CA ILE A 110 7.20 7.40 1.22
C ILE A 110 8.37 6.47 0.84
N ALA A 111 9.45 6.58 1.64
CA ALA A 111 10.71 5.82 1.45
C ALA A 111 10.49 4.30 1.64
N SER A 112 9.66 3.94 2.64
CA SER A 112 9.37 2.54 3.00
C SER A 112 8.51 1.87 1.91
N VAL A 113 7.44 2.57 1.48
CA VAL A 113 6.52 2.11 0.42
C VAL A 113 7.25 2.01 -0.94
N LYS A 114 8.25 2.89 -1.14
CA LYS A 114 9.13 2.84 -2.33
C LYS A 114 9.99 1.57 -2.31
N ALA A 115 10.67 1.34 -1.17
CA ALA A 115 11.68 0.26 -1.01
C ALA A 115 11.02 -1.13 -0.83
N ASN A 116 9.74 -1.15 -0.42
CA ASN A 116 8.97 -2.40 -0.16
C ASN A 116 7.84 -2.58 -1.19
N GLY A 117 7.62 -1.54 -2.02
CA GLY A 117 6.69 -1.63 -3.15
C GLY A 117 7.26 -2.47 -4.29
N THR A 118 8.62 -2.47 -4.39
CA THR A 118 9.37 -3.30 -5.36
C THR A 118 9.39 -4.80 -4.95
N SER A 119 8.92 -5.10 -3.72
CA SER A 119 8.79 -6.47 -3.22
C SER A 119 7.63 -7.18 -3.93
N GLN A 120 7.76 -8.49 -4.14
CA GLN A 120 6.79 -9.31 -4.88
C GLN A 120 6.44 -10.60 -4.09
N THR A 121 6.61 -10.53 -2.75
CA THR A 121 6.18 -11.59 -1.83
C THR A 121 4.79 -11.24 -1.27
N VAL A 122 3.76 -12.02 -1.68
CA VAL A 122 2.35 -11.80 -1.29
C VAL A 122 1.81 -13.03 -0.54
N LYS A 123 1.45 -12.81 0.73
CA LYS A 123 0.73 -13.78 1.57
C LYS A 123 -0.76 -13.77 1.19
N ASP A 124 -1.38 -14.95 1.06
CA ASP A 124 -2.81 -15.06 0.75
C ASP A 124 -3.61 -15.07 2.06
N ASN A 125 -4.31 -13.98 2.32
CA ASN A 125 -5.13 -13.80 3.55
C ASN A 125 -6.63 -13.69 3.18
N THR A 126 -6.98 -14.08 1.93
CA THR A 126 -8.36 -13.94 1.39
C THR A 126 -9.37 -14.82 2.17
N GLY A 127 -9.95 -14.21 3.24
CA GLY A 127 -10.99 -14.84 4.06
C GLY A 127 -10.49 -16.07 4.82
N SER A 128 -9.30 -15.93 5.43
CA SER A 128 -8.65 -16.99 6.21
C SER A 128 -9.45 -17.24 7.50
N ASN A 129 -10.41 -18.18 7.42
CA ASN A 129 -11.39 -18.46 8.48
C ASN A 129 -11.28 -19.95 8.92
N GLY A 14 18.97 -17.88 1.65
CA GLY A 14 19.49 -16.62 1.05
C GLY A 14 19.48 -15.48 2.05
N VAL A 15 19.33 -14.24 1.55
CA VAL A 15 19.19 -13.03 2.38
C VAL A 15 17.70 -12.78 2.71
N ILE A 16 17.44 -12.13 3.85
CA ILE A 16 16.07 -11.71 4.23
C ILE A 16 15.70 -10.38 3.56
N MET A 17 14.41 -10.07 3.52
CA MET A 17 13.89 -8.80 2.97
C MET A 17 12.93 -8.17 3.99
N ALA A 18 13.15 -6.87 4.26
CA ALA A 18 12.36 -6.11 5.22
C ALA A 18 11.06 -5.61 4.55
N GLY A 19 10.11 -6.53 4.37
CA GLY A 19 8.80 -6.20 3.86
C GLY A 19 8.16 -7.31 3.05
N TRP A 20 6.82 -7.25 2.98
CA TRP A 20 5.99 -8.23 2.29
C TRP A 20 4.56 -7.67 2.10
N PHE A 21 3.86 -8.18 1.10
CA PHE A 21 2.42 -7.95 0.90
C PHE A 21 1.61 -9.12 1.48
N GLU A 22 0.40 -8.83 1.99
CA GLU A 22 -0.60 -9.84 2.38
C GLU A 22 -1.94 -9.49 1.73
N LEU A 23 -2.44 -10.39 0.87
CA LEU A 23 -3.75 -10.25 0.24
C LEU A 23 -4.84 -10.73 1.21
N SER A 24 -5.51 -9.76 1.83
CA SER A 24 -6.65 -9.99 2.71
C SER A 24 -7.94 -9.57 1.98
N LYS A 25 -9.09 -10.03 2.48
CA LYS A 25 -10.41 -9.63 1.96
C LYS A 25 -11.23 -8.99 3.09
N SER A 26 -12.31 -8.33 2.70
CA SER A 26 -13.26 -7.70 3.63
C SER A 26 -14.45 -8.64 3.87
N SER A 27 -15.34 -8.25 4.81
CA SER A 27 -16.62 -8.93 5.03
C SER A 27 -17.55 -8.75 3.82
N ASP A 28 -17.28 -7.68 3.04
CA ASP A 28 -17.95 -7.39 1.76
C ASP A 28 -17.46 -8.30 0.62
N ASN A 29 -16.33 -9.01 0.89
CA ASN A 29 -15.63 -9.94 -0.04
C ASN A 29 -14.64 -9.21 -0.97
N GLN A 30 -14.64 -7.86 -0.94
CA GLN A 30 -13.69 -7.04 -1.72
C GLN A 30 -12.24 -7.25 -1.21
N PHE A 31 -11.33 -7.47 -2.18
CA PHE A 31 -9.94 -7.87 -1.92
C PHE A 31 -9.04 -6.64 -1.79
N ARG A 32 -7.99 -6.75 -0.97
CA ARG A 32 -7.11 -5.62 -0.62
C ARG A 32 -5.71 -6.16 -0.28
N PHE A 33 -4.69 -5.56 -0.89
CA PHE A 33 -3.28 -5.84 -0.58
C PHE A 33 -2.83 -4.86 0.50
N VAL A 34 -2.27 -5.38 1.60
CA VAL A 34 -1.60 -4.56 2.60
C VAL A 34 -0.09 -4.75 2.44
N LEU A 35 0.65 -3.65 2.36
CA LEU A 35 2.11 -3.66 2.35
C LEU A 35 2.59 -3.36 3.74
N LYS A 36 3.39 -4.28 4.28
CA LYS A 36 4.00 -4.17 5.60
C LYS A 36 5.52 -4.17 5.44
N ALA A 37 6.22 -3.48 6.36
CA ALA A 37 7.67 -3.51 6.46
C ALA A 37 8.14 -4.80 7.17
N GLY A 38 9.47 -4.95 7.35
CA GLY A 38 10.05 -6.11 8.08
C GLY A 38 9.65 -6.15 9.55
N ASN A 39 9.22 -4.98 10.06
CA ASN A 39 8.73 -4.80 11.44
C ASN A 39 7.27 -5.29 11.57
N GLY A 40 6.62 -5.58 10.42
CA GLY A 40 5.21 -5.97 10.37
C GLY A 40 4.27 -4.77 10.35
N GLU A 41 4.84 -3.55 10.37
CA GLU A 41 4.10 -2.27 10.37
C GLU A 41 3.50 -2.03 8.97
N THR A 42 2.17 -1.89 8.89
CA THR A 42 1.48 -1.60 7.63
C THR A 42 1.78 -0.14 7.20
N ILE A 43 2.37 -0.02 6.01
CA ILE A 43 2.81 1.26 5.43
C ILE A 43 1.93 1.64 4.21
N LEU A 44 1.06 0.71 3.78
CA LEU A 44 0.16 0.92 2.62
C LEU A 44 -0.96 -0.14 2.61
N THR A 45 -2.12 0.23 2.05
CA THR A 45 -3.23 -0.70 1.71
C THR A 45 -3.92 -0.18 0.44
N SER A 46 -4.04 -1.04 -0.58
CA SER A 46 -4.70 -0.70 -1.87
C SER A 46 -6.21 -0.47 -1.67
N GLU A 47 -6.84 0.33 -2.56
CA GLU A 47 -8.31 0.49 -2.58
C GLU A 47 -8.94 -0.89 -2.83
N LEU A 48 -10.02 -1.21 -2.11
CA LEU A 48 -10.64 -2.53 -2.14
C LEU A 48 -11.19 -2.85 -3.54
N TYR A 49 -10.56 -3.82 -4.20
CA TYR A 49 -10.92 -4.28 -5.55
C TYR A 49 -12.08 -5.29 -5.49
N THR A 50 -12.92 -5.27 -6.53
CA THR A 50 -14.09 -6.16 -6.64
C THR A 50 -13.65 -7.62 -6.87
N SER A 51 -12.58 -7.78 -7.66
CA SER A 51 -12.04 -9.11 -8.02
C SER A 51 -10.66 -9.34 -7.39
N LYS A 52 -10.31 -10.62 -7.21
CA LYS A 52 -8.97 -11.07 -6.77
C LYS A 52 -7.94 -10.65 -7.81
N THR A 53 -8.29 -10.85 -9.10
CA THR A 53 -7.39 -10.58 -10.24
C THR A 53 -7.01 -9.09 -10.29
N SER A 54 -8.01 -8.22 -10.02
CA SER A 54 -7.82 -6.75 -9.98
C SER A 54 -6.83 -6.34 -8.86
N ALA A 55 -6.95 -7.02 -7.70
CA ALA A 55 -6.06 -6.83 -6.54
C ALA A 55 -4.64 -7.33 -6.86
N GLU A 56 -4.57 -8.47 -7.55
CA GLU A 56 -3.30 -9.12 -7.91
C GLU A 56 -2.52 -8.28 -8.94
N LYS A 57 -3.24 -7.56 -9.81
CA LYS A 57 -2.66 -6.57 -10.73
C LYS A 57 -2.34 -5.26 -9.99
N GLY A 58 -3.03 -5.04 -8.85
CA GLY A 58 -2.85 -3.85 -8.01
C GLY A 58 -1.42 -3.68 -7.50
N ILE A 59 -0.78 -4.80 -7.08
CA ILE A 59 0.64 -4.78 -6.62
C ILE A 59 1.58 -4.39 -7.79
N ALA A 60 1.26 -4.88 -9.00
CA ALA A 60 2.01 -4.58 -10.23
C ALA A 60 1.87 -3.09 -10.60
N SER A 61 0.72 -2.50 -10.26
CA SER A 61 0.44 -1.09 -10.49
C SER A 61 1.23 -0.21 -9.52
N VAL A 62 1.16 -0.54 -8.21
CA VAL A 62 1.76 0.30 -7.15
C VAL A 62 3.28 0.33 -7.25
N ARG A 63 3.90 -0.83 -7.60
CA ARG A 63 5.37 -0.94 -7.73
C ARG A 63 5.89 -0.08 -8.90
N SER A 64 5.05 0.03 -9.95
CA SER A 64 5.38 0.81 -11.16
C SER A 64 5.28 2.33 -10.89
N ASN A 65 4.48 2.72 -9.88
CA ASN A 65 4.32 4.13 -9.46
C ASN A 65 5.03 4.41 -8.12
N SER A 66 5.73 3.38 -7.56
CA SER A 66 6.56 3.53 -6.34
C SER A 66 7.76 4.51 -6.53
N PRO A 67 8.54 4.48 -7.67
CA PRO A 67 9.62 5.47 -7.91
C PRO A 67 9.10 6.79 -8.53
N GLN A 68 7.78 7.04 -8.42
CA GLN A 68 7.11 8.27 -8.91
C GLN A 68 6.46 9.02 -7.74
N GLU A 69 7.18 10.03 -7.20
CA GLU A 69 6.64 10.95 -6.17
C GLU A 69 5.44 11.72 -6.72
N GLU A 70 5.44 11.90 -8.07
CA GLU A 70 4.34 12.46 -8.87
C GLU A 70 2.96 11.85 -8.48
N ARG A 71 2.94 10.54 -8.24
CA ARG A 71 1.72 9.78 -7.96
C ARG A 71 1.42 9.74 -6.45
N TYR A 72 2.47 9.91 -5.60
CA TYR A 72 2.29 10.00 -4.14
C TYR A 72 1.60 11.32 -3.75
N GLU A 73 0.42 11.22 -3.15
CA GLU A 73 -0.34 12.38 -2.69
C GLU A 73 -0.05 12.61 -1.22
N LYS A 74 0.86 13.55 -0.92
CA LYS A 74 1.08 14.03 0.45
C LYS A 74 -0.20 14.77 0.88
N LYS A 75 -0.98 14.10 1.70
CA LYS A 75 -2.38 14.47 1.99
C LYS A 75 -2.58 14.65 3.49
N THR A 76 -3.35 15.68 3.86
CA THR A 76 -3.65 16.00 5.27
C THR A 76 -5.01 15.41 5.66
N ALA A 77 -5.02 14.66 6.76
CA ALA A 77 -6.25 14.16 7.39
C ALA A 77 -6.99 15.29 8.13
N SER A 78 -8.32 15.17 8.22
CA SER A 78 -9.16 16.06 9.05
C SER A 78 -8.94 15.75 10.55
N ASN A 79 -8.18 14.65 10.81
CA ASN A 79 -7.66 14.29 12.14
C ASN A 79 -6.46 15.19 12.55
N GLY A 80 -6.04 16.09 11.63
CA GLY A 80 -4.90 16.98 11.86
C GLY A 80 -3.55 16.31 11.65
N LYS A 81 -3.59 15.11 11.02
CA LYS A 81 -2.42 14.26 10.77
C LYS A 81 -2.09 14.22 9.28
N PHE A 82 -1.02 13.52 8.89
CA PHE A 82 -0.59 13.43 7.48
C PHE A 82 -0.45 11.96 7.05
N TYR A 83 -1.09 11.61 5.93
CA TYR A 83 -1.00 10.29 5.28
C TYR A 83 -0.71 10.50 3.79
N PHE A 84 -0.53 9.41 3.05
CA PHE A 84 -0.35 9.47 1.60
C PHE A 84 -1.24 8.42 0.93
N ASN A 85 -1.65 8.73 -0.30
CA ASN A 85 -2.38 7.79 -1.15
C ASN A 85 -1.77 7.81 -2.56
N LEU A 86 -1.35 6.63 -3.04
CA LEU A 86 -0.68 6.49 -4.34
C LEU A 86 -1.72 6.42 -5.46
N LYS A 87 -1.52 7.25 -6.50
CA LYS A 87 -2.43 7.38 -7.65
C LYS A 87 -1.92 6.59 -8.86
N ALA A 88 -2.84 6.34 -9.79
CA ALA A 88 -2.57 5.73 -11.09
C ALA A 88 -2.63 6.81 -12.18
N ALA A 89 -2.40 6.40 -13.45
CA ALA A 89 -2.52 7.30 -14.63
C ALA A 89 -4.01 7.67 -14.89
N ASN A 90 -4.94 6.91 -14.28
CA ASN A 90 -6.39 7.16 -14.36
C ASN A 90 -6.91 7.95 -13.14
N HIS A 91 -5.98 8.58 -12.38
CA HIS A 91 -6.29 9.38 -11.15
C HIS A 91 -6.90 8.52 -10.01
N GLN A 92 -6.87 7.18 -10.17
CA GLN A 92 -7.48 6.24 -9.21
C GLN A 92 -6.47 5.87 -8.13
N ILE A 93 -6.98 5.64 -6.90
CA ILE A 93 -6.16 5.34 -5.73
C ILE A 93 -5.83 3.83 -5.74
N ILE A 94 -4.61 3.50 -6.19
CA ILE A 94 -4.11 2.10 -6.20
C ILE A 94 -3.45 1.74 -4.85
N GLY A 95 -3.19 2.77 -4.02
CA GLY A 95 -2.65 2.57 -2.68
C GLY A 95 -3.05 3.71 -1.75
N SER A 96 -3.19 3.42 -0.45
CA SER A 96 -3.58 4.42 0.56
C SER A 96 -3.14 3.95 1.96
N SER A 97 -2.43 4.82 2.69
CA SER A 97 -1.86 4.49 4.01
C SER A 97 -2.65 5.19 5.13
N GLN A 98 -2.40 4.77 6.38
CA GLN A 98 -3.02 5.35 7.57
C GLN A 98 -2.38 6.71 7.91
N MET A 99 -3.09 7.52 8.72
CA MET A 99 -2.62 8.86 9.11
C MET A 99 -1.50 8.75 10.15
N TYR A 100 -0.32 9.25 9.78
CA TYR A 100 0.87 9.24 10.62
C TYR A 100 0.86 10.43 11.59
N ALA A 101 1.46 10.23 12.78
CA ALA A 101 1.50 11.22 13.86
C ALA A 101 2.20 12.52 13.43
N THR A 102 3.21 12.40 12.55
CA THR A 102 3.93 13.55 11.98
C THR A 102 3.98 13.43 10.43
N ALA A 103 4.28 14.56 9.76
CA ALA A 103 4.52 14.59 8.30
C ALA A 103 5.80 13.80 7.97
N GLN A 104 6.80 13.90 8.87
CA GLN A 104 8.09 13.19 8.73
C GLN A 104 7.92 11.67 8.74
N SER A 105 6.98 11.19 9.57
CA SER A 105 6.63 9.77 9.67
C SER A 105 5.93 9.30 8.37
N ARG A 106 5.20 10.23 7.72
CA ARG A 106 4.58 9.98 6.40
C ARG A 106 5.65 9.90 5.31
N GLU A 107 6.69 10.75 5.42
CA GLU A 107 7.82 10.79 4.46
C GLU A 107 8.68 9.51 4.58
N THR A 108 8.69 8.91 5.78
CA THR A 108 9.27 7.58 6.01
C THR A 108 8.49 6.55 5.17
N GLY A 109 7.15 6.66 5.24
CA GLY A 109 6.23 5.79 4.50
C GLY A 109 6.36 5.92 2.99
N ILE A 110 6.63 7.16 2.50
CA ILE A 110 6.84 7.42 1.06
C ILE A 110 8.04 6.60 0.55
N ALA A 111 9.17 6.74 1.27
CA ALA A 111 10.44 6.07 0.96
C ALA A 111 10.36 4.55 1.20
N SER A 112 9.51 4.15 2.17
CA SER A 112 9.32 2.75 2.55
C SER A 112 8.58 1.98 1.44
N VAL A 113 7.45 2.55 0.95
CA VAL A 113 6.66 1.97 -0.17
C VAL A 113 7.45 2.08 -1.50
N LYS A 114 8.28 3.13 -1.61
CA LYS A 114 9.13 3.36 -2.80
C LYS A 114 10.18 2.24 -2.97
N ALA A 115 10.67 1.71 -1.84
CA ALA A 115 11.70 0.66 -1.80
C ALA A 115 11.09 -0.76 -1.71
N ASN A 116 9.98 -0.89 -0.97
CA ASN A 116 9.38 -2.18 -0.56
C ASN A 116 8.12 -2.52 -1.41
N GLY A 117 7.67 -1.55 -2.21
CA GLY A 117 6.51 -1.74 -3.10
C GLY A 117 6.76 -2.74 -4.23
N THR A 118 8.05 -2.94 -4.56
CA THR A 118 8.49 -3.86 -5.63
C THR A 118 8.60 -5.31 -5.11
N SER A 119 8.55 -5.48 -3.77
CA SER A 119 8.64 -6.81 -3.13
C SER A 119 7.37 -7.63 -3.44
N GLN A 120 7.48 -8.56 -4.39
CA GLN A 120 6.36 -9.42 -4.84
C GLN A 120 6.15 -10.65 -3.91
N THR A 121 6.72 -10.57 -2.68
CA THR A 121 6.53 -11.57 -1.62
C THR A 121 5.11 -11.42 -1.01
N VAL A 122 4.16 -12.20 -1.53
CA VAL A 122 2.72 -12.08 -1.20
C VAL A 122 2.23 -13.29 -0.41
N LYS A 123 1.39 -13.03 0.62
CA LYS A 123 0.74 -14.05 1.44
C LYS A 123 -0.78 -13.93 1.30
N ASP A 124 -1.44 -14.96 0.73
CA ASP A 124 -2.91 -14.95 0.54
C ASP A 124 -3.65 -15.35 1.84
N ASN A 125 -4.09 -14.31 2.58
CA ASN A 125 -4.90 -14.48 3.82
C ASN A 125 -6.38 -14.81 3.49
N THR A 126 -6.77 -14.57 2.23
CA THR A 126 -8.14 -14.73 1.73
C THR A 126 -8.66 -16.19 1.86
N GLY A 127 -9.68 -16.39 2.71
CA GLY A 127 -10.30 -17.70 2.89
C GLY A 127 -9.53 -18.59 3.88
N SER A 128 -9.34 -18.07 5.10
CA SER A 128 -8.66 -18.79 6.20
C SER A 128 -9.49 -18.65 7.51
N ASN A 129 -9.17 -19.51 8.50
CA ASN A 129 -9.94 -19.60 9.77
C ASN A 129 -9.65 -18.40 10.71
N GLY A 14 24.19 -6.87 9.42
CA GLY A 14 22.89 -6.16 9.42
C GLY A 14 22.44 -5.79 8.01
N VAL A 15 21.46 -6.53 7.47
CA VAL A 15 20.85 -6.28 6.16
C VAL A 15 19.64 -5.33 6.32
N ILE A 16 19.25 -4.67 5.20
CA ILE A 16 18.04 -3.83 5.19
C ILE A 16 16.77 -4.71 5.23
N MET A 17 15.70 -4.18 5.84
CA MET A 17 14.44 -4.91 5.99
C MET A 17 13.41 -4.38 4.97
N ALA A 18 13.18 -5.16 3.91
CA ALA A 18 12.15 -4.89 2.90
C ALA A 18 10.88 -5.65 3.29
N GLY A 19 9.74 -4.97 3.27
CA GLY A 19 8.46 -5.57 3.65
C GLY A 19 7.79 -6.31 2.50
N TRP A 20 6.68 -6.98 2.82
CA TRP A 20 5.96 -7.86 1.89
C TRP A 20 4.52 -7.36 1.68
N PHE A 21 3.93 -7.82 0.58
CA PHE A 21 2.51 -7.62 0.27
C PHE A 21 1.71 -8.75 0.91
N GLU A 22 0.44 -8.46 1.21
CA GLU A 22 -0.54 -9.49 1.59
C GLU A 22 -1.82 -9.25 0.80
N LEU A 23 -2.24 -10.26 0.01
CA LEU A 23 -3.54 -10.27 -0.64
C LEU A 23 -4.56 -10.66 0.43
N SER A 24 -5.18 -9.61 0.96
CA SER A 24 -6.21 -9.70 2.00
C SER A 24 -7.59 -9.60 1.35
N LYS A 25 -8.60 -10.01 2.09
CA LYS A 25 -10.00 -9.76 1.75
C LYS A 25 -10.70 -9.27 3.01
N SER A 26 -11.48 -8.20 2.87
CA SER A 26 -12.29 -7.65 3.97
C SER A 26 -13.54 -8.52 4.22
N SER A 27 -14.29 -8.15 5.27
CA SER A 27 -15.53 -8.83 5.65
C SER A 27 -16.62 -8.59 4.57
N ASP A 28 -16.35 -7.63 3.65
CA ASP A 28 -17.21 -7.31 2.49
C ASP A 28 -16.95 -8.26 1.29
N ASN A 29 -16.06 -9.27 1.48
CA ASN A 29 -15.62 -10.21 0.41
C ASN A 29 -14.82 -9.48 -0.72
N GLN A 30 -14.36 -8.25 -0.44
CA GLN A 30 -13.61 -7.42 -1.39
C GLN A 30 -12.09 -7.56 -1.14
N PHE A 31 -11.31 -7.66 -2.22
CA PHE A 31 -9.86 -7.92 -2.14
C PHE A 31 -9.08 -6.60 -2.09
N ARG A 32 -7.98 -6.58 -1.33
CA ARG A 32 -7.07 -5.43 -1.22
C ARG A 32 -5.69 -5.91 -0.77
N PHE A 33 -4.63 -5.25 -1.24
CA PHE A 33 -3.26 -5.54 -0.80
C PHE A 33 -2.86 -4.62 0.35
N VAL A 34 -2.38 -5.21 1.46
CA VAL A 34 -1.82 -4.45 2.58
C VAL A 34 -0.29 -4.67 2.56
N LEU A 35 0.46 -3.57 2.69
CA LEU A 35 1.92 -3.60 2.75
C LEU A 35 2.37 -3.50 4.21
N LYS A 36 2.95 -4.59 4.71
CA LYS A 36 3.59 -4.65 6.01
C LYS A 36 5.10 -4.60 5.81
N ALA A 37 5.76 -3.64 6.48
CA ALA A 37 7.22 -3.50 6.46
C ALA A 37 7.90 -4.71 7.15
N GLY A 38 9.25 -4.72 7.16
CA GLY A 38 10.04 -5.81 7.77
C GLY A 38 9.81 -5.96 9.29
N ASN A 39 9.15 -4.96 9.90
CA ASN A 39 8.77 -4.96 11.33
C ASN A 39 7.42 -5.69 11.57
N GLY A 40 6.73 -6.08 10.48
CA GLY A 40 5.39 -6.68 10.56
C GLY A 40 4.28 -5.65 10.75
N GLU A 41 4.63 -4.37 10.53
CA GLU A 41 3.73 -3.22 10.75
C GLU A 41 3.18 -2.72 9.40
N THR A 42 1.84 -2.72 9.25
CA THR A 42 1.16 -2.22 8.04
C THR A 42 1.38 -0.69 7.88
N ILE A 43 1.98 -0.31 6.75
CA ILE A 43 2.26 1.08 6.38
C ILE A 43 1.19 1.59 5.37
N LEU A 44 0.74 0.69 4.49
CA LEU A 44 -0.11 1.04 3.34
C LEU A 44 -1.24 0.00 3.19
N THR A 45 -2.39 0.45 2.69
CA THR A 45 -3.54 -0.43 2.39
C THR A 45 -4.28 0.09 1.15
N SER A 46 -4.28 -0.73 0.08
CA SER A 46 -4.98 -0.45 -1.18
C SER A 46 -6.52 -0.41 -0.96
N GLU A 47 -7.23 0.28 -1.87
CA GLU A 47 -8.70 0.39 -1.83
C GLU A 47 -9.36 -0.97 -2.11
N LEU A 48 -10.67 -1.07 -1.79
CA LEU A 48 -11.44 -2.30 -1.97
C LEU A 48 -11.67 -2.57 -3.48
N TYR A 49 -11.32 -3.78 -3.89
CA TYR A 49 -11.52 -4.26 -5.27
C TYR A 49 -12.65 -5.29 -5.32
N THR A 50 -13.44 -5.24 -6.40
CA THR A 50 -14.56 -6.15 -6.61
C THR A 50 -14.08 -7.60 -6.89
N SER A 51 -12.82 -7.74 -7.35
CA SER A 51 -12.23 -9.04 -7.72
C SER A 51 -10.71 -9.06 -7.45
N LYS A 52 -10.16 -10.29 -7.34
CA LYS A 52 -8.72 -10.53 -7.16
C LYS A 52 -7.91 -10.10 -8.41
N THR A 53 -8.57 -10.15 -9.59
CA THR A 53 -7.93 -9.76 -10.87
C THR A 53 -7.75 -8.23 -10.94
N SER A 54 -8.67 -7.49 -10.30
CA SER A 54 -8.59 -6.03 -10.16
C SER A 54 -7.44 -5.68 -9.19
N ALA A 55 -7.33 -6.49 -8.10
CA ALA A 55 -6.26 -6.37 -7.10
C ALA A 55 -4.89 -6.74 -7.70
N GLU A 56 -4.90 -7.68 -8.68
CA GLU A 56 -3.67 -8.13 -9.38
C GLU A 56 -3.07 -6.97 -10.19
N LYS A 57 -3.94 -6.18 -10.82
CA LYS A 57 -3.57 -4.97 -11.56
C LYS A 57 -3.14 -3.85 -10.59
N GLY A 58 -3.79 -3.82 -9.41
CA GLY A 58 -3.51 -2.85 -8.36
C GLY A 58 -2.10 -2.98 -7.78
N ILE A 59 -1.65 -4.24 -7.56
CA ILE A 59 -0.28 -4.51 -7.08
C ILE A 59 0.76 -4.30 -8.20
N ALA A 60 0.38 -4.68 -9.43
CA ALA A 60 1.22 -4.46 -10.63
C ALA A 60 1.50 -2.94 -10.81
N SER A 61 0.50 -2.13 -10.43
CA SER A 61 0.59 -0.67 -10.47
C SER A 61 1.55 -0.13 -9.39
N VAL A 62 1.30 -0.46 -8.08
CA VAL A 62 2.13 0.08 -6.95
C VAL A 62 3.61 -0.32 -7.09
N ARG A 63 3.84 -1.49 -7.70
CA ARG A 63 5.18 -2.01 -8.01
C ARG A 63 5.92 -1.08 -8.98
N SER A 64 5.22 -0.68 -10.06
CA SER A 64 5.76 0.24 -11.09
C SER A 64 5.84 1.69 -10.53
N ASN A 65 4.98 1.98 -9.55
CA ASN A 65 4.81 3.33 -8.96
C ASN A 65 5.64 3.49 -7.67
N SER A 66 6.40 2.43 -7.28
CA SER A 66 7.31 2.48 -6.12
C SER A 66 8.40 3.58 -6.28
N PRO A 67 9.15 3.68 -7.45
CA PRO A 67 10.12 4.78 -7.67
C PRO A 67 9.47 6.08 -8.20
N GLN A 68 8.16 6.03 -8.51
CA GLN A 68 7.40 7.19 -9.00
C GLN A 68 6.95 8.05 -7.79
N GLU A 69 7.90 8.84 -7.25
CA GLU A 69 7.71 9.66 -6.03
C GLU A 69 6.62 10.74 -6.22
N GLU A 70 6.49 11.23 -7.47
CA GLU A 70 5.48 12.24 -7.84
C GLU A 70 4.07 11.63 -7.91
N ARG A 71 3.99 10.31 -8.14
CA ARG A 71 2.72 9.57 -8.24
C ARG A 71 2.09 9.37 -6.84
N TYR A 72 2.93 9.41 -5.79
CA TYR A 72 2.48 9.49 -4.39
C TYR A 72 1.89 10.90 -4.14
N GLU A 73 0.60 10.97 -3.76
CA GLU A 73 -0.07 12.24 -3.41
C GLU A 73 -0.14 12.39 -1.89
N LYS A 74 0.65 13.31 -1.31
CA LYS A 74 0.60 13.62 0.14
C LYS A 74 -0.44 14.74 0.40
N LYS A 75 -1.25 14.54 1.44
CA LYS A 75 -2.31 15.48 1.84
C LYS A 75 -2.63 15.30 3.34
N THR A 76 -3.28 16.30 3.93
CA THR A 76 -3.72 16.26 5.34
C THR A 76 -5.17 15.73 5.41
N ALA A 77 -5.44 14.92 6.44
CA ALA A 77 -6.80 14.47 6.79
C ALA A 77 -7.53 15.58 7.56
N SER A 78 -8.87 15.54 7.56
CA SER A 78 -9.72 16.46 8.35
C SER A 78 -9.49 16.24 9.87
N ASN A 79 -9.02 15.03 10.22
CA ASN A 79 -8.62 14.67 11.59
C ASN A 79 -7.35 15.46 12.05
N GLY A 80 -6.61 16.02 11.07
CA GLY A 80 -5.46 16.90 11.34
C GLY A 80 -4.11 16.23 11.09
N LYS A 81 -4.12 14.92 10.82
CA LYS A 81 -2.89 14.12 10.63
C LYS A 81 -2.60 13.92 9.13
N PHE A 82 -1.31 13.88 8.79
CA PHE A 82 -0.82 13.85 7.39
C PHE A 82 -0.67 12.39 6.91
N TYR A 83 -1.06 12.13 5.66
CA TYR A 83 -1.00 10.78 5.06
C TYR A 83 -0.75 10.92 3.54
N PHE A 84 -0.56 9.79 2.85
CA PHE A 84 -0.39 9.78 1.39
C PHE A 84 -1.30 8.74 0.73
N ASN A 85 -1.88 9.13 -0.40
CA ASN A 85 -2.65 8.26 -1.29
C ASN A 85 -1.93 8.15 -2.63
N LEU A 86 -1.30 7.00 -2.86
CA LEU A 86 -0.68 6.66 -4.13
C LEU A 86 -1.81 6.22 -5.07
N LYS A 87 -2.09 7.04 -6.10
CA LYS A 87 -3.08 6.73 -7.12
C LYS A 87 -2.41 6.70 -8.50
N ALA A 88 -2.90 5.82 -9.37
CA ALA A 88 -2.36 5.63 -10.72
C ALA A 88 -3.00 6.62 -11.72
N ALA A 89 -2.67 6.45 -13.01
CA ALA A 89 -3.02 7.41 -14.10
C ALA A 89 -4.54 7.62 -14.27
N ASN A 90 -5.35 6.61 -13.93
CA ASN A 90 -6.83 6.67 -14.03
C ASN A 90 -7.48 7.08 -12.69
N HIS A 91 -6.69 7.78 -11.83
CA HIS A 91 -7.15 8.37 -10.54
C HIS A 91 -7.41 7.29 -9.45
N GLN A 92 -7.27 6.00 -9.83
CA GLN A 92 -7.56 4.85 -8.95
C GLN A 92 -6.50 4.76 -7.84
N ILE A 93 -6.92 5.01 -6.59
CA ILE A 93 -6.02 4.94 -5.43
C ILE A 93 -5.60 3.48 -5.20
N ILE A 94 -4.41 3.17 -5.70
CA ILE A 94 -3.83 1.82 -5.63
C ILE A 94 -3.14 1.58 -4.28
N GLY A 95 -3.05 2.64 -3.45
CA GLY A 95 -2.52 2.54 -2.09
C GLY A 95 -2.89 3.76 -1.26
N SER A 96 -3.65 3.54 -0.18
CA SER A 96 -4.03 4.59 0.79
C SER A 96 -3.41 4.25 2.16
N SER A 97 -2.49 5.09 2.64
CA SER A 97 -1.80 4.88 3.93
C SER A 97 -2.66 5.37 5.10
N GLN A 98 -2.25 5.00 6.32
CA GLN A 98 -2.90 5.42 7.56
C GLN A 98 -2.52 6.87 7.90
N MET A 99 -3.28 7.50 8.80
CA MET A 99 -3.02 8.87 9.26
C MET A 99 -1.79 8.89 10.18
N TYR A 100 -0.79 9.70 9.81
CA TYR A 100 0.46 9.87 10.55
C TYR A 100 0.43 11.17 11.36
N ALA A 101 0.59 11.07 12.69
CA ALA A 101 0.64 12.22 13.62
C ALA A 101 1.84 13.13 13.30
N THR A 102 2.98 12.48 13.00
CA THR A 102 4.21 13.18 12.59
C THR A 102 4.41 13.01 11.07
N ALA A 103 4.69 14.14 10.40
CA ALA A 103 4.87 14.22 8.94
C ALA A 103 6.16 13.48 8.48
N GLN A 104 7.09 13.24 9.43
CA GLN A 104 8.31 12.44 9.19
C GLN A 104 7.93 10.99 8.83
N SER A 105 6.88 10.45 9.49
CA SER A 105 6.43 9.06 9.30
C SER A 105 5.75 8.89 7.92
N ARG A 106 5.17 10.00 7.42
CA ARG A 106 4.52 10.07 6.09
C ARG A 106 5.58 9.92 4.99
N GLU A 107 6.65 10.73 5.07
CA GLU A 107 7.72 10.78 4.05
C GLU A 107 8.65 9.55 4.13
N THR A 108 8.80 8.98 5.34
CA THR A 108 9.48 7.69 5.55
C THR A 108 8.64 6.57 4.92
N GLY A 109 7.31 6.74 4.97
CA GLY A 109 6.37 5.82 4.35
C GLY A 109 6.51 5.76 2.83
N ILE A 110 6.95 6.87 2.20
CA ILE A 110 7.20 6.93 0.74
C ILE A 110 8.37 5.99 0.38
N ALA A 111 9.46 6.14 1.13
CA ALA A 111 10.67 5.32 0.99
C ALA A 111 10.40 3.85 1.35
N SER A 112 9.48 3.64 2.29
CA SER A 112 9.11 2.31 2.78
C SER A 112 8.31 1.56 1.69
N VAL A 113 7.28 2.22 1.10
CA VAL A 113 6.46 1.63 0.00
C VAL A 113 7.30 1.43 -1.26
N LYS A 114 8.35 2.25 -1.42
CA LYS A 114 9.33 2.07 -2.51
C LYS A 114 10.13 0.75 -2.30
N ALA A 115 10.60 0.55 -1.05
CA ALA A 115 11.41 -0.62 -0.67
C ALA A 115 10.56 -1.92 -0.62
N ASN A 116 9.29 -1.75 -0.22
CA ASN A 116 8.32 -2.86 -0.05
C ASN A 116 7.68 -3.21 -1.40
N GLY A 117 7.54 -2.18 -2.25
CA GLY A 117 6.94 -2.33 -3.57
C GLY A 117 7.83 -3.10 -4.54
N THR A 118 9.15 -2.78 -4.47
CA THR A 118 10.17 -3.45 -5.28
C THR A 118 10.59 -4.82 -4.68
N SER A 119 10.05 -5.16 -3.48
CA SER A 119 10.23 -6.48 -2.85
C SER A 119 9.36 -7.53 -3.57
N GLN A 120 8.15 -7.08 -4.03
CA GLN A 120 7.25 -7.83 -4.97
C GLN A 120 6.61 -9.12 -4.36
N THR A 121 7.05 -9.50 -3.16
CA THR A 121 6.71 -10.81 -2.56
C THR A 121 5.30 -10.76 -1.92
N VAL A 122 4.42 -11.68 -2.35
CA VAL A 122 2.99 -11.70 -1.94
C VAL A 122 2.72 -12.83 -0.93
N LYS A 123 2.00 -12.49 0.14
CA LYS A 123 1.51 -13.42 1.16
C LYS A 123 -0.02 -13.51 1.03
N ASP A 124 -0.58 -14.72 1.22
CA ASP A 124 -2.04 -14.92 1.23
C ASP A 124 -2.59 -14.61 2.64
N ASN A 125 -3.38 -13.54 2.76
CA ASN A 125 -4.09 -13.18 4.01
C ASN A 125 -5.63 -13.38 3.80
N THR A 126 -5.97 -14.04 2.68
CA THR A 126 -7.35 -14.43 2.35
C THR A 126 -7.84 -15.57 3.26
N GLY A 127 -9.16 -15.69 3.41
CA GLY A 127 -9.77 -16.62 4.38
C GLY A 127 -10.26 -15.85 5.60
N SER A 128 -9.44 -14.89 6.05
CA SER A 128 -9.80 -13.96 7.12
C SER A 128 -10.85 -12.96 6.58
N ASN A 129 -12.11 -13.15 6.98
CA ASN A 129 -13.27 -12.34 6.52
C ASN A 129 -13.67 -11.31 7.61
N GLY A 14 18.81 -17.67 0.14
CA GLY A 14 17.65 -17.30 0.97
C GLY A 14 18.00 -16.25 2.02
N VAL A 15 18.38 -15.04 1.56
CA VAL A 15 18.68 -13.89 2.42
C VAL A 15 17.38 -13.14 2.77
N ILE A 16 17.38 -12.40 3.89
CA ILE A 16 16.21 -11.62 4.33
C ILE A 16 16.04 -10.35 3.46
N MET A 17 14.81 -9.84 3.41
CA MET A 17 14.43 -8.64 2.65
C MET A 17 13.59 -7.72 3.56
N ALA A 18 13.16 -6.59 3.02
CA ALA A 18 12.38 -5.59 3.76
C ALA A 18 11.02 -5.34 3.08
N GLY A 19 9.93 -5.64 3.82
CA GLY A 19 8.58 -5.31 3.37
C GLY A 19 7.92 -6.39 2.52
N TRP A 20 6.60 -6.57 2.72
CA TRP A 20 5.80 -7.58 2.02
C TRP A 20 4.34 -7.10 1.91
N PHE A 21 3.57 -7.83 1.12
CA PHE A 21 2.13 -7.59 0.91
C PHE A 21 1.32 -8.71 1.58
N GLU A 22 0.36 -8.36 2.43
CA GLU A 22 -0.66 -9.30 2.92
C GLU A 22 -1.87 -9.21 1.99
N LEU A 23 -2.07 -10.25 1.15
CA LEU A 23 -3.22 -10.35 0.27
C LEU A 23 -4.39 -10.96 1.05
N SER A 24 -5.27 -10.10 1.55
CA SER A 24 -6.40 -10.49 2.40
C SER A 24 -7.73 -10.24 1.65
N LYS A 25 -8.84 -10.60 2.30
CA LYS A 25 -10.20 -10.35 1.79
C LYS A 25 -11.13 -9.95 2.95
N SER A 26 -12.21 -9.23 2.60
CA SER A 26 -13.22 -8.78 3.56
C SER A 26 -14.34 -9.82 3.72
N SER A 27 -15.31 -9.51 4.61
CA SER A 27 -16.49 -10.36 4.85
C SER A 27 -17.40 -10.40 3.60
N ASP A 28 -17.28 -9.38 2.75
CA ASP A 28 -17.98 -9.32 1.44
C ASP A 28 -17.09 -9.93 0.31
N ASN A 29 -16.04 -10.68 0.72
CA ASN A 29 -15.09 -11.39 -0.18
C ASN A 29 -14.21 -10.42 -1.00
N GLN A 30 -14.20 -9.14 -0.61
CA GLN A 30 -13.48 -8.07 -1.32
C GLN A 30 -11.95 -8.23 -1.19
N PHE A 31 -11.25 -8.29 -2.34
CA PHE A 31 -9.81 -8.57 -2.40
C PHE A 31 -9.04 -7.26 -2.19
N ARG A 32 -8.24 -7.22 -1.12
CA ARG A 32 -7.45 -6.05 -0.72
C ARG A 32 -6.09 -6.52 -0.18
N PHE A 33 -5.03 -6.08 -0.84
CA PHE A 33 -3.66 -6.29 -0.38
C PHE A 33 -3.23 -5.04 0.42
N VAL A 34 -2.65 -5.26 1.61
CA VAL A 34 -2.03 -4.18 2.40
C VAL A 34 -0.50 -4.36 2.34
N LEU A 35 0.21 -3.25 2.09
CA LEU A 35 1.67 -3.25 2.08
C LEU A 35 2.16 -2.92 3.50
N LYS A 36 2.96 -3.86 4.04
CA LYS A 36 3.66 -3.71 5.32
C LYS A 36 5.16 -3.52 5.06
N ALA A 37 5.83 -2.85 6.01
CA ALA A 37 7.30 -2.79 6.05
C ALA A 37 7.85 -4.07 6.70
N GLY A 38 9.19 -4.17 6.77
CA GLY A 38 9.87 -5.27 7.48
C GLY A 38 9.54 -5.30 8.97
N ASN A 39 9.13 -4.13 9.49
CA ASN A 39 8.69 -3.93 10.90
C ASN A 39 7.36 -4.67 11.20
N GLY A 40 6.62 -5.01 10.11
CA GLY A 40 5.30 -5.63 10.23
C GLY A 40 4.17 -4.62 10.26
N GLU A 41 4.53 -3.32 10.34
CA GLU A 41 3.56 -2.22 10.39
C GLU A 41 3.07 -1.91 8.97
N THR A 42 1.74 -1.71 8.82
CA THR A 42 1.14 -1.37 7.53
C THR A 42 1.47 0.09 7.15
N ILE A 43 2.12 0.22 6.00
CA ILE A 43 2.61 1.51 5.47
C ILE A 43 1.71 2.02 4.32
N LEU A 44 0.89 1.11 3.77
CA LEU A 44 0.00 1.41 2.63
C LEU A 44 -1.16 0.41 2.63
N THR A 45 -2.37 0.87 2.29
CA THR A 45 -3.58 0.01 2.24
C THR A 45 -4.34 0.27 0.94
N SER A 46 -4.38 -0.75 0.05
CA SER A 46 -5.13 -0.67 -1.22
C SER A 46 -6.64 -0.65 -0.97
N GLU A 47 -7.42 -0.28 -2.00
CA GLU A 47 -8.88 -0.25 -1.91
C GLU A 47 -9.48 -1.67 -2.00
N LEU A 48 -10.76 -1.76 -1.64
CA LEU A 48 -11.54 -3.00 -1.72
C LEU A 48 -11.92 -3.24 -3.19
N TYR A 49 -11.38 -4.32 -3.78
CA TYR A 49 -11.70 -4.75 -5.14
C TYR A 49 -12.71 -5.90 -5.08
N THR A 50 -13.62 -5.98 -6.05
CA THR A 50 -14.60 -7.09 -6.14
C THR A 50 -14.05 -8.26 -6.99
N SER A 51 -12.83 -8.08 -7.53
CA SER A 51 -12.17 -9.06 -8.42
C SER A 51 -10.66 -9.12 -8.13
N LYS A 52 -10.12 -10.36 -8.10
CA LYS A 52 -8.68 -10.62 -7.87
C LYS A 52 -7.81 -10.04 -9.01
N THR A 53 -8.39 -9.95 -10.22
CA THR A 53 -7.73 -9.38 -11.41
C THR A 53 -7.38 -7.89 -11.19
N SER A 54 -8.25 -7.18 -10.45
CA SER A 54 -8.09 -5.75 -10.14
C SER A 54 -7.01 -5.54 -9.06
N ALA A 55 -6.90 -6.53 -8.14
CA ALA A 55 -5.85 -6.58 -7.11
C ALA A 55 -4.48 -6.93 -7.75
N GLU A 56 -4.52 -7.74 -8.82
CA GLU A 56 -3.33 -8.15 -9.60
C GLU A 56 -2.73 -6.93 -10.34
N LYS A 57 -3.62 -6.19 -11.03
CA LYS A 57 -3.25 -4.95 -11.73
C LYS A 57 -2.85 -3.86 -10.71
N GLY A 58 -3.56 -3.87 -9.57
CA GLY A 58 -3.34 -2.91 -8.49
C GLY A 58 -1.94 -2.97 -7.93
N ILE A 59 -1.46 -4.19 -7.61
CA ILE A 59 -0.11 -4.38 -7.04
C ILE A 59 0.99 -4.19 -8.10
N ALA A 60 0.66 -4.55 -9.37
CA ALA A 60 1.54 -4.27 -10.52
C ALA A 60 1.79 -2.76 -10.66
N SER A 61 0.72 -1.99 -10.40
CA SER A 61 0.74 -0.53 -10.46
C SER A 61 1.52 0.07 -9.27
N VAL A 62 1.24 -0.39 -8.01
CA VAL A 62 1.90 0.18 -6.80
C VAL A 62 3.42 -0.06 -6.85
N ARG A 63 3.82 -1.23 -7.42
CA ARG A 63 5.22 -1.62 -7.58
C ARG A 63 5.94 -0.70 -8.58
N SER A 64 5.24 -0.45 -9.71
CA SER A 64 5.71 0.45 -10.77
C SER A 64 5.76 1.92 -10.29
N ASN A 65 4.86 2.24 -9.33
CA ASN A 65 4.70 3.59 -8.78
C ASN A 65 5.40 3.75 -7.41
N SER A 66 6.11 2.69 -6.95
CA SER A 66 6.96 2.77 -5.74
C SER A 66 8.12 3.80 -5.94
N PRO A 67 8.96 3.72 -7.06
CA PRO A 67 10.01 4.74 -7.31
C PRO A 67 9.39 6.11 -7.69
N GLN A 68 8.11 6.09 -8.12
CA GLN A 68 7.38 7.28 -8.57
C GLN A 68 6.82 8.04 -7.33
N GLU A 69 7.75 8.76 -6.67
CA GLU A 69 7.45 9.59 -5.49
C GLU A 69 6.56 10.79 -5.83
N GLU A 70 6.55 11.17 -7.12
CA GLU A 70 5.67 12.21 -7.66
C GLU A 70 4.21 11.72 -7.77
N ARG A 71 4.04 10.39 -8.03
CA ARG A 71 2.72 9.79 -8.35
C ARG A 71 1.85 9.62 -7.09
N TYR A 72 2.49 9.52 -5.91
CA TYR A 72 1.78 9.53 -4.63
C TYR A 72 2.03 10.85 -3.89
N GLU A 73 0.93 11.44 -3.39
CA GLU A 73 0.93 12.76 -2.77
C GLU A 73 1.01 12.63 -1.25
N LYS A 74 2.09 13.15 -0.66
CA LYS A 74 2.18 13.32 0.79
C LYS A 74 1.24 14.47 1.20
N LYS A 75 0.10 14.10 1.78
CA LYS A 75 -1.03 15.01 2.03
C LYS A 75 -1.33 15.08 3.54
N THR A 76 -1.88 16.22 3.99
CA THR A 76 -2.28 16.43 5.37
C THR A 76 -3.82 16.39 5.47
N ALA A 77 -4.34 15.50 6.33
CA ALA A 77 -5.76 15.37 6.65
C ALA A 77 -6.29 16.60 7.42
N SER A 78 -7.64 16.70 7.50
CA SER A 78 -8.35 17.78 8.23
C SER A 78 -8.09 17.72 9.76
N ASN A 79 -7.58 16.55 10.24
CA ASN A 79 -7.22 16.33 11.65
C ASN A 79 -5.73 16.71 11.92
N GLY A 80 -5.08 17.35 10.92
CA GLY A 80 -3.68 17.79 11.02
C GLY A 80 -2.66 16.64 10.93
N LYS A 81 -3.17 15.44 10.63
CA LYS A 81 -2.38 14.20 10.55
C LYS A 81 -1.82 14.01 9.13
N PHE A 82 -0.68 13.33 9.02
CA PHE A 82 0.09 13.22 7.76
C PHE A 82 0.01 11.80 7.18
N TYR A 83 -0.39 11.71 5.91
CA TYR A 83 -0.57 10.44 5.18
C TYR A 83 -0.16 10.66 3.72
N PHE A 84 -0.23 9.61 2.92
CA PHE A 84 0.05 9.68 1.48
C PHE A 84 -0.86 8.69 0.75
N ASN A 85 -1.46 9.15 -0.36
CA ASN A 85 -2.34 8.32 -1.21
C ASN A 85 -1.71 8.17 -2.60
N LEU A 86 -1.91 7.01 -3.23
CA LEU A 86 -1.27 6.65 -4.51
C LEU A 86 -2.33 6.42 -5.59
N LYS A 87 -2.24 7.23 -6.66
CA LYS A 87 -3.11 7.16 -7.83
C LYS A 87 -2.52 6.25 -8.92
N ALA A 88 -3.41 5.63 -9.68
CA ALA A 88 -3.08 4.86 -10.89
C ALA A 88 -3.52 5.64 -12.14
N ALA A 89 -3.20 5.08 -13.32
CA ALA A 89 -3.62 5.64 -14.63
C ALA A 89 -5.16 5.72 -14.75
N ASN A 90 -5.86 4.82 -14.04
CA ASN A 90 -7.33 4.74 -14.05
C ASN A 90 -7.98 5.77 -13.11
N HIS A 91 -7.15 6.66 -12.52
CA HIS A 91 -7.59 7.70 -11.53
C HIS A 91 -8.09 7.07 -10.21
N GLN A 92 -7.82 5.77 -10.05
CA GLN A 92 -8.23 4.99 -8.88
C GLN A 92 -7.10 4.96 -7.85
N ILE A 93 -7.45 4.79 -6.56
CA ILE A 93 -6.47 4.56 -5.51
C ILE A 93 -6.10 3.07 -5.51
N ILE A 94 -4.81 2.82 -5.75
CA ILE A 94 -4.20 1.48 -5.69
C ILE A 94 -3.52 1.26 -4.33
N GLY A 95 -3.42 2.35 -3.53
CA GLY A 95 -2.87 2.29 -2.19
C GLY A 95 -2.91 3.63 -1.48
N SER A 96 -3.76 3.76 -0.45
CA SER A 96 -3.80 4.93 0.43
C SER A 96 -3.38 4.51 1.84
N SER A 97 -2.46 5.28 2.44
CA SER A 97 -1.96 5.04 3.80
C SER A 97 -2.88 5.70 4.84
N GLN A 98 -2.83 5.19 6.08
CA GLN A 98 -3.60 5.75 7.21
C GLN A 98 -2.89 7.01 7.73
N MET A 99 -3.67 7.97 8.25
CA MET A 99 -3.12 9.26 8.68
C MET A 99 -2.33 9.10 10.01
N TYR A 100 -1.03 9.40 9.93
CA TYR A 100 -0.07 9.26 11.05
C TYR A 100 0.00 10.54 11.89
N ALA A 101 0.49 10.40 13.14
CA ALA A 101 0.64 11.54 14.07
C ALA A 101 1.84 12.42 13.70
N THR A 102 3.01 11.77 13.54
CA THR A 102 4.29 12.46 13.36
C THR A 102 4.53 12.80 11.88
N ALA A 103 5.14 13.98 11.65
CA ALA A 103 5.49 14.49 10.33
C ALA A 103 6.62 13.67 9.68
N GLN A 104 7.46 13.03 10.53
CA GLN A 104 8.56 12.17 10.08
C GLN A 104 8.02 10.89 9.43
N SER A 105 6.90 10.36 9.98
CA SER A 105 6.27 9.10 9.51
C SER A 105 5.66 9.26 8.11
N ARG A 106 5.36 10.51 7.73
CA ARG A 106 4.94 10.87 6.38
C ARG A 106 6.06 10.53 5.38
N GLU A 107 7.26 11.10 5.62
CA GLU A 107 8.44 10.98 4.74
C GLU A 107 9.06 9.58 4.82
N THR A 108 8.99 8.97 6.02
CA THR A 108 9.48 7.60 6.27
C THR A 108 8.61 6.59 5.50
N GLY A 109 7.30 6.90 5.42
CA GLY A 109 6.35 6.10 4.67
C GLY A 109 6.53 6.23 3.16
N ILE A 110 6.89 7.45 2.70
CA ILE A 110 7.26 7.72 1.30
C ILE A 110 8.44 6.80 0.89
N ALA A 111 9.45 6.75 1.77
CA ALA A 111 10.65 5.91 1.59
C ALA A 111 10.30 4.41 1.72
N SER A 112 9.38 4.10 2.63
CA SER A 112 9.01 2.72 2.98
C SER A 112 8.33 2.04 1.79
N VAL A 113 7.28 2.69 1.23
CA VAL A 113 6.54 2.17 0.05
C VAL A 113 7.45 2.13 -1.21
N LYS A 114 8.39 3.07 -1.28
CA LYS A 114 9.34 3.20 -2.40
C LYS A 114 10.25 1.95 -2.54
N ALA A 115 10.69 1.43 -1.39
CA ALA A 115 11.60 0.26 -1.32
C ALA A 115 10.80 -1.06 -1.21
N ASN A 116 9.77 -1.06 -0.34
CA ASN A 116 9.01 -2.28 0.04
C ASN A 116 7.90 -2.61 -0.97
N GLY A 117 7.52 -1.61 -1.79
CA GLY A 117 6.49 -1.78 -2.81
C GLY A 117 6.96 -2.57 -4.01
N THR A 118 8.28 -2.49 -4.28
CA THR A 118 8.91 -3.18 -5.41
C THR A 118 9.06 -4.70 -5.18
N SER A 119 8.76 -5.17 -3.93
CA SER A 119 8.90 -6.59 -3.55
C SER A 119 7.85 -7.47 -4.26
N GLN A 120 6.58 -6.97 -4.30
CA GLN A 120 5.40 -7.67 -4.89
C GLN A 120 5.08 -9.01 -4.16
N THR A 121 5.70 -9.22 -2.98
CA THR A 121 5.68 -10.52 -2.28
C THR A 121 4.36 -10.71 -1.50
N VAL A 122 3.34 -11.28 -2.18
CA VAL A 122 2.00 -11.48 -1.59
C VAL A 122 1.91 -12.79 -0.79
N LYS A 123 1.75 -12.63 0.53
CA LYS A 123 1.32 -13.68 1.43
C LYS A 123 -0.21 -13.73 1.36
N ASP A 124 -0.76 -14.72 0.62
CA ASP A 124 -2.22 -14.84 0.45
C ASP A 124 -2.87 -15.32 1.76
N ASN A 125 -3.35 -14.32 2.52
CA ASN A 125 -4.07 -14.52 3.78
C ASN A 125 -5.59 -14.60 3.50
N THR A 126 -5.94 -14.63 2.19
CA THR A 126 -7.30 -14.84 1.70
C THR A 126 -7.84 -16.22 2.16
N GLY A 127 -8.49 -16.23 3.35
CA GLY A 127 -9.08 -17.43 3.91
C GLY A 127 -8.05 -18.38 4.49
N SER A 128 -7.19 -17.85 5.37
CA SER A 128 -6.24 -18.65 6.16
C SER A 128 -6.92 -19.14 7.46
N ASN A 129 -6.15 -19.79 8.35
CA ASN A 129 -6.64 -20.18 9.69
C ASN A 129 -6.89 -18.92 10.55
N GLY A 14 19.30 -17.38 6.26
CA GLY A 14 19.99 -16.58 5.23
C GLY A 14 19.64 -15.10 5.33
N VAL A 15 19.64 -14.40 4.18
CA VAL A 15 19.23 -12.97 4.08
C VAL A 15 17.74 -12.80 4.44
N ILE A 16 17.45 -11.94 5.43
CA ILE A 16 16.09 -11.76 5.97
C ILE A 16 15.26 -10.81 5.06
N MET A 17 13.97 -11.16 4.87
CA MET A 17 13.04 -10.40 4.03
C MET A 17 12.26 -9.41 4.91
N ALA A 18 12.75 -8.17 4.96
CA ALA A 18 12.17 -7.10 5.77
C ALA A 18 11.12 -6.34 4.93
N GLY A 19 9.87 -6.82 4.99
CA GLY A 19 8.75 -6.22 4.24
C GLY A 19 8.13 -7.20 3.26
N TRP A 20 6.77 -7.22 3.22
CA TRP A 20 5.99 -8.14 2.39
C TRP A 20 4.57 -7.60 2.18
N PHE A 21 3.86 -8.17 1.20
CA PHE A 21 2.43 -7.89 0.94
C PHE A 21 1.58 -9.07 1.44
N GLU A 22 0.32 -8.78 1.77
CA GLU A 22 -0.72 -9.79 2.05
C GLU A 22 -2.03 -9.39 1.36
N LEU A 23 -2.49 -10.24 0.43
CA LEU A 23 -3.76 -10.07 -0.27
C LEU A 23 -4.89 -10.60 0.64
N SER A 24 -5.66 -9.67 1.20
CA SER A 24 -6.65 -9.95 2.25
C SER A 24 -8.05 -9.42 1.86
N LYS A 25 -9.08 -10.23 2.09
CA LYS A 25 -10.49 -9.85 1.87
C LYS A 25 -11.08 -9.33 3.19
N SER A 26 -11.85 -8.25 3.11
CA SER A 26 -12.47 -7.58 4.27
C SER A 26 -13.90 -8.09 4.52
N SER A 27 -14.58 -7.48 5.52
CA SER A 27 -16.01 -7.77 5.81
C SER A 27 -16.91 -7.27 4.67
N ASP A 28 -16.34 -6.38 3.81
CA ASP A 28 -16.99 -5.88 2.59
C ASP A 28 -17.14 -6.98 1.51
N ASN A 29 -16.45 -8.13 1.72
CA ASN A 29 -16.31 -9.24 0.73
C ASN A 29 -15.43 -8.79 -0.46
N GLN A 30 -14.72 -7.65 -0.28
CA GLN A 30 -13.88 -7.04 -1.32
C GLN A 30 -12.39 -7.22 -0.98
N PHE A 31 -11.56 -7.29 -2.02
CA PHE A 31 -10.14 -7.68 -1.91
C PHE A 31 -9.24 -6.43 -1.94
N ARG A 32 -8.33 -6.33 -0.96
CA ARG A 32 -7.31 -5.28 -0.89
C ARG A 32 -6.02 -5.85 -0.33
N PHE A 33 -4.88 -5.46 -0.91
CA PHE A 33 -3.55 -5.89 -0.45
C PHE A 33 -2.99 -4.86 0.53
N VAL A 34 -2.40 -5.34 1.62
CA VAL A 34 -1.72 -4.51 2.62
C VAL A 34 -0.20 -4.73 2.49
N LEU A 35 0.56 -3.64 2.45
CA LEU A 35 2.03 -3.68 2.45
C LEU A 35 2.52 -3.45 3.87
N LYS A 36 3.16 -4.47 4.43
CA LYS A 36 3.76 -4.45 5.77
C LYS A 36 5.28 -4.31 5.68
N ALA A 37 5.87 -3.74 6.74
CA ALA A 37 7.33 -3.62 6.90
C ALA A 37 7.88 -4.87 7.64
N GLY A 38 9.20 -4.84 7.95
CA GLY A 38 9.87 -5.97 8.60
C GLY A 38 9.33 -6.31 9.99
N ASN A 39 8.80 -5.29 10.69
CA ASN A 39 8.15 -5.44 12.01
C ASN A 39 6.77 -6.13 11.88
N GLY A 40 6.19 -6.06 10.67
CA GLY A 40 4.82 -6.52 10.41
C GLY A 40 3.80 -5.39 10.48
N GLU A 41 4.32 -4.15 10.61
CA GLU A 41 3.51 -2.93 10.66
C GLU A 41 3.11 -2.50 9.24
N THR A 42 1.80 -2.41 8.97
CA THR A 42 1.28 -2.00 7.68
C THR A 42 1.57 -0.49 7.43
N ILE A 43 2.29 -0.22 6.34
CA ILE A 43 2.70 1.14 5.92
C ILE A 43 1.77 1.66 4.80
N LEU A 44 1.12 0.74 4.08
CA LEU A 44 0.24 1.06 2.93
C LEU A 44 -0.93 0.06 2.88
N THR A 45 -2.14 0.55 2.58
CA THR A 45 -3.33 -0.30 2.37
C THR A 45 -4.09 0.19 1.14
N SER A 46 -4.32 -0.71 0.18
CA SER A 46 -5.05 -0.38 -1.05
C SER A 46 -6.58 -0.33 -0.80
N GLU A 47 -7.33 0.17 -1.80
CA GLU A 47 -8.80 0.27 -1.73
C GLU A 47 -9.47 -1.09 -1.89
N LEU A 48 -10.74 -1.16 -1.46
CA LEU A 48 -11.59 -2.33 -1.63
C LEU A 48 -11.90 -2.51 -3.13
N TYR A 49 -11.34 -3.58 -3.72
CA TYR A 49 -11.56 -3.94 -5.14
C TYR A 49 -12.64 -5.03 -5.24
N THR A 50 -13.35 -5.03 -6.36
CA THR A 50 -14.38 -6.05 -6.64
C THR A 50 -13.74 -7.44 -6.90
N SER A 51 -12.45 -7.45 -7.29
CA SER A 51 -11.72 -8.67 -7.64
C SER A 51 -10.27 -8.60 -7.15
N LYS A 52 -9.67 -9.78 -6.90
CA LYS A 52 -8.25 -9.91 -6.52
C LYS A 52 -7.33 -9.57 -7.70
N THR A 53 -7.87 -9.77 -8.93
CA THR A 53 -7.15 -9.45 -10.18
C THR A 53 -6.83 -7.94 -10.25
N SER A 54 -7.80 -7.12 -9.80
CA SER A 54 -7.68 -5.65 -9.72
C SER A 54 -6.61 -5.23 -8.68
N ALA A 55 -6.50 -6.03 -7.60
CA ALA A 55 -5.48 -5.83 -6.56
C ALA A 55 -4.08 -6.27 -7.04
N GLU A 56 -4.07 -7.27 -7.94
CA GLU A 56 -2.83 -7.78 -8.57
C GLU A 56 -2.30 -6.77 -9.62
N LYS A 57 -3.25 -6.07 -10.28
CA LYS A 57 -2.95 -4.92 -11.13
C LYS A 57 -2.48 -3.74 -10.27
N GLY A 58 -3.04 -3.66 -9.04
CA GLY A 58 -2.71 -2.64 -8.06
C GLY A 58 -1.25 -2.66 -7.65
N ILE A 59 -0.74 -3.86 -7.28
CA ILE A 59 0.68 -4.01 -6.88
C ILE A 59 1.61 -3.83 -8.11
N ALA A 60 1.17 -4.29 -9.29
CA ALA A 60 1.90 -4.09 -10.56
C ALA A 60 2.11 -2.59 -10.83
N SER A 61 1.08 -1.80 -10.46
CA SER A 61 1.10 -0.34 -10.58
C SER A 61 1.97 0.32 -9.48
N VAL A 62 1.87 -0.12 -8.19
CA VAL A 62 2.66 0.50 -7.08
C VAL A 62 4.17 0.31 -7.33
N ARG A 63 4.51 -0.83 -7.96
CA ARG A 63 5.88 -1.20 -8.32
C ARG A 63 6.38 -0.25 -9.42
N SER A 64 5.55 -0.11 -10.48
CA SER A 64 5.86 0.71 -11.66
C SER A 64 5.97 2.21 -11.28
N ASN A 65 5.19 2.62 -10.25
CA ASN A 65 5.11 4.01 -9.78
C ASN A 65 5.83 4.21 -8.43
N SER A 66 6.69 3.25 -8.04
CA SER A 66 7.61 3.41 -6.89
C SER A 66 8.57 4.63 -7.11
N PRO A 67 9.34 4.73 -8.28
CA PRO A 67 10.26 5.88 -8.52
C PRO A 67 9.50 7.16 -8.96
N GLN A 68 8.18 7.03 -9.18
CA GLN A 68 7.33 8.12 -9.63
C GLN A 68 6.65 8.76 -8.40
N GLU A 69 7.41 9.65 -7.73
CA GLU A 69 6.98 10.36 -6.50
C GLU A 69 5.75 11.26 -6.74
N GLU A 70 5.57 11.67 -8.00
CA GLU A 70 4.41 12.47 -8.45
C GLU A 70 3.07 11.73 -8.19
N ARG A 71 3.13 10.38 -8.23
CA ARG A 71 1.94 9.52 -8.08
C ARG A 71 1.48 9.43 -6.61
N TYR A 72 2.43 9.67 -5.68
CA TYR A 72 2.17 9.74 -4.24
C TYR A 72 1.60 11.14 -3.91
N GLU A 73 0.27 11.22 -3.65
CA GLU A 73 -0.40 12.48 -3.27
C GLU A 73 -0.53 12.57 -1.75
N LYS A 74 0.26 13.47 -1.13
CA LYS A 74 0.25 13.69 0.31
C LYS A 74 -0.97 14.55 0.70
N LYS A 75 -1.85 13.97 1.53
CA LYS A 75 -3.09 14.61 2.00
C LYS A 75 -3.09 14.71 3.54
N THR A 76 -3.61 15.83 4.07
CA THR A 76 -3.75 16.02 5.51
C THR A 76 -5.18 15.61 5.93
N ALA A 77 -5.27 14.51 6.69
CA ALA A 77 -6.55 13.98 7.23
C ALA A 77 -7.27 15.01 8.12
N SER A 78 -8.60 14.87 8.24
CA SER A 78 -9.46 15.77 9.05
C SER A 78 -9.10 15.67 10.56
N ASN A 79 -8.37 14.58 10.92
CA ASN A 79 -7.82 14.35 12.26
C ASN A 79 -6.54 15.20 12.52
N GLY A 80 -6.17 16.07 11.54
CA GLY A 80 -4.96 16.89 11.61
C GLY A 80 -3.70 16.11 11.19
N LYS A 81 -3.89 14.82 10.85
CA LYS A 81 -2.79 13.87 10.59
C LYS A 81 -2.34 13.93 9.12
N PHE A 82 -1.17 13.35 8.83
CA PHE A 82 -0.59 13.32 7.48
C PHE A 82 -0.55 11.89 6.95
N TYR A 83 -1.07 11.68 5.74
CA TYR A 83 -1.05 10.38 5.03
C TYR A 83 -0.86 10.66 3.54
N PHE A 84 -0.74 9.60 2.73
CA PHE A 84 -0.57 9.72 1.27
C PHE A 84 -1.35 8.63 0.55
N ASN A 85 -2.01 8.99 -0.55
CA ASN A 85 -2.64 8.03 -1.48
C ASN A 85 -1.69 7.83 -2.68
N LEU A 86 -1.97 6.79 -3.46
CA LEU A 86 -1.15 6.39 -4.62
C LEU A 86 -2.13 6.10 -5.77
N LYS A 87 -1.97 6.82 -6.89
CA LYS A 87 -2.88 6.71 -8.06
C LYS A 87 -2.34 5.74 -9.11
N ALA A 88 -3.16 5.49 -10.13
CA ALA A 88 -2.84 4.60 -11.25
C ALA A 88 -3.25 5.23 -12.59
N ALA A 89 -2.89 4.54 -13.68
CA ALA A 89 -3.24 4.94 -15.06
C ALA A 89 -4.77 4.85 -15.29
N ASN A 90 -5.42 3.95 -14.54
CA ASN A 90 -6.89 3.73 -14.62
C ASN A 90 -7.65 4.72 -13.69
N HIS A 91 -6.90 5.69 -13.09
CA HIS A 91 -7.44 6.70 -12.14
C HIS A 91 -7.86 6.07 -10.79
N GLN A 92 -7.55 4.77 -10.61
CA GLN A 92 -7.84 4.02 -9.38
C GLN A 92 -6.75 4.25 -8.33
N ILE A 93 -7.17 4.33 -7.05
CA ILE A 93 -6.25 4.44 -5.92
C ILE A 93 -5.72 3.02 -5.59
N ILE A 94 -4.43 2.80 -5.88
CA ILE A 94 -3.76 1.51 -5.69
C ILE A 94 -3.09 1.39 -4.31
N GLY A 95 -3.20 2.45 -3.50
CA GLY A 95 -2.64 2.46 -2.15
C GLY A 95 -3.01 3.72 -1.41
N SER A 96 -3.17 3.61 -0.09
CA SER A 96 -3.48 4.74 0.79
C SER A 96 -2.98 4.43 2.20
N SER A 97 -2.22 5.36 2.78
CA SER A 97 -1.75 5.25 4.16
C SER A 97 -2.87 5.72 5.11
N GLN A 98 -2.76 5.34 6.38
CA GLN A 98 -3.82 5.56 7.37
C GLN A 98 -3.73 6.98 7.95
N MET A 99 -2.80 7.20 8.90
CA MET A 99 -2.62 8.49 9.59
C MET A 99 -1.30 8.48 10.38
N TYR A 100 -0.41 9.44 10.06
CA TYR A 100 0.85 9.67 10.80
C TYR A 100 0.70 10.91 11.70
N ALA A 101 1.02 10.74 12.99
CA ALA A 101 1.03 11.86 13.97
C ALA A 101 2.16 12.84 13.61
N THR A 102 3.40 12.30 13.57
CA THR A 102 4.58 13.04 13.14
C THR A 102 4.71 12.98 11.59
N ALA A 103 4.81 14.15 10.95
CA ALA A 103 4.86 14.28 9.47
C ALA A 103 6.17 13.70 8.89
N GLN A 104 7.19 13.50 9.76
CA GLN A 104 8.45 12.82 9.39
C GLN A 104 8.21 11.34 9.02
N SER A 105 7.18 10.73 9.64
CA SER A 105 6.79 9.33 9.39
C SER A 105 6.09 9.19 8.03
N ARG A 106 5.53 10.31 7.54
CA ARG A 106 4.93 10.40 6.19
C ARG A 106 6.06 10.40 5.14
N GLU A 107 7.16 11.12 5.44
CA GLU A 107 8.37 11.17 4.59
C GLU A 107 9.00 9.76 4.49
N THR A 108 9.20 9.14 5.65
CA THR A 108 9.76 7.78 5.76
C THR A 108 8.78 6.76 5.14
N GLY A 109 7.48 7.08 5.21
CA GLY A 109 6.42 6.25 4.61
C GLY A 109 6.53 6.17 3.10
N ILE A 110 6.78 7.33 2.44
CA ILE A 110 6.99 7.41 0.99
C ILE A 110 8.15 6.49 0.57
N ALA A 111 9.27 6.61 1.29
CA ALA A 111 10.52 5.87 1.04
C ALA A 111 10.35 4.35 1.30
N SER A 112 9.55 4.01 2.32
CA SER A 112 9.31 2.62 2.75
C SER A 112 8.43 1.88 1.72
N VAL A 113 7.40 2.57 1.23
CA VAL A 113 6.48 2.05 0.20
C VAL A 113 7.20 1.95 -1.17
N LYS A 114 8.12 2.88 -1.42
CA LYS A 114 8.96 2.87 -2.64
C LYS A 114 9.92 1.66 -2.63
N ALA A 115 10.53 1.41 -1.46
CA ALA A 115 11.52 0.34 -1.26
C ALA A 115 10.87 -1.06 -1.33
N ASN A 116 9.72 -1.19 -0.64
CA ASN A 116 8.99 -2.46 -0.54
C ASN A 116 7.90 -2.59 -1.60
N GLY A 117 7.73 -1.54 -2.44
CA GLY A 117 6.80 -1.59 -3.57
C GLY A 117 7.31 -2.48 -4.69
N THR A 118 8.66 -2.56 -4.81
CA THR A 118 9.35 -3.42 -5.81
C THR A 118 9.59 -4.84 -5.27
N SER A 119 9.06 -5.13 -4.07
CA SER A 119 9.15 -6.47 -3.45
C SER A 119 8.05 -7.38 -4.02
N GLN A 120 8.43 -8.37 -4.84
CA GLN A 120 7.50 -9.35 -5.42
C GLN A 120 7.32 -10.50 -4.42
N THR A 121 6.57 -10.20 -3.36
CA THR A 121 6.18 -11.18 -2.33
C THR A 121 4.78 -10.82 -1.80
N VAL A 122 3.75 -11.46 -2.36
CA VAL A 122 2.37 -11.38 -1.83
C VAL A 122 2.05 -12.71 -1.14
N LYS A 123 1.34 -12.64 -0.01
CA LYS A 123 0.78 -13.81 0.65
C LYS A 123 -0.73 -13.80 0.47
N ASP A 124 -1.28 -14.81 -0.21
CA ASP A 124 -2.73 -14.95 -0.38
C ASP A 124 -3.34 -15.33 0.97
N ASN A 125 -3.80 -14.29 1.70
CA ASN A 125 -4.45 -14.43 3.01
C ASN A 125 -5.93 -14.79 2.82
N THR A 126 -6.44 -14.52 1.60
CA THR A 126 -7.81 -14.87 1.18
C THR A 126 -7.99 -16.40 1.17
N GLY A 127 -8.51 -16.94 2.30
CA GLY A 127 -8.66 -18.38 2.50
C GLY A 127 -7.79 -18.89 3.63
N SER A 128 -6.57 -18.32 3.75
CA SER A 128 -5.59 -18.68 4.78
C SER A 128 -6.01 -18.12 6.15
N ASN A 129 -6.43 -19.01 7.05
CA ASN A 129 -6.84 -18.64 8.42
C ASN A 129 -5.63 -18.79 9.37
N GLY A 14 22.83 -6.88 12.08
CA GLY A 14 22.35 -6.41 10.77
C GLY A 14 21.88 -7.57 9.88
N VAL A 15 20.58 -7.88 9.94
CA VAL A 15 19.93 -8.88 9.06
C VAL A 15 19.02 -8.17 8.05
N ILE A 16 18.80 -8.78 6.87
CA ILE A 16 17.95 -8.21 5.82
C ILE A 16 16.52 -8.80 5.90
N MET A 17 15.67 -8.14 6.71
CA MET A 17 14.23 -8.45 6.81
C MET A 17 13.46 -7.65 5.73
N ALA A 18 12.99 -8.38 4.70
CA ALA A 18 12.29 -7.77 3.55
C ALA A 18 10.81 -7.49 3.90
N GLY A 19 10.25 -6.44 3.28
CA GLY A 19 8.84 -6.10 3.43
C GLY A 19 7.96 -6.91 2.49
N TRP A 20 6.75 -7.24 2.95
CA TRP A 20 5.81 -8.11 2.24
C TRP A 20 4.42 -7.46 2.18
N PHE A 21 3.69 -7.81 1.11
CA PHE A 21 2.27 -7.52 0.96
C PHE A 21 1.47 -8.71 1.54
N GLU A 22 0.23 -8.45 1.96
CA GLU A 22 -0.73 -9.49 2.34
C GLU A 22 -2.07 -9.20 1.67
N LEU A 23 -2.58 -10.18 0.92
CA LEU A 23 -3.89 -10.08 0.30
C LEU A 23 -4.92 -10.40 1.38
N SER A 24 -5.51 -9.34 1.93
CA SER A 24 -6.52 -9.39 2.99
C SER A 24 -7.89 -9.03 2.38
N LYS A 25 -8.97 -9.47 3.05
CA LYS A 25 -10.36 -9.23 2.60
C LYS A 25 -11.10 -8.41 3.66
N SER A 26 -12.21 -7.78 3.24
CA SER A 26 -13.10 -7.02 4.15
C SER A 26 -14.51 -7.62 4.10
N SER A 27 -15.44 -7.05 4.92
CA SER A 27 -16.85 -7.50 4.98
C SER A 27 -17.61 -7.10 3.69
N ASP A 28 -16.96 -6.28 2.84
CA ASP A 28 -17.42 -5.94 1.48
C ASP A 28 -17.24 -7.12 0.50
N ASN A 29 -16.60 -8.23 1.01
CA ASN A 29 -16.27 -9.46 0.22
C ASN A 29 -15.01 -9.23 -0.67
N GLN A 30 -14.60 -7.95 -0.82
CA GLN A 30 -13.58 -7.53 -1.78
C GLN A 30 -12.15 -7.69 -1.22
N PHE A 31 -11.19 -7.80 -2.15
CA PHE A 31 -9.78 -8.07 -1.87
C PHE A 31 -8.96 -6.76 -1.85
N ARG A 32 -7.88 -6.75 -1.07
CA ARG A 32 -6.94 -5.62 -1.00
C ARG A 32 -5.57 -6.11 -0.52
N PHE A 33 -4.50 -5.38 -0.84
CA PHE A 33 -3.15 -5.66 -0.33
C PHE A 33 -2.80 -4.67 0.79
N VAL A 34 -2.30 -5.18 1.92
CA VAL A 34 -1.70 -4.34 2.97
C VAL A 34 -0.18 -4.53 2.89
N LEU A 35 0.56 -3.43 2.86
CA LEU A 35 2.01 -3.43 2.74
C LEU A 35 2.60 -3.31 4.15
N LYS A 36 3.18 -4.40 4.64
CA LYS A 36 3.97 -4.40 5.88
C LYS A 36 5.45 -4.30 5.52
N ALA A 37 6.16 -3.36 6.16
CA ALA A 37 7.61 -3.25 6.05
C ALA A 37 8.32 -4.46 6.70
N GLY A 38 9.66 -4.49 6.63
CA GLY A 38 10.46 -5.54 7.31
C GLY A 38 10.28 -5.54 8.84
N ASN A 39 9.77 -4.41 9.36
CA ASN A 39 9.46 -4.20 10.79
C ASN A 39 8.17 -4.96 11.20
N GLY A 40 7.40 -5.42 10.19
CA GLY A 40 6.07 -6.01 10.41
C GLY A 40 4.97 -4.97 10.57
N GLU A 41 5.30 -3.71 10.22
CA GLU A 41 4.41 -2.55 10.40
C GLU A 41 3.69 -2.22 9.08
N THR A 42 2.34 -2.20 9.13
CA THR A 42 1.51 -1.82 7.99
C THR A 42 1.65 -0.30 7.73
N ILE A 43 2.09 0.05 6.52
CA ILE A 43 2.32 1.45 6.09
C ILE A 43 1.26 1.88 5.06
N LEU A 44 0.84 0.94 4.21
CA LEU A 44 -0.01 1.23 3.06
C LEU A 44 -1.11 0.16 2.95
N THR A 45 -2.28 0.52 2.40
CA THR A 45 -3.41 -0.41 2.18
C THR A 45 -4.17 -0.05 0.89
N SER A 46 -4.09 -0.93 -0.13
CA SER A 46 -4.86 -0.81 -1.38
C SER A 46 -6.39 -0.76 -1.10
N GLU A 47 -7.15 -0.17 -2.03
CA GLU A 47 -8.62 -0.13 -1.95
C GLU A 47 -9.24 -1.52 -2.08
N LEU A 48 -10.55 -1.59 -1.80
CA LEU A 48 -11.34 -2.80 -1.96
C LEU A 48 -11.63 -2.99 -3.47
N TYR A 49 -11.02 -4.04 -4.01
CA TYR A 49 -11.13 -4.44 -5.41
C TYR A 49 -12.04 -5.68 -5.52
N THR A 50 -12.97 -5.63 -6.47
CA THR A 50 -14.00 -6.68 -6.67
C THR A 50 -13.37 -8.03 -7.03
N SER A 51 -12.25 -7.97 -7.77
CA SER A 51 -11.53 -9.14 -8.28
C SER A 51 -10.08 -9.11 -7.78
N LYS A 52 -9.46 -10.30 -7.66
CA LYS A 52 -8.05 -10.43 -7.24
C LYS A 52 -7.11 -9.91 -8.34
N THR A 53 -7.57 -9.97 -9.62
CA THR A 53 -6.81 -9.43 -10.77
C THR A 53 -6.81 -7.89 -10.77
N SER A 54 -7.88 -7.29 -10.20
CA SER A 54 -7.97 -5.82 -10.03
C SER A 54 -7.00 -5.35 -8.94
N ALA A 55 -6.80 -6.22 -7.93
CA ALA A 55 -5.79 -6.04 -6.87
C ALA A 55 -4.38 -6.35 -7.40
N GLU A 56 -4.29 -7.34 -8.32
CA GLU A 56 -3.02 -7.84 -8.89
C GLU A 56 -2.34 -6.78 -9.76
N LYS A 57 -3.15 -6.08 -10.57
CA LYS A 57 -2.67 -4.93 -11.36
C LYS A 57 -2.38 -3.74 -10.43
N GLY A 58 -3.08 -3.70 -9.27
CA GLY A 58 -2.89 -2.68 -8.23
C GLY A 58 -1.47 -2.67 -7.68
N ILE A 59 -0.96 -3.85 -7.29
CA ILE A 59 0.42 -4.00 -6.79
C ILE A 59 1.44 -3.83 -7.94
N ALA A 60 1.09 -4.29 -9.15
CA ALA A 60 1.94 -4.11 -10.35
C ALA A 60 2.13 -2.60 -10.66
N SER A 61 1.08 -1.81 -10.38
CA SER A 61 1.09 -0.36 -10.58
C SER A 61 1.89 0.36 -9.47
N VAL A 62 1.75 -0.05 -8.17
CA VAL A 62 2.53 0.58 -7.06
C VAL A 62 4.04 0.30 -7.23
N ARG A 63 4.33 -0.86 -7.81
CA ARG A 63 5.69 -1.35 -8.11
C ARG A 63 6.40 -0.44 -9.11
N SER A 64 5.65 0.02 -10.12
CA SER A 64 6.18 0.87 -11.19
C SER A 64 6.08 2.38 -10.82
N ASN A 65 5.09 2.74 -9.98
CA ASN A 65 4.81 4.15 -9.62
C ASN A 65 5.46 4.55 -8.28
N SER A 66 6.23 3.65 -7.67
CA SER A 66 6.97 3.94 -6.43
C SER A 66 8.15 4.94 -6.64
N PRO A 67 8.98 4.86 -7.77
CA PRO A 67 9.96 5.95 -8.10
C PRO A 67 9.24 7.28 -8.44
N GLN A 68 8.10 7.16 -9.15
CA GLN A 68 7.27 8.31 -9.55
C GLN A 68 6.38 8.75 -8.38
N GLU A 69 6.95 9.53 -7.43
CA GLU A 69 6.16 10.12 -6.32
C GLU A 69 5.16 11.20 -6.81
N GLU A 70 5.31 11.53 -8.10
CA GLU A 70 4.33 12.28 -8.91
C GLU A 70 2.90 11.71 -8.79
N ARG A 71 2.81 10.37 -8.67
CA ARG A 71 1.53 9.63 -8.71
C ARG A 71 0.86 9.56 -7.32
N TYR A 72 1.58 10.00 -6.28
CA TYR A 72 1.07 10.05 -4.89
C TYR A 72 0.38 11.40 -4.65
N GLU A 73 -0.90 11.39 -4.24
CA GLU A 73 -1.60 12.59 -3.78
C GLU A 73 -1.50 12.65 -2.26
N LYS A 74 -0.51 13.42 -1.78
CA LYS A 74 -0.23 13.59 -0.34
C LYS A 74 -1.12 14.72 0.23
N LYS A 75 -1.93 14.38 1.24
CA LYS A 75 -2.95 15.29 1.79
C LYS A 75 -3.07 15.05 3.32
N THR A 76 -3.27 16.15 4.06
CA THR A 76 -3.53 16.10 5.50
C THR A 76 -5.05 16.24 5.76
N ALA A 77 -5.59 15.32 6.57
CA ALA A 77 -7.02 15.30 6.97
C ALA A 77 -7.37 16.47 7.91
N SER A 78 -8.68 16.66 8.17
CA SER A 78 -9.20 17.73 9.06
C SER A 78 -8.73 17.53 10.52
N ASN A 79 -8.52 16.25 10.91
CA ASN A 79 -7.97 15.89 12.25
C ASN A 79 -6.47 16.22 12.37
N GLY A 80 -5.83 16.53 11.23
CA GLY A 80 -4.38 16.74 11.18
C GLY A 80 -3.62 15.44 10.90
N LYS A 81 -4.34 14.43 10.40
CA LYS A 81 -3.78 13.10 10.08
C LYS A 81 -3.15 13.12 8.68
N PHE A 82 -1.86 12.81 8.62
CA PHE A 82 -1.10 12.79 7.35
C PHE A 82 -1.37 11.49 6.60
N TYR A 83 -1.62 11.57 5.30
CA TYR A 83 -1.76 10.40 4.43
C TYR A 83 -1.37 10.75 2.99
N PHE A 84 -1.33 9.72 2.16
CA PHE A 84 -1.15 9.83 0.72
C PHE A 84 -1.93 8.70 0.05
N ASN A 85 -2.52 9.00 -1.10
CA ASN A 85 -3.23 8.02 -1.93
C ASN A 85 -2.51 7.91 -3.29
N LEU A 86 -1.86 6.76 -3.51
CA LEU A 86 -1.13 6.44 -4.74
C LEU A 86 -2.18 6.05 -5.78
N LYS A 87 -2.10 6.69 -6.95
CA LYS A 87 -3.12 6.60 -8.00
C LYS A 87 -2.54 5.90 -9.23
N ALA A 88 -3.38 5.13 -9.92
CA ALA A 88 -3.08 4.51 -11.22
C ALA A 88 -3.50 5.48 -12.35
N ALA A 89 -3.10 5.13 -13.58
CA ALA A 89 -3.50 5.87 -14.79
C ALA A 89 -5.01 5.67 -15.10
N ASN A 90 -5.63 4.70 -14.40
CA ASN A 90 -7.08 4.42 -14.48
C ASN A 90 -7.86 5.18 -13.38
N HIS A 91 -7.13 6.00 -12.57
CA HIS A 91 -7.68 6.73 -11.39
C HIS A 91 -8.09 5.78 -10.24
N GLN A 92 -7.59 4.53 -10.28
CA GLN A 92 -7.75 3.56 -9.18
C GLN A 92 -6.74 3.88 -8.08
N ILE A 93 -7.21 4.03 -6.83
CA ILE A 93 -6.30 4.20 -5.69
C ILE A 93 -5.65 2.83 -5.39
N ILE A 94 -4.46 2.65 -5.93
CA ILE A 94 -3.70 1.39 -5.88
C ILE A 94 -2.99 1.21 -4.52
N GLY A 95 -2.93 2.30 -3.75
CA GLY A 95 -2.41 2.28 -2.39
C GLY A 95 -2.94 3.47 -1.63
N SER A 96 -3.49 3.25 -0.43
CA SER A 96 -4.02 4.32 0.43
C SER A 96 -3.52 4.09 1.85
N SER A 97 -2.65 4.99 2.34
CA SER A 97 -2.15 4.93 3.72
C SER A 97 -3.29 5.30 4.69
N GLN A 98 -3.35 4.58 5.82
CA GLN A 98 -4.50 4.60 6.75
C GLN A 98 -4.68 6.02 7.34
N MET A 99 -3.82 6.39 8.30
CA MET A 99 -3.68 7.76 8.82
C MET A 99 -2.47 7.82 9.75
N TYR A 100 -1.66 8.86 9.57
CA TYR A 100 -0.44 9.09 10.36
C TYR A 100 -0.67 10.22 11.37
N ALA A 101 -0.20 10.03 12.60
CA ALA A 101 -0.24 11.06 13.66
C ALA A 101 1.06 11.88 13.66
N THR A 102 2.16 11.27 13.16
CA THR A 102 3.49 11.87 13.14
C THR A 102 3.95 12.11 11.69
N ALA A 103 4.46 13.31 11.42
CA ALA A 103 5.03 13.69 10.12
C ALA A 103 6.52 13.28 10.02
N GLN A 104 7.16 13.07 11.19
CA GLN A 104 8.60 12.71 11.30
C GLN A 104 8.87 11.29 10.73
N SER A 105 7.89 10.38 10.91
CA SER A 105 8.01 8.98 10.48
C SER A 105 7.93 8.84 8.95
N ARG A 106 7.39 9.88 8.26
CA ARG A 106 7.28 9.94 6.78
C ARG A 106 8.64 9.84 6.07
N GLU A 107 9.71 10.28 6.75
CA GLU A 107 11.10 10.15 6.25
C GLU A 107 11.44 8.66 5.98
N THR A 108 11.14 7.82 6.99
CA THR A 108 11.35 6.36 6.92
C THR A 108 10.25 5.69 6.06
N GLY A 109 9.03 6.26 6.14
CA GLY A 109 7.84 5.68 5.51
C GLY A 109 7.93 5.67 3.99
N ILE A 110 8.24 6.85 3.42
CA ILE A 110 8.36 7.04 1.96
C ILE A 110 9.45 6.12 1.37
N ALA A 111 10.58 6.00 2.08
CA ALA A 111 11.69 5.12 1.70
C ALA A 111 11.24 3.65 1.67
N SER A 112 10.39 3.27 2.65
CA SER A 112 9.86 1.90 2.78
C SER A 112 8.79 1.60 1.70
N VAL A 113 8.03 2.63 1.26
CA VAL A 113 7.01 2.49 0.20
C VAL A 113 7.68 2.33 -1.18
N LYS A 114 8.82 3.02 -1.39
CA LYS A 114 9.62 2.87 -2.61
C LYS A 114 10.34 1.50 -2.65
N ALA A 115 10.99 1.14 -1.54
CA ALA A 115 11.83 -0.07 -1.43
C ALA A 115 10.99 -1.36 -1.45
N ASN A 116 9.96 -1.41 -0.57
CA ASN A 116 9.14 -2.62 -0.37
C ASN A 116 7.86 -2.58 -1.22
N GLY A 117 7.59 -1.43 -1.88
CA GLY A 117 6.46 -1.30 -2.81
C GLY A 117 6.74 -1.94 -4.17
N THR A 118 8.04 -2.10 -4.48
CA THR A 118 8.50 -2.78 -5.70
C THR A 118 8.49 -4.31 -5.55
N SER A 119 8.12 -4.80 -4.35
CA SER A 119 8.07 -6.23 -4.06
C SER A 119 6.83 -6.88 -4.73
N GLN A 120 7.04 -8.05 -5.34
CA GLN A 120 5.94 -8.92 -5.83
C GLN A 120 5.53 -9.93 -4.73
N THR A 121 6.26 -9.89 -3.59
CA THR A 121 6.04 -10.76 -2.45
C THR A 121 4.67 -10.48 -1.80
N VAL A 122 3.69 -11.35 -2.08
CA VAL A 122 2.34 -11.27 -1.50
C VAL A 122 2.08 -12.54 -0.67
N LYS A 123 1.40 -12.37 0.46
CA LYS A 123 1.14 -13.45 1.44
C LYS A 123 -0.38 -13.58 1.60
N ASP A 124 -0.89 -14.82 1.70
CA ASP A 124 -2.34 -15.10 1.76
C ASP A 124 -2.91 -14.79 3.16
N ASN A 125 -3.94 -13.93 3.19
CA ASN A 125 -4.66 -13.57 4.43
C ASN A 125 -6.20 -13.64 4.18
N THR A 126 -6.61 -13.61 2.89
CA THR A 126 -8.01 -13.73 2.44
C THR A 126 -8.60 -15.09 2.84
N GLY A 127 -9.39 -15.09 3.92
CA GLY A 127 -10.03 -16.31 4.43
C GLY A 127 -9.08 -17.19 5.23
N SER A 128 -7.80 -16.78 5.30
CA SER A 128 -6.77 -17.46 6.09
C SER A 128 -6.84 -16.91 7.53
N ASN A 129 -7.90 -17.34 8.23
CA ASN A 129 -8.25 -16.80 9.56
C ASN A 129 -8.41 -17.97 10.54
N GLY A 14 12.83 -20.11 3.79
CA GLY A 14 12.65 -18.70 4.18
C GLY A 14 13.87 -17.84 3.86
N VAL A 15 13.71 -16.88 2.93
CA VAL A 15 14.76 -15.89 2.59
C VAL A 15 14.62 -14.66 3.49
N ILE A 16 15.71 -13.90 3.65
CA ILE A 16 15.69 -12.64 4.41
C ILE A 16 15.23 -11.48 3.51
N MET A 17 14.37 -10.60 4.07
CA MET A 17 13.87 -9.38 3.39
C MET A 17 13.15 -8.50 4.42
N ALA A 18 12.66 -7.35 3.96
CA ALA A 18 11.82 -6.46 4.78
C ALA A 18 10.60 -6.05 3.95
N GLY A 19 9.40 -6.33 4.49
CA GLY A 19 8.15 -5.90 3.89
C GLY A 19 7.51 -6.96 3.02
N TRP A 20 6.23 -7.22 3.29
CA TRP A 20 5.43 -8.21 2.57
C TRP A 20 4.01 -7.65 2.28
N PHE A 21 3.44 -8.09 1.17
CA PHE A 21 2.03 -7.85 0.81
C PHE A 21 1.18 -9.02 1.34
N GLU A 22 -0.07 -8.74 1.74
CA GLU A 22 -1.04 -9.75 2.17
C GLU A 22 -2.39 -9.51 1.50
N LEU A 23 -2.82 -10.46 0.67
CA LEU A 23 -4.11 -10.42 -0.01
C LEU A 23 -5.19 -10.95 0.94
N SER A 24 -5.90 -10.03 1.56
CA SER A 24 -6.99 -10.31 2.50
C SER A 24 -8.33 -9.95 1.85
N LYS A 25 -9.39 -10.69 2.19
CA LYS A 25 -10.76 -10.36 1.75
C LYS A 25 -11.47 -9.55 2.84
N SER A 26 -12.29 -8.59 2.42
CA SER A 26 -13.00 -7.65 3.30
C SER A 26 -14.34 -8.24 3.79
N SER A 27 -15.15 -7.42 4.48
CA SER A 27 -16.53 -7.78 4.85
C SER A 27 -17.43 -7.87 3.58
N ASP A 28 -16.96 -7.23 2.49
CA ASP A 28 -17.61 -7.28 1.16
C ASP A 28 -17.18 -8.54 0.37
N ASN A 29 -16.28 -9.37 0.97
CA ASN A 29 -15.67 -10.57 0.32
C ASN A 29 -14.67 -10.14 -0.81
N GLN A 30 -14.38 -8.83 -0.88
CA GLN A 30 -13.54 -8.25 -1.94
C GLN A 30 -12.05 -8.28 -1.57
N PHE A 31 -11.21 -8.29 -2.60
CA PHE A 31 -9.77 -8.50 -2.49
C PHE A 31 -9.05 -7.15 -2.29
N ARG A 32 -8.26 -7.08 -1.21
CA ARG A 32 -7.51 -5.90 -0.79
C ARG A 32 -6.10 -6.33 -0.35
N PHE A 33 -5.08 -5.65 -0.88
CA PHE A 33 -3.68 -5.84 -0.46
C PHE A 33 -3.34 -4.87 0.67
N VAL A 34 -2.72 -5.40 1.73
CA VAL A 34 -2.08 -4.58 2.78
C VAL A 34 -0.56 -4.83 2.72
N LEU A 35 0.21 -3.74 2.70
CA LEU A 35 1.67 -3.79 2.70
C LEU A 35 2.15 -3.48 4.12
N LYS A 36 2.70 -4.50 4.78
CA LYS A 36 3.35 -4.38 6.08
C LYS A 36 4.86 -4.36 5.87
N ALA A 37 5.57 -3.55 6.68
CA ALA A 37 7.03 -3.58 6.77
C ALA A 37 7.48 -4.90 7.44
N GLY A 38 8.80 -5.13 7.47
CA GLY A 38 9.39 -6.32 8.13
C GLY A 38 9.12 -6.35 9.65
N ASN A 39 8.78 -5.17 10.20
CA ASN A 39 8.40 -5.00 11.62
C ASN A 39 6.95 -5.49 11.91
N GLY A 40 6.23 -5.92 10.85
CA GLY A 40 4.80 -6.27 10.97
C GLY A 40 3.88 -5.05 10.99
N GLU A 41 4.48 -3.88 10.81
CA GLU A 41 3.79 -2.58 10.87
C GLU A 41 3.28 -2.21 9.48
N THR A 42 1.95 -2.17 9.30
CA THR A 42 1.33 -1.77 8.03
C THR A 42 1.71 -0.31 7.69
N ILE A 43 2.20 -0.10 6.46
CA ILE A 43 2.70 1.20 5.98
C ILE A 43 1.82 1.72 4.82
N LEU A 44 1.10 0.80 4.17
CA LEU A 44 0.26 1.09 2.99
C LEU A 44 -0.89 0.08 2.97
N THR A 45 -2.08 0.53 2.54
CA THR A 45 -3.29 -0.32 2.42
C THR A 45 -4.03 0.05 1.12
N SER A 46 -4.05 -0.87 0.15
CA SER A 46 -4.79 -0.72 -1.12
C SER A 46 -6.31 -0.77 -0.86
N GLU A 47 -7.12 -0.37 -1.86
CA GLU A 47 -8.59 -0.34 -1.75
C GLU A 47 -9.25 -1.67 -2.18
N LEU A 48 -10.60 -1.66 -2.26
CA LEU A 48 -11.41 -2.87 -2.50
C LEU A 48 -11.55 -3.16 -4.01
N TYR A 49 -11.06 -4.33 -4.42
CA TYR A 49 -11.22 -4.85 -5.79
C TYR A 49 -12.21 -6.02 -5.78
N THR A 50 -13.17 -6.02 -6.72
CA THR A 50 -14.18 -7.09 -6.83
C THR A 50 -13.50 -8.47 -7.11
N SER A 51 -12.49 -8.43 -7.99
CA SER A 51 -11.70 -9.61 -8.38
C SER A 51 -10.23 -9.39 -8.01
N LYS A 52 -9.51 -10.49 -7.68
CA LYS A 52 -8.07 -10.42 -7.37
C LYS A 52 -7.25 -10.09 -8.62
N THR A 53 -7.79 -10.44 -9.80
CA THR A 53 -7.19 -10.07 -11.11
C THR A 53 -7.00 -8.54 -11.24
N SER A 54 -7.98 -7.79 -10.70
CA SER A 54 -7.93 -6.31 -10.61
C SER A 54 -6.87 -5.86 -9.58
N ALA A 55 -6.79 -6.62 -8.46
CA ALA A 55 -5.83 -6.38 -7.38
C ALA A 55 -4.38 -6.66 -7.84
N GLU A 56 -4.22 -7.58 -8.81
CA GLU A 56 -2.91 -7.88 -9.42
C GLU A 56 -2.43 -6.69 -10.25
N LYS A 57 -3.39 -6.03 -10.95
CA LYS A 57 -3.12 -4.79 -11.68
C LYS A 57 -2.85 -3.63 -10.70
N GLY A 58 -3.49 -3.71 -9.51
CA GLY A 58 -3.32 -2.74 -8.45
C GLY A 58 -1.91 -2.74 -7.86
N ILE A 59 -1.39 -3.94 -7.51
CA ILE A 59 -0.04 -4.09 -6.96
C ILE A 59 1.04 -3.87 -8.04
N ALA A 60 0.71 -4.22 -9.30
CA ALA A 60 1.59 -3.95 -10.46
C ALA A 60 1.73 -2.43 -10.66
N SER A 61 0.62 -1.71 -10.41
CA SER A 61 0.59 -0.26 -10.47
C SER A 61 1.40 0.37 -9.31
N VAL A 62 1.21 -0.10 -8.04
CA VAL A 62 1.90 0.53 -6.86
C VAL A 62 3.44 0.42 -6.98
N ARG A 63 3.91 -0.68 -7.57
CA ARG A 63 5.35 -0.96 -7.74
C ARG A 63 5.91 -0.14 -8.93
N SER A 64 5.05 0.08 -9.96
CA SER A 64 5.37 0.91 -11.14
C SER A 64 5.31 2.42 -10.79
N ASN A 65 4.49 2.75 -9.77
CA ASN A 65 4.23 4.14 -9.32
C ASN A 65 5.09 4.49 -8.10
N SER A 66 5.91 3.53 -7.65
CA SER A 66 6.86 3.73 -6.54
C SER A 66 7.99 4.73 -6.93
N PRO A 67 8.58 4.70 -8.19
CA PRO A 67 9.44 5.81 -8.68
C PRO A 67 8.65 7.10 -9.02
N GLN A 68 7.34 6.96 -9.33
CA GLN A 68 6.48 8.10 -9.72
C GLN A 68 6.02 8.89 -8.47
N GLU A 69 6.82 9.90 -8.10
CA GLU A 69 6.56 10.78 -6.94
C GLU A 69 5.28 11.62 -7.13
N GLU A 70 4.89 11.84 -8.41
CA GLU A 70 3.68 12.58 -8.79
C GLU A 70 2.37 11.81 -8.46
N ARG A 71 2.51 10.50 -8.17
CA ARG A 71 1.36 9.66 -7.77
C ARG A 71 1.20 9.65 -6.23
N TYR A 72 2.30 9.93 -5.50
CA TYR A 72 2.29 10.05 -4.03
C TYR A 72 1.65 11.41 -3.63
N GLU A 73 0.34 11.39 -3.33
CA GLU A 73 -0.45 12.60 -3.03
C GLU A 73 -0.54 12.81 -1.52
N LYS A 74 0.20 13.80 -0.99
CA LYS A 74 0.26 14.07 0.45
C LYS A 74 -0.82 15.09 0.85
N LYS A 75 -1.67 14.69 1.81
CA LYS A 75 -2.71 15.55 2.40
C LYS A 75 -2.64 15.47 3.93
N THR A 76 -3.36 16.37 4.58
CA THR A 76 -3.62 16.30 6.02
C THR A 76 -5.03 15.73 6.23
N ALA A 77 -5.08 14.52 6.80
CA ALA A 77 -6.33 13.84 7.19
C ALA A 77 -7.20 14.69 8.14
N SER A 78 -8.49 14.33 8.27
CA SER A 78 -9.43 14.98 9.21
C SER A 78 -8.98 14.80 10.67
N ASN A 79 -8.13 13.79 10.89
CA ASN A 79 -7.52 13.44 12.19
C ASN A 79 -6.29 14.35 12.51
N GLY A 80 -6.00 15.32 11.61
CA GLY A 80 -4.87 16.24 11.78
C GLY A 80 -3.50 15.61 11.49
N LYS A 81 -3.53 14.48 10.77
CA LYS A 81 -2.32 13.67 10.48
C LYS A 81 -1.89 13.85 9.01
N PHE A 82 -0.61 13.63 8.70
CA PHE A 82 -0.09 13.73 7.32
C PHE A 82 0.14 12.33 6.74
N TYR A 83 -0.39 12.08 5.55
CA TYR A 83 -0.29 10.76 4.88
C TYR A 83 -0.28 10.97 3.35
N PHE A 84 -0.07 9.88 2.59
CA PHE A 84 -0.04 9.92 1.13
C PHE A 84 -0.95 8.85 0.50
N ASN A 85 -1.70 9.25 -0.53
CA ASN A 85 -2.47 8.32 -1.38
C ASN A 85 -1.72 8.15 -2.71
N LEU A 86 -1.26 6.92 -2.97
CA LEU A 86 -0.65 6.55 -4.24
C LEU A 86 -1.79 6.28 -5.23
N LYS A 87 -1.89 7.13 -6.27
CA LYS A 87 -2.97 7.09 -7.28
C LYS A 87 -2.52 6.34 -8.54
N ALA A 88 -3.51 5.96 -9.36
CA ALA A 88 -3.30 5.27 -10.64
C ALA A 88 -3.55 6.21 -11.83
N ALA A 89 -3.29 5.69 -13.04
CA ALA A 89 -3.55 6.39 -14.32
C ALA A 89 -5.06 6.54 -14.57
N ASN A 90 -5.84 5.62 -13.97
CA ASN A 90 -7.32 5.64 -14.00
C ASN A 90 -7.88 6.48 -12.83
N HIS A 91 -7.00 7.24 -12.15
CA HIS A 91 -7.34 8.13 -10.98
C HIS A 91 -7.83 7.31 -9.76
N GLN A 92 -7.58 5.99 -9.76
CA GLN A 92 -7.99 5.07 -8.69
C GLN A 92 -6.98 5.12 -7.52
N ILE A 93 -7.45 4.86 -6.29
CA ILE A 93 -6.57 4.78 -5.13
C ILE A 93 -6.06 3.33 -5.03
N ILE A 94 -4.84 3.11 -5.55
CA ILE A 94 -4.18 1.79 -5.54
C ILE A 94 -3.42 1.57 -4.21
N GLY A 95 -3.30 2.64 -3.42
CA GLY A 95 -2.69 2.58 -2.10
C GLY A 95 -2.98 3.82 -1.27
N SER A 96 -3.68 3.64 -0.15
CA SER A 96 -3.85 4.68 0.87
C SER A 96 -2.93 4.33 2.05
N SER A 97 -1.93 5.19 2.30
CA SER A 97 -0.95 4.98 3.37
C SER A 97 -1.59 5.28 4.74
N GLN A 98 -0.88 4.86 5.78
CA GLN A 98 -1.29 5.08 7.18
C GLN A 98 -1.05 6.54 7.55
N MET A 99 -1.90 7.07 8.43
CA MET A 99 -1.83 8.47 8.84
C MET A 99 -0.62 8.65 9.81
N TYR A 100 0.34 9.49 9.40
CA TYR A 100 1.58 9.74 10.16
C TYR A 100 1.45 11.01 11.01
N ALA A 101 2.36 11.16 12.00
CA ALA A 101 2.37 12.28 12.95
C ALA A 101 2.59 13.62 12.22
N THR A 102 3.66 13.67 11.43
CA THR A 102 4.10 14.85 10.68
C THR A 102 4.32 14.51 9.19
N ALA A 103 4.63 15.55 8.40
CA ALA A 103 5.03 15.40 6.98
C ALA A 103 6.44 14.81 6.86
N GLN A 104 7.22 14.91 7.95
CA GLN A 104 8.58 14.36 8.05
C GLN A 104 8.53 12.83 8.21
N SER A 105 7.61 12.34 9.07
CA SER A 105 7.37 10.90 9.26
C SER A 105 6.72 10.27 8.01
N ARG A 106 6.06 11.12 7.17
CA ARG A 106 5.57 10.71 5.84
C ARG A 106 6.74 10.30 4.93
N GLU A 107 7.86 11.08 4.99
CA GLU A 107 9.05 10.84 4.14
C GLU A 107 9.72 9.50 4.47
N THR A 108 9.69 9.15 5.76
CA THR A 108 10.12 7.84 6.26
C THR A 108 9.19 6.73 5.70
N GLY A 109 7.88 7.08 5.59
CA GLY A 109 6.87 6.19 5.02
C GLY A 109 7.00 6.01 3.51
N ILE A 110 7.49 7.06 2.81
CA ILE A 110 7.78 7.01 1.36
C ILE A 110 8.91 6.00 1.11
N ALA A 111 9.98 6.17 1.90
CA ALA A 111 11.16 5.30 1.89
C ALA A 111 10.79 3.86 2.28
N SER A 112 9.82 3.72 3.21
CA SER A 112 9.37 2.41 3.70
C SER A 112 8.62 1.65 2.58
N VAL A 113 7.59 2.31 1.99
CA VAL A 113 6.77 1.72 0.88
C VAL A 113 7.64 1.42 -0.36
N LYS A 114 8.68 2.23 -0.56
CA LYS A 114 9.63 2.07 -1.67
C LYS A 114 10.50 0.80 -1.48
N ALA A 115 11.11 0.69 -0.28
CA ALA A 115 12.09 -0.37 0.04
C ALA A 115 11.43 -1.71 0.45
N ASN A 116 10.15 -1.65 0.86
CA ASN A 116 9.36 -2.83 1.29
C ASN A 116 8.42 -3.29 0.16
N GLY A 117 7.98 -2.33 -0.66
CA GLY A 117 7.07 -2.61 -1.79
C GLY A 117 7.78 -3.19 -3.01
N THR A 118 9.12 -3.03 -3.05
CA THR A 118 9.96 -3.57 -4.15
C THR A 118 10.08 -5.11 -4.08
N SER A 119 9.69 -5.70 -2.93
CA SER A 119 9.66 -7.16 -2.72
C SER A 119 8.61 -7.81 -3.64
N GLN A 120 7.42 -7.15 -3.72
CA GLN A 120 6.26 -7.58 -4.55
C GLN A 120 5.79 -9.01 -4.15
N THR A 121 6.17 -9.43 -2.92
CA THR A 121 5.93 -10.77 -2.39
C THR A 121 4.59 -10.80 -1.66
N VAL A 122 3.59 -11.42 -2.31
CA VAL A 122 2.21 -11.48 -1.79
C VAL A 122 2.01 -12.73 -0.91
N LYS A 123 1.21 -12.56 0.14
CA LYS A 123 0.77 -13.63 1.04
C LYS A 123 -0.75 -13.73 0.92
N ASP A 124 -1.21 -14.72 0.14
CA ASP A 124 -2.63 -14.94 -0.10
C ASP A 124 -3.30 -15.45 1.19
N ASN A 125 -3.92 -14.51 1.91
CA ASN A 125 -4.56 -14.74 3.22
C ASN A 125 -6.09 -14.97 3.05
N THR A 126 -6.54 -15.09 1.79
CA THR A 126 -7.95 -15.31 1.46
C THR A 126 -8.39 -16.71 1.95
N GLY A 127 -9.34 -16.72 2.90
CA GLY A 127 -9.81 -17.96 3.54
C GLY A 127 -9.42 -18.00 5.01
N SER A 128 -8.14 -17.71 5.28
CA SER A 128 -7.61 -17.63 6.66
C SER A 128 -7.77 -16.19 7.19
N ASN A 129 -9.03 -15.86 7.55
CA ASN A 129 -9.43 -14.50 7.94
C ASN A 129 -8.86 -14.15 9.34
N GLY A 14 23.83 -7.89 -1.58
CA GLY A 14 23.71 -6.60 -0.86
C GLY A 14 22.50 -6.59 0.06
N VAL A 15 21.63 -5.58 -0.12
CA VAL A 15 20.35 -5.47 0.64
C VAL A 15 19.26 -6.33 -0.03
N ILE A 16 18.28 -6.76 0.78
CA ILE A 16 17.11 -7.50 0.29
C ILE A 16 15.86 -6.59 0.31
N MET A 17 14.75 -7.06 -0.30
CA MET A 17 13.47 -6.35 -0.23
C MET A 17 12.86 -6.56 1.16
N ALA A 18 13.12 -5.58 2.04
CA ALA A 18 12.65 -5.59 3.43
C ALA A 18 11.20 -5.07 3.48
N GLY A 19 10.28 -5.91 3.03
CA GLY A 19 8.86 -5.57 2.96
C GLY A 19 8.08 -6.62 2.19
N TRP A 20 6.78 -6.72 2.48
CA TRP A 20 5.87 -7.70 1.86
C TRP A 20 4.44 -7.16 1.91
N PHE A 21 3.55 -7.80 1.16
CA PHE A 21 2.12 -7.44 1.12
C PHE A 21 1.30 -8.55 1.80
N GLU A 22 0.36 -8.16 2.68
CA GLU A 22 -0.70 -9.05 3.16
C GLU A 22 -1.97 -8.76 2.35
N LEU A 23 -2.33 -9.66 1.43
CA LEU A 23 -3.60 -9.59 0.70
C LEU A 23 -4.65 -10.28 1.56
N SER A 24 -5.78 -9.63 1.80
CA SER A 24 -6.84 -10.15 2.67
C SER A 24 -8.21 -9.69 2.16
N LYS A 25 -9.26 -10.31 2.68
CA LYS A 25 -10.64 -10.00 2.31
C LYS A 25 -11.34 -9.30 3.49
N SER A 26 -12.16 -8.31 3.18
CA SER A 26 -12.86 -7.48 4.16
C SER A 26 -14.20 -8.12 4.61
N SER A 27 -15.04 -7.36 5.33
CA SER A 27 -16.34 -7.82 5.85
C SER A 27 -17.30 -8.28 4.72
N ASP A 28 -17.12 -7.70 3.53
CA ASP A 28 -17.93 -8.00 2.33
C ASP A 28 -17.15 -8.95 1.37
N ASN A 29 -16.06 -9.55 1.88
CA ASN A 29 -15.10 -10.38 1.10
C ASN A 29 -14.40 -9.57 -0.02
N GLN A 30 -14.44 -8.22 0.10
CA GLN A 30 -13.79 -7.29 -0.85
C GLN A 30 -12.26 -7.35 -0.67
N PHE A 31 -11.56 -7.28 -1.80
CA PHE A 31 -10.14 -7.63 -1.88
C PHE A 31 -9.28 -6.38 -1.61
N ARG A 32 -8.52 -6.42 -0.51
CA ARG A 32 -7.75 -5.30 0.02
C ARG A 32 -6.40 -5.82 0.52
N PHE A 33 -5.28 -5.33 -0.04
CA PHE A 33 -3.94 -5.70 0.41
C PHE A 33 -3.27 -4.52 1.12
N VAL A 34 -2.58 -4.82 2.24
CA VAL A 34 -1.79 -3.84 2.98
C VAL A 34 -0.29 -4.15 2.75
N LEU A 35 0.48 -3.11 2.43
CA LEU A 35 1.94 -3.19 2.33
C LEU A 35 2.53 -2.91 3.72
N LYS A 36 3.25 -3.90 4.23
CA LYS A 36 4.03 -3.81 5.47
C LYS A 36 5.51 -3.72 5.12
N ALA A 37 6.23 -2.87 5.85
CA ALA A 37 7.69 -2.74 5.75
C ALA A 37 8.39 -3.95 6.41
N GLY A 38 9.74 -3.98 6.36
CA GLY A 38 10.54 -4.99 7.06
C GLY A 38 10.47 -4.86 8.57
N ASN A 39 10.00 -3.68 9.02
CA ASN A 39 9.68 -3.40 10.42
C ASN A 39 8.44 -4.23 10.87
N GLY A 40 7.61 -4.64 9.89
CA GLY A 40 6.35 -5.36 10.14
C GLY A 40 5.15 -4.42 10.19
N GLU A 41 5.41 -3.11 10.15
CA GLU A 41 4.40 -2.05 10.31
C GLU A 41 3.81 -1.66 8.93
N THR A 42 2.49 -1.46 8.88
CA THR A 42 1.77 -1.06 7.66
C THR A 42 2.13 0.39 7.26
N ILE A 43 2.61 0.53 6.02
CA ILE A 43 3.04 1.83 5.43
C ILE A 43 2.09 2.26 4.30
N LEU A 44 1.33 1.30 3.75
CA LEU A 44 0.48 1.50 2.57
C LEU A 44 -0.65 0.45 2.58
N THR A 45 -1.77 0.77 1.93
CA THR A 45 -2.99 -0.05 1.87
C THR A 45 -3.77 0.35 0.61
N SER A 46 -4.17 -0.61 -0.23
CA SER A 46 -4.90 -0.32 -1.48
C SER A 46 -6.37 0.11 -1.20
N GLU A 47 -7.19 0.22 -2.26
CA GLU A 47 -8.66 0.31 -2.12
C GLU A 47 -9.31 -1.08 -2.17
N LEU A 48 -10.65 -1.12 -2.02
CA LEU A 48 -11.44 -2.34 -2.17
C LEU A 48 -11.62 -2.67 -3.67
N TYR A 49 -11.02 -3.77 -4.07
CA TYR A 49 -11.22 -4.37 -5.40
C TYR A 49 -12.39 -5.36 -5.33
N THR A 50 -13.21 -5.36 -6.39
CA THR A 50 -14.34 -6.30 -6.52
C THR A 50 -13.86 -7.67 -7.06
N SER A 51 -12.60 -7.71 -7.55
CA SER A 51 -11.95 -8.93 -8.08
C SER A 51 -10.51 -9.05 -7.53
N LYS A 52 -10.15 -10.27 -7.10
CA LYS A 52 -8.78 -10.60 -6.63
C LYS A 52 -7.74 -10.44 -7.75
N THR A 53 -8.20 -10.60 -9.01
CA THR A 53 -7.38 -10.39 -10.21
C THR A 53 -7.08 -8.90 -10.41
N SER A 54 -8.01 -8.02 -10.01
CA SER A 54 -7.80 -6.55 -10.00
C SER A 54 -6.79 -6.16 -8.89
N ALA A 55 -6.75 -6.98 -7.81
CA ALA A 55 -5.82 -6.78 -6.68
C ALA A 55 -4.38 -7.14 -7.06
N GLU A 56 -4.20 -8.20 -7.88
CA GLU A 56 -2.86 -8.60 -8.37
C GLU A 56 -2.37 -7.62 -9.47
N LYS A 57 -3.32 -7.03 -10.22
CA LYS A 57 -3.04 -5.86 -11.09
C LYS A 57 -2.61 -4.65 -10.24
N GLY A 58 -3.25 -4.52 -9.06
CA GLY A 58 -2.99 -3.41 -8.14
C GLY A 58 -1.57 -3.38 -7.59
N ILE A 59 -1.07 -4.55 -7.11
CA ILE A 59 0.31 -4.68 -6.60
C ILE A 59 1.34 -4.51 -7.75
N ALA A 60 0.96 -4.96 -8.96
CA ALA A 60 1.76 -4.79 -10.18
C ALA A 60 1.90 -3.29 -10.53
N SER A 61 0.82 -2.53 -10.27
CA SER A 61 0.74 -1.08 -10.56
C SER A 61 1.55 -0.25 -9.54
N VAL A 62 1.45 -0.60 -8.24
CA VAL A 62 2.18 0.13 -7.17
C VAL A 62 3.70 -0.09 -7.34
N ARG A 63 4.07 -1.28 -7.86
CA ARG A 63 5.44 -1.66 -8.20
C ARG A 63 5.97 -0.80 -9.35
N SER A 64 5.13 -0.67 -10.40
CA SER A 64 5.41 0.15 -11.58
C SER A 64 5.53 1.65 -11.22
N ASN A 65 4.85 2.05 -10.12
CA ASN A 65 4.75 3.45 -9.68
C ASN A 65 5.62 3.75 -8.44
N SER A 66 6.52 2.80 -8.07
CA SER A 66 7.50 2.99 -6.98
C SER A 66 8.54 4.10 -7.34
N PRO A 67 9.17 4.12 -8.59
CA PRO A 67 10.09 5.22 -8.99
C PRO A 67 9.32 6.49 -9.44
N GLN A 68 8.01 6.34 -9.70
CA GLN A 68 7.16 7.42 -10.20
C GLN A 68 6.75 8.33 -9.02
N GLU A 69 7.51 9.41 -8.84
CA GLU A 69 7.31 10.39 -7.73
C GLU A 69 5.92 11.04 -7.80
N GLU A 70 5.45 11.29 -9.03
CA GLU A 70 4.13 11.90 -9.29
C GLU A 70 2.98 11.04 -8.74
N ARG A 71 3.21 9.71 -8.66
CA ARG A 71 2.15 8.75 -8.33
C ARG A 71 1.97 8.54 -6.82
N TYR A 72 3.02 8.69 -6.00
CA TYR A 72 2.89 8.53 -4.54
C TYR A 72 3.18 9.87 -3.86
N GLU A 73 2.23 10.32 -3.03
CA GLU A 73 2.27 11.64 -2.39
C GLU A 73 1.84 11.55 -0.93
N LYS A 74 2.56 12.26 -0.07
CA LYS A 74 2.20 12.45 1.34
C LYS A 74 1.06 13.49 1.44
N LYS A 75 -0.16 12.99 1.69
CA LYS A 75 -1.38 13.80 1.87
C LYS A 75 -1.58 14.16 3.36
N THR A 76 -2.46 15.14 3.59
CA THR A 76 -2.94 15.50 4.94
C THR A 76 -4.47 15.50 4.95
N ALA A 77 -5.06 14.71 5.85
CA ALA A 77 -6.52 14.64 6.06
C ALA A 77 -7.05 15.93 6.68
N SER A 78 -8.38 16.09 6.64
CA SER A 78 -9.11 17.22 7.25
C SER A 78 -8.89 17.28 8.78
N ASN A 79 -8.59 16.11 9.37
CA ASN A 79 -8.40 15.95 10.83
C ASN A 79 -6.95 16.28 11.25
N GLY A 80 -6.07 16.59 10.25
CA GLY A 80 -4.67 16.92 10.50
C GLY A 80 -3.74 15.73 10.36
N LYS A 81 -4.32 14.51 10.37
CA LYS A 81 -3.56 13.26 10.29
C LYS A 81 -2.99 13.04 8.87
N PHE A 82 -1.69 12.74 8.80
CA PHE A 82 -1.01 12.46 7.52
C PHE A 82 -1.35 11.04 7.04
N TYR A 83 -1.48 10.87 5.73
CA TYR A 83 -1.63 9.57 5.08
C TYR A 83 -1.06 9.67 3.67
N PHE A 84 -0.89 8.55 2.97
CA PHE A 84 -0.38 8.55 1.59
C PHE A 84 -1.52 8.27 0.61
N ASN A 85 -1.30 8.65 -0.65
CA ASN A 85 -2.17 8.25 -1.77
C ASN A 85 -1.28 7.94 -2.98
N LEU A 86 -1.10 6.64 -3.25
CA LEU A 86 -0.50 6.15 -4.47
C LEU A 86 -1.62 6.02 -5.52
N LYS A 87 -1.57 6.92 -6.52
CA LYS A 87 -2.52 7.00 -7.62
C LYS A 87 -2.09 6.10 -8.79
N ALA A 88 -3.08 5.68 -9.58
CA ALA A 88 -2.88 4.89 -10.81
C ALA A 88 -3.12 5.79 -12.05
N ALA A 89 -2.70 5.30 -13.23
CA ALA A 89 -2.91 5.99 -14.52
C ALA A 89 -4.42 6.11 -14.86
N ASN A 90 -5.23 5.23 -14.25
CA ASN A 90 -6.70 5.18 -14.44
C ASN A 90 -7.43 6.17 -13.50
N HIS A 91 -6.64 7.05 -12.83
CA HIS A 91 -7.12 8.12 -11.92
C HIS A 91 -7.85 7.54 -10.69
N GLN A 92 -7.50 6.29 -10.35
CA GLN A 92 -8.03 5.56 -9.18
C GLN A 92 -6.89 5.31 -8.17
N ILE A 93 -7.25 5.11 -6.90
CA ILE A 93 -6.27 4.90 -5.82
C ILE A 93 -5.91 3.41 -5.70
N ILE A 94 -4.60 3.11 -5.86
CA ILE A 94 -4.04 1.75 -5.67
C ILE A 94 -3.24 1.69 -4.35
N GLY A 95 -3.10 2.84 -3.68
CA GLY A 95 -2.38 2.94 -2.42
C GLY A 95 -2.88 4.10 -1.57
N SER A 96 -2.99 3.87 -0.27
CA SER A 96 -3.50 4.83 0.72
C SER A 96 -3.00 4.40 2.11
N SER A 97 -3.17 5.25 3.13
CA SER A 97 -2.82 4.87 4.52
C SER A 97 -3.96 5.25 5.48
N GLN A 98 -3.90 4.69 6.69
CA GLN A 98 -4.91 4.90 7.74
C GLN A 98 -4.78 6.33 8.31
N MET A 99 -3.70 6.55 9.10
CA MET A 99 -3.34 7.86 9.66
C MET A 99 -2.00 7.75 10.43
N TYR A 100 -1.16 8.78 10.27
CA TYR A 100 0.12 8.93 10.97
C TYR A 100 -0.04 9.99 12.07
N ALA A 101 -0.15 9.52 13.33
CA ALA A 101 -0.30 10.38 14.52
C ALA A 101 0.98 11.19 14.76
N THR A 102 2.13 10.53 14.56
CA THR A 102 3.45 11.14 14.60
C THR A 102 3.84 11.66 13.20
N ALA A 103 4.34 12.90 13.17
CA ALA A 103 4.64 13.64 11.93
C ALA A 103 5.84 13.06 11.16
N GLN A 104 6.82 12.50 11.89
CA GLN A 104 8.05 11.92 11.31
C GLN A 104 7.76 10.68 10.44
N SER A 105 6.66 9.97 10.79
CA SER A 105 6.21 8.76 10.07
C SER A 105 5.78 9.07 8.61
N ARG A 106 5.43 10.34 8.32
CA ARG A 106 5.06 10.76 6.95
C ARG A 106 6.31 10.72 6.04
N GLU A 107 7.46 11.15 6.61
CA GLU A 107 8.74 11.25 5.88
C GLU A 107 9.36 9.87 5.70
N THR A 108 9.46 9.13 6.81
CA THR A 108 9.99 7.76 6.86
C THR A 108 9.18 6.82 5.95
N GLY A 109 7.86 7.04 5.96
CA GLY A 109 6.93 6.25 5.17
C GLY A 109 7.12 6.41 3.67
N ILE A 110 7.50 7.63 3.23
CA ILE A 110 7.79 7.91 1.80
C ILE A 110 8.93 7.00 1.28
N ALA A 111 10.02 6.95 2.05
CA ALA A 111 11.19 6.11 1.75
C ALA A 111 10.81 4.61 1.75
N SER A 112 9.93 4.24 2.69
CA SER A 112 9.51 2.85 2.89
C SER A 112 8.60 2.37 1.72
N VAL A 113 7.65 3.23 1.29
CA VAL A 113 6.71 2.93 0.17
C VAL A 113 7.47 2.80 -1.16
N LYS A 114 8.48 3.66 -1.33
CA LYS A 114 9.36 3.65 -2.52
C LYS A 114 10.17 2.33 -2.59
N ALA A 115 10.63 1.87 -1.40
CA ALA A 115 11.49 0.66 -1.28
C ALA A 115 10.69 -0.65 -1.35
N ASN A 116 9.47 -0.64 -0.78
CA ASN A 116 8.67 -1.86 -0.56
C ASN A 116 7.50 -1.95 -1.55
N GLY A 117 7.25 -0.88 -2.32
CA GLY A 117 6.23 -0.88 -3.37
C GLY A 117 6.61 -1.82 -4.51
N THR A 118 7.93 -1.90 -4.78
CA THR A 118 8.51 -2.76 -5.81
C THR A 118 8.55 -4.25 -5.37
N SER A 119 8.18 -4.52 -4.09
CA SER A 119 8.13 -5.89 -3.56
C SER A 119 7.04 -6.70 -4.28
N GLN A 120 7.35 -7.97 -4.53
CA GLN A 120 6.52 -8.89 -5.35
C GLN A 120 6.08 -10.11 -4.53
N THR A 121 6.37 -10.08 -3.22
CA THR A 121 5.98 -11.13 -2.28
C THR A 121 4.67 -10.71 -1.58
N VAL A 122 3.60 -11.48 -1.83
CA VAL A 122 2.25 -11.23 -1.29
C VAL A 122 1.64 -12.54 -0.74
N LYS A 123 1.12 -12.46 0.50
CA LYS A 123 0.39 -13.57 1.13
C LYS A 123 -1.11 -13.42 0.84
N ASP A 124 -1.66 -14.32 0.02
CA ASP A 124 -3.09 -14.29 -0.34
C ASP A 124 -3.92 -15.01 0.76
N ASN A 125 -4.57 -14.20 1.60
CA ASN A 125 -5.53 -14.66 2.64
C ASN A 125 -6.97 -14.67 2.06
N THR A 126 -7.11 -14.22 0.81
CA THR A 126 -8.38 -14.18 0.09
C THR A 126 -8.81 -15.60 -0.34
N GLY A 127 -9.86 -16.11 0.31
CA GLY A 127 -10.43 -17.44 0.01
C GLY A 127 -9.76 -18.56 0.78
N SER A 128 -9.17 -18.25 1.95
CA SER A 128 -8.49 -19.23 2.81
C SER A 128 -9.50 -20.23 3.41
N ASN A 129 -9.53 -21.44 2.85
CA ASN A 129 -10.29 -22.56 3.40
C ASN A 129 -9.38 -23.32 4.40
N GLY A 14 16.37 -17.54 -2.47
CA GLY A 14 15.93 -16.12 -2.43
C GLY A 14 16.93 -15.23 -1.71
N VAL A 15 16.58 -13.94 -1.55
CA VAL A 15 17.44 -12.93 -0.88
C VAL A 15 16.80 -12.50 0.46
N ILE A 16 17.66 -12.20 1.46
CA ILE A 16 17.23 -11.63 2.75
C ILE A 16 16.82 -10.16 2.55
N MET A 17 15.59 -9.81 3.01
CA MET A 17 14.99 -8.49 2.77
C MET A 17 13.82 -8.23 3.72
N ALA A 18 13.44 -6.96 3.86
CA ALA A 18 12.30 -6.53 4.68
C ALA A 18 11.13 -6.13 3.78
N GLY A 19 9.89 -6.32 4.30
CA GLY A 19 8.68 -5.90 3.61
C GLY A 19 8.16 -6.94 2.63
N TRP A 20 6.84 -7.15 2.67
CA TRP A 20 6.15 -8.13 1.83
C TRP A 20 4.69 -7.70 1.60
N PHE A 21 4.16 -8.11 0.45
CA PHE A 21 2.78 -7.87 0.05
C PHE A 21 1.86 -8.98 0.60
N GLU A 22 0.65 -8.58 0.98
CA GLU A 22 -0.39 -9.48 1.50
C GLU A 22 -1.69 -9.18 0.73
N LEU A 23 -2.16 -10.11 -0.11
CA LEU A 23 -3.48 -9.95 -0.76
C LEU A 23 -4.55 -10.35 0.27
N SER A 24 -5.11 -9.32 0.91
CA SER A 24 -6.01 -9.45 2.06
C SER A 24 -7.46 -9.18 1.64
N LYS A 25 -8.38 -10.01 2.12
CA LYS A 25 -9.81 -9.77 1.97
C LYS A 25 -10.31 -9.08 3.24
N SER A 26 -11.08 -8.01 3.06
CA SER A 26 -11.65 -7.23 4.17
C SER A 26 -12.89 -7.94 4.76
N SER A 27 -13.51 -7.32 5.78
CA SER A 27 -14.69 -7.88 6.47
C SER A 27 -15.86 -8.11 5.48
N ASP A 28 -16.02 -7.17 4.52
CA ASP A 28 -17.08 -7.21 3.49
C ASP A 28 -16.57 -7.92 2.20
N ASN A 29 -15.51 -8.77 2.35
CA ASN A 29 -14.90 -9.58 1.25
C ASN A 29 -14.25 -8.71 0.15
N GLN A 30 -13.95 -7.45 0.50
CA GLN A 30 -13.34 -6.49 -0.43
C GLN A 30 -11.83 -6.79 -0.56
N PHE A 31 -11.40 -7.06 -1.78
CA PHE A 31 -10.05 -7.57 -2.07
C PHE A 31 -9.10 -6.40 -2.30
N ARG A 32 -8.01 -6.36 -1.52
CA ARG A 32 -7.00 -5.31 -1.62
C ARG A 32 -5.66 -5.81 -1.06
N PHE A 33 -4.57 -5.18 -1.47
CA PHE A 33 -3.23 -5.49 -0.95
C PHE A 33 -2.91 -4.61 0.26
N VAL A 34 -2.25 -5.18 1.26
CA VAL A 34 -1.65 -4.42 2.35
C VAL A 34 -0.15 -4.75 2.33
N LEU A 35 0.68 -3.70 2.38
CA LEU A 35 2.14 -3.85 2.40
C LEU A 35 2.59 -3.76 3.85
N LYS A 36 3.08 -4.87 4.39
CA LYS A 36 3.70 -4.92 5.71
C LYS A 36 5.20 -4.67 5.55
N ALA A 37 5.75 -3.87 6.47
CA ALA A 37 7.19 -3.68 6.62
C ALA A 37 7.83 -4.96 7.21
N GLY A 38 9.17 -4.97 7.33
CA GLY A 38 9.90 -6.11 7.90
C GLY A 38 9.52 -6.42 9.36
N ASN A 39 9.01 -5.40 10.07
CA ASN A 39 8.57 -5.50 11.48
C ASN A 39 7.15 -6.10 11.61
N GLY A 40 6.54 -6.45 10.46
CA GLY A 40 5.19 -7.07 10.43
C GLY A 40 4.05 -6.06 10.52
N GLU A 41 4.40 -4.76 10.61
CA GLU A 41 3.42 -3.66 10.71
C GLU A 41 3.02 -3.18 9.31
N THR A 42 1.70 -3.07 9.07
CA THR A 42 1.15 -2.59 7.79
C THR A 42 1.39 -1.06 7.65
N ILE A 43 2.08 -0.68 6.56
CA ILE A 43 2.42 0.72 6.24
C ILE A 43 1.50 1.26 5.12
N LEU A 44 1.08 0.35 4.21
CA LEU A 44 0.33 0.69 2.99
C LEU A 44 -0.90 -0.23 2.85
N THR A 45 -1.97 0.27 2.24
CA THR A 45 -3.23 -0.46 2.00
C THR A 45 -3.95 0.12 0.77
N SER A 46 -4.27 -0.75 -0.20
CA SER A 46 -5.04 -0.38 -1.41
C SER A 46 -6.49 0.00 -1.04
N GLU A 47 -7.25 0.54 -2.01
CA GLU A 47 -8.68 0.82 -1.80
C GLU A 47 -9.49 -0.49 -1.83
N LEU A 48 -10.76 -0.44 -1.41
CA LEU A 48 -11.66 -1.60 -1.41
C LEU A 48 -12.03 -1.92 -2.88
N TYR A 49 -11.57 -3.07 -3.40
CA TYR A 49 -11.93 -3.54 -4.75
C TYR A 49 -12.95 -4.68 -4.65
N THR A 50 -13.97 -4.65 -5.51
CA THR A 50 -14.96 -5.74 -5.62
C THR A 50 -14.32 -6.95 -6.35
N SER A 51 -13.35 -6.66 -7.23
CA SER A 51 -12.63 -7.68 -8.02
C SER A 51 -11.21 -7.88 -7.44
N LYS A 52 -10.81 -9.14 -7.25
CA LYS A 52 -9.45 -9.50 -6.79
C LYS A 52 -8.42 -9.29 -7.90
N THR A 53 -8.87 -9.36 -9.17
CA THR A 53 -8.03 -9.07 -10.34
C THR A 53 -7.57 -7.60 -10.33
N SER A 54 -8.45 -6.69 -9.86
CA SER A 54 -8.15 -5.24 -9.75
C SER A 54 -7.03 -4.99 -8.71
N ALA A 55 -7.07 -5.75 -7.60
CA ALA A 55 -6.02 -5.73 -6.56
C ALA A 55 -4.70 -6.31 -7.11
N GLU A 56 -4.83 -7.37 -7.95
CA GLU A 56 -3.69 -8.04 -8.61
C GLU A 56 -2.95 -7.06 -9.57
N LYS A 57 -3.72 -6.16 -10.20
CA LYS A 57 -3.14 -5.11 -11.05
C LYS A 57 -2.54 -3.99 -10.17
N GLY A 58 -3.16 -3.81 -8.98
CA GLY A 58 -2.75 -2.82 -8.00
C GLY A 58 -1.32 -3.00 -7.48
N ILE A 59 -0.91 -4.27 -7.21
CA ILE A 59 0.46 -4.59 -6.76
C ILE A 59 1.50 -4.25 -7.87
N ALA A 60 1.17 -4.60 -9.11
CA ALA A 60 2.04 -4.35 -10.27
C ALA A 60 2.20 -2.84 -10.52
N SER A 61 1.11 -2.09 -10.27
CA SER A 61 1.06 -0.64 -10.43
C SER A 61 1.87 0.09 -9.33
N VAL A 62 1.71 -0.31 -8.04
CA VAL A 62 2.47 0.32 -6.92
C VAL A 62 3.97 -0.01 -7.03
N ARG A 63 4.28 -1.17 -7.62
CA ARG A 63 5.67 -1.63 -7.81
C ARG A 63 6.40 -0.76 -8.84
N SER A 64 5.66 -0.37 -9.90
CA SER A 64 6.19 0.51 -10.95
C SER A 64 6.25 1.98 -10.47
N ASN A 65 5.25 2.39 -9.66
CA ASN A 65 5.09 3.77 -9.15
C ASN A 65 5.76 3.94 -7.76
N SER A 66 6.51 2.90 -7.34
CA SER A 66 7.22 2.86 -6.06
C SER A 66 8.32 3.97 -5.94
N PRO A 67 9.19 4.24 -7.00
CA PRO A 67 10.12 5.39 -6.97
C PRO A 67 9.49 6.70 -7.53
N GLN A 68 8.27 6.62 -8.09
CA GLN A 68 7.61 7.76 -8.76
C GLN A 68 6.90 8.64 -7.71
N GLU A 69 7.67 9.59 -7.13
CA GLU A 69 7.18 10.50 -6.06
C GLU A 69 6.06 11.45 -6.55
N GLU A 70 6.01 11.66 -7.88
CA GLU A 70 4.96 12.47 -8.53
C GLU A 70 3.58 11.78 -8.43
N ARG A 71 3.61 10.44 -8.50
CA ARG A 71 2.39 9.60 -8.54
C ARG A 71 1.72 9.49 -7.15
N TYR A 72 2.50 9.74 -6.08
CA TYR A 72 1.97 9.85 -4.71
C TYR A 72 1.21 11.18 -4.56
N GLU A 73 -0.10 11.08 -4.31
CA GLU A 73 -0.97 12.25 -4.07
C GLU A 73 -1.09 12.45 -2.55
N LYS A 74 -0.30 13.37 -1.99
CA LYS A 74 -0.29 13.63 -0.55
C LYS A 74 -1.54 14.45 -0.15
N LYS A 75 -2.03 14.20 1.06
CA LYS A 75 -3.15 14.91 1.69
C LYS A 75 -2.88 15.04 3.20
N THR A 76 -3.70 15.88 3.83
CA THR A 76 -3.71 16.05 5.29
C THR A 76 -5.16 15.85 5.78
N ALA A 77 -5.36 14.78 6.56
CA ALA A 77 -6.62 14.48 7.27
C ALA A 77 -7.06 15.66 8.16
N SER A 78 -8.38 15.75 8.41
CA SER A 78 -8.99 16.87 9.16
C SER A 78 -8.59 16.86 10.66
N ASN A 79 -8.00 15.74 11.12
CA ASN A 79 -7.36 15.64 12.46
C ASN A 79 -5.95 16.28 12.49
N GLY A 80 -5.51 16.85 11.34
CA GLY A 80 -4.17 17.41 11.19
C GLY A 80 -3.11 16.35 10.89
N LYS A 81 -3.57 15.13 10.59
CA LYS A 81 -2.69 13.98 10.33
C LYS A 81 -2.31 13.91 8.84
N PHE A 82 -1.06 13.56 8.54
CA PHE A 82 -0.54 13.55 7.15
C PHE A 82 -0.53 12.13 6.59
N TYR A 83 -1.11 11.93 5.41
CA TYR A 83 -1.13 10.63 4.71
C TYR A 83 -0.97 10.86 3.20
N PHE A 84 -0.88 9.79 2.43
CA PHE A 84 -0.75 9.85 0.98
C PHE A 84 -1.70 8.85 0.31
N ASN A 85 -1.99 9.11 -0.96
CA ASN A 85 -2.83 8.25 -1.80
C ASN A 85 -2.04 7.95 -3.09
N LEU A 86 -1.44 6.77 -3.15
CA LEU A 86 -0.75 6.29 -4.36
C LEU A 86 -1.84 5.71 -5.28
N LYS A 87 -2.09 6.37 -6.40
CA LYS A 87 -3.13 5.95 -7.35
C LYS A 87 -2.55 5.84 -8.75
N ALA A 88 -3.18 5.02 -9.58
CA ALA A 88 -2.76 4.78 -10.96
C ALA A 88 -3.38 5.80 -11.92
N ALA A 89 -3.03 5.68 -13.22
CA ALA A 89 -3.64 6.47 -14.30
C ALA A 89 -5.11 6.08 -14.53
N ASN A 90 -5.55 4.97 -13.90
CA ASN A 90 -6.95 4.47 -13.96
C ASN A 90 -7.88 5.22 -12.97
N HIS A 91 -7.32 6.28 -12.31
CA HIS A 91 -8.04 7.11 -11.30
C HIS A 91 -8.35 6.31 -10.01
N GLN A 92 -7.76 5.11 -9.88
CA GLN A 92 -8.02 4.21 -8.73
C GLN A 92 -6.82 4.18 -7.78
N ILE A 93 -7.12 4.28 -6.48
CA ILE A 93 -6.13 4.19 -5.41
C ILE A 93 -5.61 2.74 -5.28
N ILE A 94 -4.43 2.53 -5.87
CA ILE A 94 -3.71 1.25 -5.85
C ILE A 94 -2.97 1.02 -4.50
N GLY A 95 -2.88 2.10 -3.71
CA GLY A 95 -2.26 2.08 -2.39
C GLY A 95 -2.49 3.39 -1.66
N SER A 96 -2.63 3.36 -0.34
CA SER A 96 -2.85 4.56 0.49
C SER A 96 -2.64 4.21 1.96
N SER A 97 -2.56 5.24 2.81
CA SER A 97 -2.55 5.07 4.26
C SER A 97 -3.81 5.70 4.83
N GLN A 98 -4.10 5.36 6.10
CA GLN A 98 -5.26 5.88 6.81
C GLN A 98 -4.98 7.33 7.25
N MET A 99 -3.85 7.49 7.97
CA MET A 99 -3.37 8.77 8.52
C MET A 99 -2.13 8.49 9.40
N TYR A 100 -1.05 9.26 9.19
CA TYR A 100 0.16 9.20 10.03
C TYR A 100 0.14 10.32 11.07
N ALA A 101 0.88 10.12 12.17
CA ALA A 101 0.96 11.06 13.30
C ALA A 101 1.44 12.45 12.83
N THR A 102 2.57 12.47 12.12
CA THR A 102 3.19 13.70 11.58
C THR A 102 3.53 13.53 10.10
N ALA A 103 4.04 14.63 9.48
CA ALA A 103 4.58 14.62 8.11
C ALA A 103 5.91 13.84 8.07
N GLN A 104 6.63 13.84 9.22
CA GLN A 104 7.84 13.01 9.42
C GLN A 104 7.49 11.51 9.32
N SER A 105 6.34 11.14 9.89
CA SER A 105 5.83 9.76 9.86
C SER A 105 5.41 9.37 8.42
N ARG A 106 4.85 10.35 7.68
CA ARG A 106 4.39 10.13 6.29
C ARG A 106 5.57 9.88 5.34
N GLU A 107 6.61 10.72 5.45
CA GLU A 107 7.79 10.66 4.54
C GLU A 107 8.64 9.39 4.80
N THR A 108 8.60 8.89 6.06
CA THR A 108 9.15 7.57 6.41
C THR A 108 8.34 6.47 5.68
N GLY A 109 7.00 6.67 5.65
CA GLY A 109 6.08 5.78 4.94
C GLY A 109 6.36 5.73 3.43
N ILE A 110 6.65 6.90 2.82
CA ILE A 110 6.99 7.01 1.38
C ILE A 110 8.25 6.20 1.05
N ALA A 111 9.28 6.40 1.88
CA ALA A 111 10.59 5.73 1.75
C ALA A 111 10.46 4.20 1.94
N SER A 112 9.55 3.80 2.84
CA SER A 112 9.31 2.39 3.18
C SER A 112 8.51 1.69 2.06
N VAL A 113 7.55 2.42 1.46
CA VAL A 113 6.74 1.92 0.32
C VAL A 113 7.63 1.74 -0.93
N LYS A 114 8.66 2.58 -1.05
CA LYS A 114 9.68 2.43 -2.11
C LYS A 114 10.56 1.18 -1.84
N ALA A 115 11.00 1.03 -0.58
CA ALA A 115 11.89 -0.06 -0.14
C ALA A 115 11.19 -1.44 -0.17
N ASN A 116 9.86 -1.43 0.03
CA ASN A 116 9.04 -2.66 0.14
C ASN A 116 8.13 -2.85 -1.08
N GLY A 117 8.05 -1.82 -1.95
CA GLY A 117 7.31 -1.91 -3.21
C GLY A 117 8.04 -2.74 -4.24
N THR A 118 9.36 -2.84 -4.08
CA THR A 118 10.25 -3.67 -4.92
C THR A 118 10.19 -5.18 -4.54
N SER A 119 9.38 -5.53 -3.52
CA SER A 119 9.24 -6.91 -3.02
C SER A 119 8.50 -7.79 -4.03
N GLN A 120 9.03 -9.00 -4.24
CA GLN A 120 8.41 -10.03 -5.10
C GLN A 120 7.48 -10.93 -4.28
N THR A 121 7.64 -10.87 -2.94
CA THR A 121 6.88 -11.70 -2.00
C THR A 121 5.44 -11.20 -1.87
N VAL A 122 4.56 -11.80 -2.67
CA VAL A 122 3.09 -11.68 -2.53
C VAL A 122 2.60 -12.91 -1.75
N LYS A 123 1.74 -12.67 -0.74
CA LYS A 123 1.17 -13.71 0.10
C LYS A 123 -0.36 -13.56 0.11
N ASP A 124 -1.05 -14.47 -0.59
CA ASP A 124 -2.51 -14.47 -0.70
C ASP A 124 -3.16 -14.93 0.62
N ASN A 125 -3.65 -13.96 1.39
CA ASN A 125 -4.50 -14.20 2.57
C ASN A 125 -5.95 -14.56 2.13
N THR A 126 -6.32 -14.06 0.92
CA THR A 126 -7.61 -14.34 0.28
C THR A 126 -7.79 -15.85 0.00
N GLY A 127 -9.03 -16.33 0.15
CA GLY A 127 -9.34 -17.77 0.09
C GLY A 127 -9.86 -18.30 1.43
N SER A 128 -9.73 -17.45 2.48
CA SER A 128 -10.20 -17.77 3.84
C SER A 128 -11.66 -17.30 4.05
N ASN A 129 -12.33 -17.88 5.06
CA ASN A 129 -13.69 -17.49 5.48
C ASN A 129 -13.98 -18.10 6.87
N GLY A 14 24.52 -4.95 5.96
CA GLY A 14 23.06 -5.14 6.14
C GLY A 14 22.25 -4.60 4.97
N VAL A 15 21.30 -5.41 4.46
CA VAL A 15 20.43 -5.03 3.33
C VAL A 15 19.18 -4.29 3.84
N ILE A 16 18.52 -3.55 2.91
CA ILE A 16 17.26 -2.83 3.20
C ILE A 16 16.11 -3.82 3.52
N MET A 17 15.12 -3.34 4.28
CA MET A 17 13.94 -4.13 4.66
C MET A 17 13.08 -4.44 3.42
N ALA A 18 12.75 -5.73 3.25
CA ALA A 18 11.91 -6.23 2.15
C ALA A 18 10.62 -6.79 2.73
N GLY A 19 9.52 -6.04 2.59
CA GLY A 19 8.23 -6.40 3.17
C GLY A 19 7.42 -7.33 2.30
N TRP A 20 6.14 -7.50 2.67
CA TRP A 20 5.22 -8.41 1.97
C TRP A 20 3.83 -7.79 1.89
N PHE A 21 3.12 -8.14 0.80
CA PHE A 21 1.74 -7.73 0.59
C PHE A 21 0.81 -8.87 1.00
N GLU A 22 -0.07 -8.61 1.97
CA GLU A 22 -1.11 -9.57 2.37
C GLU A 22 -2.37 -9.27 1.56
N LEU A 23 -2.78 -10.21 0.69
CA LEU A 23 -4.04 -10.12 -0.01
C LEU A 23 -5.14 -10.62 0.94
N SER A 24 -5.76 -9.65 1.59
CA SER A 24 -6.76 -9.86 2.64
C SER A 24 -8.16 -9.56 2.08
N LYS A 25 -9.16 -10.28 2.60
CA LYS A 25 -10.57 -10.13 2.17
C LYS A 25 -11.38 -9.30 3.18
N SER A 26 -12.52 -8.77 2.71
CA SER A 26 -13.55 -8.19 3.58
C SER A 26 -14.54 -9.30 3.99
N SER A 27 -15.62 -8.91 4.71
CA SER A 27 -16.74 -9.83 5.04
C SER A 27 -17.48 -10.27 3.75
N ASP A 28 -17.31 -9.48 2.67
CA ASP A 28 -17.94 -9.73 1.35
C ASP A 28 -16.92 -10.32 0.35
N ASN A 29 -15.80 -10.86 0.89
CA ASN A 29 -14.74 -11.55 0.11
C ASN A 29 -14.00 -10.61 -0.87
N GLN A 30 -14.15 -9.27 -0.67
CA GLN A 30 -13.52 -8.25 -1.54
C GLN A 30 -12.00 -8.20 -1.27
N PHE A 31 -11.24 -8.07 -2.35
CA PHE A 31 -9.78 -8.27 -2.35
C PHE A 31 -9.06 -6.96 -2.04
N ARG A 32 -8.09 -7.00 -1.15
CA ARG A 32 -7.41 -5.81 -0.64
C ARG A 32 -5.96 -6.15 -0.30
N PHE A 33 -5.00 -5.47 -0.95
CA PHE A 33 -3.59 -5.64 -0.63
C PHE A 33 -3.21 -4.64 0.46
N VAL A 34 -2.66 -5.14 1.57
CA VAL A 34 -2.03 -4.30 2.61
C VAL A 34 -0.53 -4.61 2.57
N LEU A 35 0.30 -3.56 2.55
CA LEU A 35 1.74 -3.70 2.51
C LEU A 35 2.30 -3.49 3.92
N LYS A 36 2.90 -4.55 4.47
CA LYS A 36 3.66 -4.49 5.71
C LYS A 36 5.14 -4.46 5.37
N ALA A 37 5.85 -3.47 5.94
CA ALA A 37 7.30 -3.34 5.80
C ALA A 37 8.05 -4.54 6.45
N GLY A 38 9.35 -4.65 6.15
CA GLY A 38 10.18 -5.76 6.62
C GLY A 38 10.47 -5.74 8.14
N ASN A 39 9.99 -4.70 8.84
CA ASN A 39 10.05 -4.60 10.31
C ASN A 39 8.84 -5.31 10.96
N GLY A 40 7.80 -5.61 10.14
CA GLY A 40 6.58 -6.29 10.58
C GLY A 40 5.36 -5.37 10.69
N GLU A 41 5.57 -4.05 10.50
CA GLU A 41 4.51 -3.03 10.65
C GLU A 41 3.90 -2.67 9.28
N THR A 42 2.57 -2.49 9.24
CA THR A 42 1.83 -2.03 8.06
C THR A 42 2.19 -0.57 7.74
N ILE A 43 2.26 -0.25 6.44
CA ILE A 43 2.68 1.08 5.94
C ILE A 43 1.70 1.62 4.87
N LEU A 44 0.93 0.70 4.26
CA LEU A 44 0.09 1.01 3.08
C LEU A 44 -1.11 0.04 3.04
N THR A 45 -2.24 0.51 2.51
CA THR A 45 -3.48 -0.28 2.34
C THR A 45 -4.23 0.21 1.09
N SER A 46 -4.40 -0.68 0.10
CA SER A 46 -5.13 -0.38 -1.14
C SER A 46 -6.67 -0.46 -0.92
N GLU A 47 -7.45 -0.06 -1.94
CA GLU A 47 -8.92 -0.11 -1.89
C GLU A 47 -9.45 -1.57 -2.03
N LEU A 48 -10.78 -1.73 -1.86
CA LEU A 48 -11.45 -3.02 -2.05
C LEU A 48 -11.72 -3.22 -3.54
N TYR A 49 -11.01 -4.18 -4.12
CA TYR A 49 -11.19 -4.63 -5.50
C TYR A 49 -12.24 -5.75 -5.54
N THR A 50 -13.20 -5.61 -6.45
CA THR A 50 -14.28 -6.59 -6.67
C THR A 50 -13.72 -7.93 -7.20
N SER A 51 -12.61 -7.84 -7.97
CA SER A 51 -11.95 -9.01 -8.57
C SER A 51 -10.46 -9.04 -8.17
N LYS A 52 -9.92 -10.27 -7.97
CA LYS A 52 -8.48 -10.51 -7.66
C LYS A 52 -7.58 -10.00 -8.81
N THR A 53 -8.15 -10.00 -10.04
CA THR A 53 -7.49 -9.51 -11.26
C THR A 53 -7.18 -8.00 -11.14
N SER A 54 -8.17 -7.26 -10.60
CA SER A 54 -8.07 -5.80 -10.37
C SER A 54 -6.99 -5.52 -9.30
N ALA A 55 -6.94 -6.43 -8.28
CA ALA A 55 -5.98 -6.37 -7.18
C ALA A 55 -4.55 -6.60 -7.69
N GLU A 56 -4.41 -7.53 -8.67
CA GLU A 56 -3.11 -7.85 -9.30
C GLU A 56 -2.57 -6.63 -10.08
N LYS A 57 -3.48 -5.92 -10.75
CA LYS A 57 -3.16 -4.68 -11.48
C LYS A 57 -2.72 -3.57 -10.51
N GLY A 58 -3.40 -3.53 -9.33
CA GLY A 58 -3.11 -2.55 -8.28
C GLY A 58 -1.69 -2.68 -7.73
N ILE A 59 -1.29 -3.91 -7.38
CA ILE A 59 0.05 -4.18 -6.83
C ILE A 59 1.15 -4.06 -7.93
N ALA A 60 0.78 -4.39 -9.18
CA ALA A 60 1.68 -4.22 -10.35
C ALA A 60 2.01 -2.74 -10.57
N SER A 61 1.00 -1.88 -10.33
CA SER A 61 1.13 -0.43 -10.45
C SER A 61 2.02 0.13 -9.31
N VAL A 62 1.70 -0.20 -8.02
CA VAL A 62 2.39 0.39 -6.84
C VAL A 62 3.91 0.12 -6.87
N ARG A 63 4.29 -1.04 -7.43
CA ARG A 63 5.70 -1.48 -7.53
C ARG A 63 6.49 -0.58 -8.48
N SER A 64 5.86 -0.25 -9.63
CA SER A 64 6.42 0.67 -10.63
C SER A 64 6.45 2.11 -10.07
N ASN A 65 5.40 2.44 -9.29
CA ASN A 65 5.16 3.79 -8.76
C ASN A 65 5.87 4.01 -7.40
N SER A 66 6.57 2.97 -6.90
CA SER A 66 7.33 3.04 -5.62
C SER A 66 8.37 4.22 -5.59
N PRO A 67 9.28 4.38 -6.62
CA PRO A 67 10.23 5.52 -6.65
C PRO A 67 9.59 6.82 -7.20
N GLN A 68 8.40 6.71 -7.81
CA GLN A 68 7.70 7.83 -8.45
C GLN A 68 6.87 8.60 -7.41
N GLU A 69 7.54 9.59 -6.73
CA GLU A 69 6.88 10.50 -5.76
C GLU A 69 5.80 11.36 -6.43
N GLU A 70 5.94 11.50 -7.76
CA GLU A 70 4.95 12.09 -8.67
C GLU A 70 3.55 11.43 -8.50
N ARG A 71 3.55 10.11 -8.24
CA ARG A 71 2.31 9.30 -8.16
C ARG A 71 1.73 9.23 -6.74
N TYR A 72 2.38 9.90 -5.77
CA TYR A 72 1.88 9.99 -4.38
C TYR A 72 1.16 11.34 -4.16
N GLU A 73 -0.02 11.29 -3.52
CA GLU A 73 -0.80 12.46 -3.13
C GLU A 73 -0.57 12.73 -1.64
N LYS A 74 0.42 13.59 -1.32
CA LYS A 74 0.82 13.88 0.06
C LYS A 74 -0.03 15.04 0.59
N LYS A 75 -1.05 14.71 1.39
CA LYS A 75 -2.09 15.65 1.84
C LYS A 75 -2.37 15.46 3.34
N THR A 76 -3.20 16.36 3.89
CA THR A 76 -3.53 16.40 5.31
C THR A 76 -5.06 16.24 5.50
N ALA A 77 -5.44 15.29 6.36
CA ALA A 77 -6.83 15.13 6.83
C ALA A 77 -7.18 16.27 7.81
N SER A 78 -8.48 16.51 8.02
CA SER A 78 -8.97 17.60 8.91
C SER A 78 -8.59 17.36 10.39
N ASN A 79 -8.10 16.14 10.70
CA ASN A 79 -7.59 15.78 12.03
C ASN A 79 -6.17 16.36 12.28
N GLY A 80 -5.61 17.02 11.23
CA GLY A 80 -4.22 17.53 11.26
C GLY A 80 -3.20 16.46 10.94
N LYS A 81 -3.68 15.27 10.50
CA LYS A 81 -2.84 14.08 10.29
C LYS A 81 -2.43 13.94 8.81
N PHE A 82 -1.14 13.70 8.58
CA PHE A 82 -0.52 13.67 7.24
C PHE A 82 -0.48 12.24 6.69
N TYR A 83 -0.87 12.08 5.43
CA TYR A 83 -0.88 10.78 4.72
C TYR A 83 -0.53 10.99 3.25
N PHE A 84 -0.38 9.89 2.50
CA PHE A 84 -0.16 9.92 1.05
C PHE A 84 -1.00 8.83 0.35
N ASN A 85 -1.68 9.19 -0.75
CA ASN A 85 -2.51 8.27 -1.54
C ASN A 85 -1.83 8.01 -2.89
N LEU A 86 -1.53 6.74 -3.16
CA LEU A 86 -0.85 6.34 -4.38
C LEU A 86 -1.90 6.24 -5.51
N LYS A 87 -1.59 6.89 -6.63
CA LYS A 87 -2.53 7.13 -7.72
C LYS A 87 -2.22 6.22 -8.92
N ALA A 88 -3.28 5.64 -9.51
CA ALA A 88 -3.19 4.85 -10.75
C ALA A 88 -3.73 5.66 -11.93
N ALA A 89 -3.51 5.14 -13.15
CA ALA A 89 -3.99 5.75 -14.41
C ALA A 89 -5.53 5.79 -14.48
N ASN A 90 -6.18 4.93 -13.69
CA ASN A 90 -7.65 4.84 -13.59
C ASN A 90 -8.23 5.84 -12.57
N HIS A 91 -7.34 6.70 -12.00
CA HIS A 91 -7.64 7.67 -10.90
C HIS A 91 -7.91 6.97 -9.55
N GLN A 92 -7.84 5.62 -9.53
CA GLN A 92 -8.09 4.81 -8.32
C GLN A 92 -6.87 4.87 -7.38
N ILE A 93 -7.14 4.78 -6.08
CA ILE A 93 -6.10 4.77 -5.05
C ILE A 93 -5.61 3.33 -4.84
N ILE A 94 -4.47 3.02 -5.47
CA ILE A 94 -3.82 1.70 -5.42
C ILE A 94 -3.05 1.49 -4.10
N GLY A 95 -2.97 2.53 -3.25
CA GLY A 95 -2.32 2.43 -1.97
C GLY A 95 -2.51 3.67 -1.11
N SER A 96 -3.53 3.67 -0.25
CA SER A 96 -3.78 4.77 0.68
C SER A 96 -2.99 4.47 1.95
N SER A 97 -2.16 5.42 2.36
CA SER A 97 -1.33 5.28 3.53
C SER A 97 -2.13 5.51 4.81
N GLN A 98 -1.48 5.19 5.94
CA GLN A 98 -2.01 5.40 7.27
C GLN A 98 -1.95 6.91 7.62
N MET A 99 -2.87 7.38 8.46
CA MET A 99 -2.86 8.77 8.93
C MET A 99 -1.75 8.93 10.01
N TYR A 100 -0.75 9.76 9.70
CA TYR A 100 0.46 9.93 10.54
C TYR A 100 0.40 11.23 11.34
N ALA A 101 1.08 11.24 12.49
CA ALA A 101 1.12 12.39 13.41
C ALA A 101 2.01 13.52 12.85
N THR A 102 3.24 13.16 12.50
CA THR A 102 4.26 14.11 12.03
C THR A 102 4.44 14.02 10.50
N ALA A 103 5.08 15.06 9.93
CA ALA A 103 5.52 15.04 8.54
C ALA A 103 6.75 14.12 8.37
N GLN A 104 7.53 13.96 9.48
CA GLN A 104 8.69 13.06 9.52
C GLN A 104 8.28 11.59 9.27
N SER A 105 7.14 11.18 9.87
CA SER A 105 6.65 9.80 9.80
C SER A 105 6.07 9.44 8.40
N ARG A 106 5.49 10.45 7.68
CA ARG A 106 4.92 10.21 6.32
C ARG A 106 6.04 10.13 5.26
N GLU A 107 7.11 10.94 5.40
CA GLU A 107 8.25 10.94 4.44
C GLU A 107 9.14 9.70 4.64
N THR A 108 9.19 9.20 5.88
CA THR A 108 9.78 7.89 6.21
C THR A 108 8.87 6.77 5.64
N GLY A 109 7.55 7.03 5.65
CA GLY A 109 6.56 6.16 5.02
C GLY A 109 6.74 6.06 3.51
N ILE A 110 7.10 7.19 2.86
CA ILE A 110 7.42 7.24 1.41
C ILE A 110 8.60 6.30 1.13
N ALA A 111 9.66 6.44 1.96
CA ALA A 111 10.87 5.62 1.88
C ALA A 111 10.57 4.13 2.10
N SER A 112 9.60 3.85 3.00
CA SER A 112 9.20 2.48 3.36
C SER A 112 8.43 1.81 2.20
N VAL A 113 7.39 2.49 1.68
CA VAL A 113 6.56 1.98 0.56
C VAL A 113 7.42 1.80 -0.71
N LYS A 114 8.44 2.66 -0.85
CA LYS A 114 9.42 2.57 -1.94
C LYS A 114 10.34 1.34 -1.79
N ALA A 115 10.74 1.04 -0.54
CA ALA A 115 11.65 -0.07 -0.21
C ALA A 115 10.94 -1.44 -0.35
N ASN A 116 9.74 -1.53 0.22
CA ASN A 116 9.00 -2.79 0.40
C ASN A 116 7.99 -3.03 -0.74
N GLY A 117 7.62 -1.94 -1.45
CA GLY A 117 6.66 -2.00 -2.57
C GLY A 117 7.21 -2.72 -3.79
N THR A 118 8.55 -2.69 -3.93
CA THR A 118 9.28 -3.38 -5.01
C THR A 118 9.20 -4.92 -4.84
N SER A 119 9.10 -5.37 -3.58
CA SER A 119 9.03 -6.79 -3.20
C SER A 119 7.57 -7.29 -3.33
N GLN A 120 7.19 -7.75 -4.54
CA GLN A 120 5.84 -8.29 -4.83
C GLN A 120 5.75 -9.77 -4.38
N THR A 121 5.91 -9.98 -3.06
CA THR A 121 5.72 -11.28 -2.42
C THR A 121 4.34 -11.28 -1.71
N VAL A 122 3.40 -12.07 -2.25
CA VAL A 122 1.99 -12.06 -1.83
C VAL A 122 1.71 -13.18 -0.81
N LYS A 123 1.38 -12.76 0.41
CA LYS A 123 0.80 -13.62 1.44
C LYS A 123 -0.72 -13.72 1.20
N ASP A 124 -1.22 -14.91 0.88
CA ASP A 124 -2.65 -15.14 0.70
C ASP A 124 -3.38 -15.14 2.06
N ASN A 125 -4.48 -14.39 2.14
CA ASN A 125 -5.35 -14.31 3.32
C ASN A 125 -6.84 -14.30 2.90
N THR A 126 -7.11 -14.19 1.58
CA THR A 126 -8.46 -14.28 1.03
C THR A 126 -8.98 -15.74 1.11
N GLY A 127 -9.66 -16.06 2.23
CA GLY A 127 -10.19 -17.40 2.50
C GLY A 127 -9.54 -18.05 3.71
N SER A 128 -8.50 -17.40 4.26
CA SER A 128 -7.75 -17.89 5.43
C SER A 128 -7.76 -16.81 6.53
N ASN A 129 -8.26 -17.18 7.72
CA ASN A 129 -8.37 -16.28 8.89
C ASN A 129 -6.99 -15.67 9.31
N GLY A 14 22.59 -12.26 -3.08
CA GLY A 14 21.86 -10.99 -3.22
C GLY A 14 21.17 -10.60 -1.92
N VAL A 15 20.55 -9.40 -1.90
CA VAL A 15 19.80 -8.87 -0.74
C VAL A 15 18.41 -9.53 -0.66
N ILE A 16 17.85 -9.54 0.56
CA ILE A 16 16.49 -10.05 0.82
C ILE A 16 15.42 -9.02 0.35
N MET A 17 14.17 -9.47 0.27
CA MET A 17 13.04 -8.58 -0.07
C MET A 17 12.71 -7.72 1.16
N ALA A 18 12.53 -6.41 0.95
CA ALA A 18 12.14 -5.47 2.01
C ALA A 18 10.65 -5.64 2.31
N GLY A 19 10.33 -6.01 3.57
CA GLY A 19 8.95 -6.19 4.03
C GLY A 19 8.20 -7.31 3.30
N TRP A 20 6.87 -7.19 3.26
CA TRP A 20 5.98 -8.16 2.59
C TRP A 20 4.60 -7.55 2.35
N PHE A 21 3.81 -8.22 1.50
CA PHE A 21 2.41 -7.90 1.23
C PHE A 21 1.52 -8.95 1.92
N GLU A 22 0.25 -8.59 2.19
CA GLU A 22 -0.77 -9.54 2.63
C GLU A 22 -2.07 -9.24 1.89
N LEU A 23 -2.46 -10.15 0.98
CA LEU A 23 -3.69 -10.06 0.21
C LEU A 23 -4.79 -10.82 0.96
N SER A 24 -5.71 -10.07 1.56
CA SER A 24 -6.84 -10.63 2.33
C SER A 24 -8.15 -9.99 1.85
N LYS A 25 -9.28 -10.70 1.96
CA LYS A 25 -10.60 -10.18 1.54
C LYS A 25 -11.44 -9.84 2.78
N SER A 26 -12.30 -8.81 2.60
CA SER A 26 -13.27 -8.38 3.62
C SER A 26 -14.43 -9.39 3.76
N SER A 27 -15.40 -9.07 4.65
CA SER A 27 -16.55 -9.94 4.92
C SER A 27 -17.47 -10.06 3.68
N ASP A 28 -17.51 -9.01 2.84
CA ASP A 28 -18.25 -9.01 1.56
C ASP A 28 -17.39 -9.59 0.41
N ASN A 29 -16.28 -10.27 0.79
CA ASN A 29 -15.42 -11.05 -0.14
C ASN A 29 -14.64 -10.15 -1.13
N GLN A 30 -14.61 -8.83 -0.85
CA GLN A 30 -13.89 -7.84 -1.67
C GLN A 30 -12.40 -7.85 -1.29
N PHE A 31 -11.52 -7.86 -2.28
CA PHE A 31 -10.07 -8.10 -2.09
C PHE A 31 -9.36 -6.79 -1.77
N ARG A 32 -8.40 -6.84 -0.84
CA ARG A 32 -7.65 -5.66 -0.41
C ARG A 32 -6.28 -6.12 0.07
N PHE A 33 -5.22 -5.69 -0.63
CA PHE A 33 -3.83 -5.99 -0.23
C PHE A 33 -3.31 -4.84 0.63
N VAL A 34 -2.59 -5.21 1.69
CA VAL A 34 -1.87 -4.27 2.56
C VAL A 34 -0.36 -4.48 2.34
N LEU A 35 0.41 -3.44 2.60
CA LEU A 35 1.87 -3.45 2.46
C LEU A 35 2.44 -3.19 3.85
N LYS A 36 3.27 -4.11 4.33
CA LYS A 36 3.89 -4.03 5.65
C LYS A 36 5.41 -4.00 5.53
N ALA A 37 6.04 -3.26 6.46
CA ALA A 37 7.50 -3.22 6.61
C ALA A 37 8.01 -4.52 7.29
N GLY A 38 9.34 -4.60 7.51
CA GLY A 38 9.97 -5.76 8.14
C GLY A 38 9.56 -5.97 9.61
N ASN A 39 9.02 -4.89 10.23
CA ASN A 39 8.52 -4.91 11.62
C ASN A 39 7.04 -5.35 11.70
N GLY A 40 6.40 -5.60 10.54
CA GLY A 40 4.99 -6.01 10.49
C GLY A 40 4.00 -4.86 10.54
N GLU A 41 4.51 -3.62 10.56
CA GLU A 41 3.68 -2.41 10.57
C GLU A 41 3.22 -2.08 9.14
N THR A 42 1.90 -1.91 8.94
CA THR A 42 1.34 -1.54 7.64
C THR A 42 1.71 -0.07 7.30
N ILE A 43 2.40 0.09 6.17
CA ILE A 43 2.92 1.39 5.67
C ILE A 43 2.00 1.95 4.57
N LEU A 44 1.30 1.05 3.86
CA LEU A 44 0.48 1.40 2.69
C LEU A 44 -0.68 0.40 2.55
N THR A 45 -1.93 0.89 2.59
CA THR A 45 -3.14 0.06 2.41
C THR A 45 -3.92 0.56 1.19
N SER A 46 -4.14 -0.32 0.20
CA SER A 46 -4.94 0.01 -1.00
C SER A 46 -6.45 0.07 -0.64
N GLU A 47 -7.30 0.28 -1.66
CA GLU A 47 -8.77 0.21 -1.50
C GLU A 47 -9.27 -1.21 -1.81
N LEU A 48 -10.59 -1.41 -1.66
CA LEU A 48 -11.22 -2.72 -1.88
C LEU A 48 -11.52 -2.89 -3.38
N TYR A 49 -10.81 -3.83 -4.00
CA TYR A 49 -11.06 -4.30 -5.36
C TYR A 49 -12.03 -5.48 -5.30
N THR A 50 -13.23 -5.31 -5.86
CA THR A 50 -14.26 -6.39 -5.92
C THR A 50 -13.83 -7.52 -6.90
N SER A 51 -12.74 -7.30 -7.65
CA SER A 51 -12.12 -8.28 -8.54
C SER A 51 -10.67 -8.57 -8.09
N LYS A 52 -10.29 -9.88 -8.07
CA LYS A 52 -8.90 -10.30 -7.75
C LYS A 52 -7.93 -9.85 -8.87
N THR A 53 -8.49 -9.77 -10.09
CA THR A 53 -7.76 -9.33 -11.29
C THR A 53 -7.30 -7.86 -11.15
N SER A 54 -8.20 -7.00 -10.64
CA SER A 54 -7.91 -5.56 -10.42
C SER A 54 -7.00 -5.36 -9.20
N ALA A 55 -7.09 -6.29 -8.22
CA ALA A 55 -6.19 -6.31 -7.04
C ALA A 55 -4.74 -6.60 -7.48
N GLU A 56 -4.61 -7.46 -8.49
CA GLU A 56 -3.31 -7.84 -9.09
C GLU A 56 -2.78 -6.67 -9.93
N LYS A 57 -3.69 -5.96 -10.62
CA LYS A 57 -3.36 -4.71 -11.34
C LYS A 57 -2.84 -3.64 -10.35
N GLY A 58 -3.48 -3.57 -9.16
CA GLY A 58 -3.15 -2.59 -8.13
C GLY A 58 -1.73 -2.72 -7.60
N ILE A 59 -1.32 -3.96 -7.26
CA ILE A 59 0.03 -4.24 -6.74
C ILE A 59 1.09 -4.11 -7.86
N ALA A 60 0.70 -4.42 -9.10
CA ALA A 60 1.56 -4.23 -10.29
C ALA A 60 1.77 -2.72 -10.57
N SER A 61 0.73 -1.92 -10.22
CA SER A 61 0.78 -0.46 -10.38
C SER A 61 1.69 0.19 -9.32
N VAL A 62 1.61 -0.25 -8.03
CA VAL A 62 2.48 0.29 -6.96
C VAL A 62 3.95 -0.10 -7.21
N ARG A 63 4.15 -1.23 -7.90
CA ARG A 63 5.47 -1.73 -8.31
C ARG A 63 6.09 -0.77 -9.36
N SER A 64 5.26 -0.37 -10.34
CA SER A 64 5.69 0.55 -11.41
C SER A 64 5.76 2.02 -10.93
N ASN A 65 4.95 2.35 -9.90
CA ASN A 65 4.80 3.73 -9.37
C ASN A 65 5.57 3.91 -8.05
N SER A 66 6.46 2.94 -7.74
CA SER A 66 7.37 3.05 -6.58
C SER A 66 8.41 4.19 -6.78
N PRO A 67 9.12 4.35 -7.98
CA PRO A 67 10.07 5.49 -8.18
C PRO A 67 9.35 6.81 -8.49
N GLN A 68 8.02 6.74 -8.69
CA GLN A 68 7.19 7.90 -9.05
C GLN A 68 6.81 8.70 -7.80
N GLU A 69 7.79 9.49 -7.31
CA GLU A 69 7.69 10.29 -6.07
C GLU A 69 6.56 11.34 -6.15
N GLU A 70 6.35 11.90 -7.35
CA GLU A 70 5.35 12.94 -7.59
C GLU A 70 3.93 12.34 -7.62
N ARG A 71 3.85 11.03 -7.93
CA ARG A 71 2.57 10.28 -7.98
C ARG A 71 2.07 9.95 -6.56
N TYR A 72 3.01 9.95 -5.57
CA TYR A 72 2.66 9.92 -4.15
C TYR A 72 2.12 11.30 -3.75
N GLU A 73 0.80 11.40 -3.59
CA GLU A 73 0.11 12.64 -3.23
C GLU A 73 -0.12 12.68 -1.71
N LYS A 74 0.55 13.60 -1.01
CA LYS A 74 0.33 13.83 0.41
C LYS A 74 -0.95 14.67 0.62
N LYS A 75 -1.65 14.40 1.72
CA LYS A 75 -2.96 14.98 2.02
C LYS A 75 -3.09 15.15 3.55
N THR A 76 -3.60 16.32 3.97
CA THR A 76 -3.88 16.61 5.39
C THR A 76 -5.37 16.36 5.67
N ALA A 77 -5.64 15.52 6.66
CA ALA A 77 -7.01 15.20 7.12
C ALA A 77 -7.61 16.38 7.93
N SER A 78 -8.94 16.35 8.13
CA SER A 78 -9.67 17.38 8.90
C SER A 78 -9.30 17.29 10.40
N ASN A 79 -8.91 16.08 10.83
CA ASN A 79 -8.40 15.80 12.19
C ASN A 79 -6.93 16.30 12.37
N GLY A 80 -6.34 16.79 11.27
CA GLY A 80 -4.98 17.32 11.26
C GLY A 80 -3.92 16.24 11.03
N LYS A 81 -4.39 15.03 10.66
CA LYS A 81 -3.50 13.87 10.43
C LYS A 81 -2.89 13.94 9.03
N PHE A 82 -1.55 13.94 8.98
CA PHE A 82 -0.80 13.97 7.73
C PHE A 82 -0.58 12.54 7.22
N TYR A 83 -0.96 12.27 5.97
CA TYR A 83 -0.77 10.95 5.34
C TYR A 83 -0.53 11.15 3.84
N PHE A 84 -0.24 10.06 3.13
CA PHE A 84 -0.09 10.07 1.67
C PHE A 84 -1.00 9.01 1.02
N ASN A 85 -1.22 9.17 -0.29
CA ASN A 85 -2.00 8.24 -1.12
C ASN A 85 -1.31 8.12 -2.49
N LEU A 86 -0.96 6.89 -2.89
CA LEU A 86 -0.45 6.62 -4.23
C LEU A 86 -1.66 6.44 -5.17
N LYS A 87 -1.89 7.46 -6.00
CA LYS A 87 -3.00 7.49 -6.99
C LYS A 87 -2.52 6.78 -8.28
N ALA A 88 -3.45 6.16 -9.02
CA ALA A 88 -3.17 5.54 -10.34
C ALA A 88 -3.85 6.33 -11.46
N ALA A 89 -3.22 6.35 -12.64
CA ALA A 89 -3.76 7.02 -13.84
C ALA A 89 -5.09 6.38 -14.33
N ASN A 90 -5.38 5.17 -13.80
CA ASN A 90 -6.61 4.41 -14.08
C ASN A 90 -7.76 4.83 -13.14
N HIS A 91 -7.59 5.99 -12.45
CA HIS A 91 -8.60 6.63 -11.57
C HIS A 91 -8.89 5.77 -10.32
N GLN A 92 -7.96 4.86 -10.00
CA GLN A 92 -8.05 3.98 -8.81
C GLN A 92 -7.00 4.40 -7.77
N ILE A 93 -7.33 4.23 -6.48
CA ILE A 93 -6.36 4.39 -5.39
C ILE A 93 -5.70 3.02 -5.13
N ILE A 94 -4.44 2.92 -5.57
CA ILE A 94 -3.65 1.68 -5.45
C ILE A 94 -2.89 1.62 -4.10
N GLY A 95 -2.94 2.71 -3.34
CA GLY A 95 -2.36 2.76 -2.00
C GLY A 95 -2.71 4.03 -1.25
N SER A 96 -2.88 3.89 0.07
CA SER A 96 -3.10 5.01 1.02
C SER A 96 -2.62 4.59 2.42
N SER A 97 -1.68 5.36 2.99
CA SER A 97 -1.25 5.17 4.38
C SER A 97 -2.40 5.51 5.35
N GLN A 98 -2.38 4.91 6.54
CA GLN A 98 -3.46 5.04 7.54
C GLN A 98 -3.64 6.52 7.98
N MET A 99 -2.74 6.98 8.87
CA MET A 99 -2.68 8.37 9.35
C MET A 99 -1.43 8.53 10.22
N TYR A 100 -0.56 9.48 9.83
CA TYR A 100 0.62 9.86 10.62
C TYR A 100 0.36 11.19 11.33
N ALA A 101 0.97 11.37 12.50
CA ALA A 101 0.92 12.63 13.25
C ALA A 101 1.94 13.62 12.65
N THR A 102 3.10 13.09 12.23
CA THR A 102 4.22 13.90 11.70
C THR A 102 4.47 13.60 10.21
N ALA A 103 4.92 14.65 9.49
CA ALA A 103 5.32 14.56 8.06
C ALA A 103 6.61 13.73 7.88
N GLN A 104 7.42 13.63 8.97
CA GLN A 104 8.62 12.76 9.02
C GLN A 104 8.25 11.28 8.75
N SER A 105 7.17 10.82 9.41
CA SER A 105 6.71 9.42 9.30
C SER A 105 6.05 9.14 7.95
N ARG A 106 5.55 10.22 7.29
CA ARG A 106 5.11 10.15 5.88
C ARG A 106 6.30 9.80 4.97
N GLU A 107 7.39 10.57 5.14
CA GLU A 107 8.63 10.43 4.33
C GLU A 107 9.32 9.09 4.60
N THR A 108 9.24 8.61 5.84
CA THR A 108 9.75 7.29 6.23
C THR A 108 8.85 6.19 5.63
N GLY A 109 7.54 6.50 5.54
CA GLY A 109 6.57 5.64 4.86
C GLY A 109 6.90 5.47 3.40
N ILE A 110 7.13 6.61 2.70
CA ILE A 110 7.49 6.65 1.26
C ILE A 110 8.75 5.82 1.01
N ALA A 111 9.76 6.01 1.89
CA ALA A 111 11.05 5.31 1.82
C ALA A 111 10.85 3.79 1.88
N SER A 112 9.97 3.34 2.79
CA SER A 112 9.67 1.93 2.98
C SER A 112 8.80 1.40 1.81
N VAL A 113 7.89 2.23 1.26
CA VAL A 113 6.96 1.82 0.16
C VAL A 113 7.75 1.60 -1.15
N LYS A 114 8.76 2.43 -1.41
CA LYS A 114 9.63 2.30 -2.60
C LYS A 114 10.52 1.04 -2.50
N ALA A 115 11.00 0.77 -1.26
CA ALA A 115 11.81 -0.41 -0.95
C ALA A 115 10.99 -1.71 -1.11
N ASN A 116 9.78 -1.67 -0.55
CA ASN A 116 8.85 -2.81 -0.51
C ASN A 116 8.01 -2.91 -1.80
N GLY A 117 8.06 -1.85 -2.63
CA GLY A 117 7.29 -1.77 -3.87
C GLY A 117 7.82 -2.71 -4.95
N THR A 118 9.16 -2.85 -4.99
CA THR A 118 9.86 -3.75 -5.93
C THR A 118 9.88 -5.21 -5.40
N SER A 119 9.32 -5.42 -4.19
CA SER A 119 9.20 -6.75 -3.58
C SER A 119 8.09 -7.56 -4.27
N GLN A 120 8.11 -8.89 -4.11
CA GLN A 120 7.16 -9.82 -4.78
C GLN A 120 6.63 -10.88 -3.80
N THR A 121 7.05 -10.78 -2.52
CA THR A 121 6.61 -11.70 -1.45
C THR A 121 5.21 -11.28 -0.94
N VAL A 122 4.16 -11.99 -1.40
CA VAL A 122 2.78 -11.76 -0.96
C VAL A 122 2.29 -12.94 -0.09
N LYS A 123 1.53 -12.63 0.96
CA LYS A 123 0.88 -13.63 1.82
C LYS A 123 -0.61 -13.63 1.50
N ASP A 124 -1.07 -14.62 0.71
CA ASP A 124 -2.46 -14.73 0.32
C ASP A 124 -3.28 -15.37 1.45
N ASN A 125 -4.08 -14.56 2.13
CA ASN A 125 -4.96 -14.98 3.24
C ASN A 125 -6.45 -14.83 2.86
N THR A 126 -6.72 -14.67 1.55
CA THR A 126 -8.08 -14.44 1.04
C THR A 126 -9.00 -15.66 1.28
N GLY A 127 -10.10 -15.44 2.04
CA GLY A 127 -11.15 -16.43 2.21
C GLY A 127 -10.73 -17.63 3.04
N SER A 128 -10.21 -17.38 4.24
CA SER A 128 -9.84 -18.43 5.19
C SER A 128 -11.12 -19.00 5.84
N ASN A 129 -11.74 -19.97 5.15
CA ASN A 129 -13.01 -20.60 5.58
C ASN A 129 -12.73 -21.66 6.69
N GLY A 14 24.04 -8.91 5.76
CA GLY A 14 22.90 -8.89 4.80
C GLY A 14 21.57 -8.72 5.52
N VAL A 15 20.71 -7.83 5.00
CA VAL A 15 19.39 -7.56 5.59
C VAL A 15 18.36 -8.61 5.13
N ILE A 16 17.39 -8.90 6.01
CA ILE A 16 16.20 -9.70 5.64
C ILE A 16 15.19 -8.78 4.91
N MET A 17 14.18 -9.38 4.26
CA MET A 17 13.15 -8.64 3.53
C MET A 17 12.25 -7.88 4.53
N ALA A 18 12.58 -6.58 4.72
CA ALA A 18 11.87 -5.71 5.66
C ALA A 18 10.66 -5.07 4.97
N GLY A 19 9.63 -5.89 4.76
CA GLY A 19 8.41 -5.48 4.10
C GLY A 19 7.82 -6.60 3.25
N TRP A 20 6.49 -6.70 3.24
CA TRP A 20 5.75 -7.74 2.55
C TRP A 20 4.31 -7.28 2.27
N PHE A 21 3.71 -7.89 1.24
CA PHE A 21 2.30 -7.67 0.88
C PHE A 21 1.46 -8.83 1.45
N GLU A 22 0.25 -8.53 1.96
CA GLU A 22 -0.73 -9.56 2.36
C GLU A 22 -2.05 -9.29 1.65
N LEU A 23 -2.42 -10.17 0.71
CA LEU A 23 -3.67 -10.06 -0.04
C LEU A 23 -4.75 -10.87 0.66
N SER A 24 -5.60 -10.18 1.41
CA SER A 24 -6.69 -10.78 2.18
C SER A 24 -8.03 -10.28 1.63
N LYS A 25 -9.09 -11.09 1.80
CA LYS A 25 -10.46 -10.71 1.42
C LYS A 25 -11.18 -10.16 2.66
N SER A 26 -12.22 -9.38 2.44
CA SER A 26 -13.05 -8.80 3.50
C SER A 26 -14.25 -9.71 3.80
N SER A 27 -15.02 -9.36 4.86
CA SER A 27 -16.32 -10.00 5.15
C SER A 27 -17.36 -9.62 4.07
N ASP A 28 -17.08 -8.51 3.35
CA ASP A 28 -17.87 -8.07 2.18
C ASP A 28 -17.34 -8.74 0.89
N ASN A 29 -16.42 -9.73 1.06
CA ASN A 29 -15.88 -10.60 -0.02
C ASN A 29 -14.76 -9.92 -0.86
N GLN A 30 -14.74 -8.58 -0.85
CA GLN A 30 -13.84 -7.77 -1.72
C GLN A 30 -12.37 -7.93 -1.30
N PHE A 31 -11.50 -8.10 -2.30
CA PHE A 31 -10.09 -8.47 -2.12
C PHE A 31 -9.23 -7.20 -2.05
N ARG A 32 -8.37 -7.12 -1.03
CA ARG A 32 -7.57 -5.92 -0.74
C ARG A 32 -6.23 -6.32 -0.16
N PHE A 33 -5.14 -5.91 -0.82
CA PHE A 33 -3.78 -6.17 -0.34
C PHE A 33 -3.29 -4.98 0.51
N VAL A 34 -2.56 -5.29 1.57
CA VAL A 34 -1.93 -4.31 2.45
C VAL A 34 -0.41 -4.48 2.41
N LEU A 35 0.32 -3.36 2.33
CA LEU A 35 1.80 -3.36 2.42
C LEU A 35 2.15 -3.13 3.91
N LYS A 36 2.78 -4.13 4.53
CA LYS A 36 3.31 -4.05 5.90
C LYS A 36 4.83 -4.02 5.84
N ALA A 37 5.47 -2.98 6.43
CA ALA A 37 6.93 -2.92 6.57
C ALA A 37 7.44 -4.03 7.52
N GLY A 38 8.78 -4.19 7.58
CA GLY A 38 9.43 -5.21 8.43
C GLY A 38 9.24 -4.99 9.94
N ASN A 39 8.70 -3.81 10.28
CA ASN A 39 8.35 -3.43 11.67
C ASN A 39 7.01 -4.08 12.09
N GLY A 40 6.32 -4.72 11.11
CA GLY A 40 5.00 -5.31 11.32
C GLY A 40 3.87 -4.29 11.25
N GLU A 41 4.20 -3.07 10.81
CA GLU A 41 3.24 -1.96 10.69
C GLU A 41 2.80 -1.79 9.24
N THR A 42 1.49 -1.67 9.01
CA THR A 42 0.94 -1.40 7.68
C THR A 42 1.29 0.05 7.28
N ILE A 43 2.05 0.18 6.19
CA ILE A 43 2.53 1.46 5.66
C ILE A 43 1.66 1.93 4.48
N LEU A 44 0.87 1.00 3.92
CA LEU A 44 0.03 1.25 2.73
C LEU A 44 -1.15 0.26 2.73
N THR A 45 -2.34 0.74 2.38
CA THR A 45 -3.56 -0.08 2.28
C THR A 45 -4.30 0.28 0.99
N SER A 46 -4.54 -0.71 0.12
CA SER A 46 -5.15 -0.52 -1.20
C SER A 46 -6.68 -0.37 -1.12
N GLU A 47 -7.32 -0.13 -2.28
CA GLU A 47 -8.79 -0.13 -2.41
C GLU A 47 -9.37 -1.56 -2.32
N LEU A 48 -10.71 -1.62 -2.15
CA LEU A 48 -11.47 -2.87 -2.22
C LEU A 48 -11.70 -3.21 -3.69
N TYR A 49 -11.08 -4.31 -4.13
CA TYR A 49 -11.19 -4.81 -5.51
C TYR A 49 -12.32 -5.84 -5.59
N THR A 50 -13.10 -5.77 -6.68
CA THR A 50 -14.21 -6.68 -6.94
C THR A 50 -13.70 -8.06 -7.41
N SER A 51 -12.40 -8.14 -7.77
CA SER A 51 -11.75 -9.37 -8.23
C SER A 51 -10.33 -9.47 -7.63
N LYS A 52 -9.88 -10.71 -7.39
CA LYS A 52 -8.52 -11.03 -6.90
C LYS A 52 -7.49 -10.60 -7.98
N THR A 53 -7.85 -10.83 -9.25
CA THR A 53 -7.02 -10.45 -10.41
C THR A 53 -6.83 -8.93 -10.50
N SER A 54 -7.85 -8.16 -10.09
CA SER A 54 -7.78 -6.68 -10.02
C SER A 54 -6.76 -6.23 -8.96
N ALA A 55 -6.62 -7.02 -7.89
CA ALA A 55 -5.65 -6.75 -6.81
C ALA A 55 -4.21 -7.06 -7.27
N GLU A 56 -4.07 -8.03 -8.21
CA GLU A 56 -2.77 -8.34 -8.87
C GLU A 56 -2.36 -7.19 -9.80
N LYS A 57 -3.36 -6.61 -10.48
CA LYS A 57 -3.17 -5.38 -11.29
C LYS A 57 -2.83 -4.19 -10.36
N GLY A 58 -3.44 -4.21 -9.17
CA GLY A 58 -3.27 -3.18 -8.16
C GLY A 58 -1.83 -3.09 -7.66
N ILE A 59 -1.23 -4.26 -7.32
CA ILE A 59 0.18 -4.29 -6.88
C ILE A 59 1.12 -3.94 -8.05
N ALA A 60 0.76 -4.38 -9.28
CA ALA A 60 1.51 -4.03 -10.51
C ALA A 60 1.56 -2.49 -10.69
N SER A 61 0.46 -1.83 -10.31
CA SER A 61 0.33 -0.37 -10.37
C SER A 61 1.17 0.32 -9.27
N VAL A 62 1.06 -0.15 -8.00
CA VAL A 62 1.80 0.46 -6.86
C VAL A 62 3.31 0.26 -7.02
N ARG A 63 3.69 -0.85 -7.70
CA ARG A 63 5.09 -1.26 -7.88
C ARG A 63 5.76 -0.43 -9.00
N SER A 64 4.98 -0.16 -10.05
CA SER A 64 5.40 0.70 -11.17
C SER A 64 5.51 2.16 -10.71
N ASN A 65 4.60 2.56 -9.81
CA ASN A 65 4.50 3.94 -9.29
C ASN A 65 5.23 4.07 -7.93
N SER A 66 5.90 2.99 -7.49
CA SER A 66 6.71 2.97 -6.26
C SER A 66 7.96 3.89 -6.38
N PRO A 67 8.77 3.85 -7.52
CA PRO A 67 9.89 4.80 -7.72
C PRO A 67 9.41 6.24 -8.01
N GLN A 68 8.13 6.38 -8.42
CA GLN A 68 7.58 7.64 -8.89
C GLN A 68 6.84 8.38 -7.76
N GLU A 69 7.55 9.33 -7.11
CA GLU A 69 6.95 10.20 -6.06
C GLU A 69 5.83 11.12 -6.64
N GLU A 70 5.90 11.32 -7.96
CA GLU A 70 4.86 11.99 -8.78
C GLU A 70 3.45 11.43 -8.51
N ARG A 71 3.40 10.11 -8.23
CA ARG A 71 2.15 9.35 -8.10
C ARG A 71 1.70 9.22 -6.63
N TYR A 72 2.24 10.06 -5.73
CA TYR A 72 1.81 10.10 -4.32
C TYR A 72 1.08 11.44 -4.05
N GLU A 73 -0.10 11.35 -3.40
CA GLU A 73 -0.97 12.50 -3.13
C GLU A 73 -0.71 13.01 -1.72
N LYS A 74 0.12 14.05 -1.61
CA LYS A 74 0.47 14.67 -0.33
C LYS A 74 -0.75 15.41 0.24
N LYS A 75 -1.37 14.81 1.28
CA LYS A 75 -2.56 15.36 1.94
C LYS A 75 -2.42 15.23 3.46
N THR A 76 -3.23 16.03 4.15
CA THR A 76 -3.32 16.04 5.61
C THR A 76 -4.79 15.89 6.01
N ALA A 77 -5.08 14.78 6.70
CA ALA A 77 -6.39 14.54 7.34
C ALA A 77 -6.71 15.65 8.35
N SER A 78 -8.01 15.87 8.58
CA SER A 78 -8.52 16.96 9.45
C SER A 78 -8.04 16.82 10.93
N ASN A 79 -7.53 15.62 11.27
CA ASN A 79 -6.99 15.32 12.62
C ASN A 79 -5.50 15.71 12.75
N GLY A 80 -4.99 16.47 11.74
CA GLY A 80 -3.58 16.90 11.71
C GLY A 80 -2.64 15.76 11.35
N LYS A 81 -3.15 14.74 10.65
CA LYS A 81 -2.40 13.51 10.31
C LYS A 81 -2.08 13.48 8.82
N PHE A 82 -0.80 13.38 8.49
CA PHE A 82 -0.32 13.35 7.10
C PHE A 82 -0.50 11.93 6.51
N TYR A 83 -1.00 11.84 5.28
CA TYR A 83 -1.18 10.57 4.57
C TYR A 83 -1.07 10.83 3.06
N PHE A 84 -0.41 9.90 2.36
CA PHE A 84 -0.25 9.97 0.90
C PHE A 84 -1.09 8.87 0.26
N ASN A 85 -1.84 9.24 -0.78
CA ASN A 85 -2.66 8.29 -1.56
C ASN A 85 -1.98 8.05 -2.91
N LEU A 86 -1.73 6.78 -3.22
CA LEU A 86 -1.00 6.38 -4.40
C LEU A 86 -1.99 6.37 -5.58
N LYS A 87 -1.67 7.16 -6.61
CA LYS A 87 -2.51 7.37 -7.79
C LYS A 87 -2.25 6.27 -8.82
N ALA A 88 -3.33 5.77 -9.42
CA ALA A 88 -3.28 4.78 -10.50
C ALA A 88 -3.34 5.47 -11.87
N ALA A 89 -3.06 4.70 -12.94
CA ALA A 89 -3.19 5.17 -14.34
C ALA A 89 -4.67 5.33 -14.74
N ASN A 90 -5.56 4.66 -13.97
CA ASN A 90 -7.03 4.73 -14.17
C ASN A 90 -7.64 5.99 -13.49
N HIS A 91 -6.78 6.82 -12.86
CA HIS A 91 -7.18 8.04 -12.11
C HIS A 91 -7.92 7.68 -10.80
N GLN A 92 -7.75 6.41 -10.35
CA GLN A 92 -8.28 5.93 -9.05
C GLN A 92 -7.11 5.88 -8.03
N ILE A 93 -7.36 5.29 -6.85
CA ILE A 93 -6.33 5.08 -5.82
C ILE A 93 -5.97 3.58 -5.81
N ILE A 94 -4.70 3.28 -5.49
CA ILE A 94 -4.18 1.92 -5.39
C ILE A 94 -3.50 1.68 -4.02
N GLY A 95 -3.45 2.71 -3.16
CA GLY A 95 -2.86 2.58 -1.82
C GLY A 95 -2.83 3.88 -1.03
N SER A 96 -3.74 4.00 -0.05
CA SER A 96 -3.72 5.09 0.93
C SER A 96 -2.85 4.65 2.11
N SER A 97 -1.84 5.46 2.47
CA SER A 97 -0.90 5.11 3.54
C SER A 97 -1.55 5.31 4.93
N GLN A 98 -0.89 4.78 5.97
CA GLN A 98 -1.27 4.98 7.38
C GLN A 98 -1.23 6.47 7.76
N MET A 99 -1.97 6.86 8.80
CA MET A 99 -2.01 8.25 9.28
C MET A 99 -0.74 8.54 10.14
N TYR A 100 0.05 9.52 9.68
CA TYR A 100 1.31 9.92 10.32
C TYR A 100 1.07 11.16 11.19
N ALA A 101 1.34 11.04 12.50
CA ALA A 101 1.22 12.16 13.45
C ALA A 101 2.34 13.19 13.21
N THR A 102 3.54 12.69 12.84
CA THR A 102 4.73 13.53 12.63
C THR A 102 4.94 13.78 11.11
N ALA A 103 5.61 14.90 10.79
CA ALA A 103 5.88 15.32 9.41
C ALA A 103 7.15 14.64 8.85
N GLN A 104 8.07 14.23 9.73
CA GLN A 104 9.26 13.44 9.33
C GLN A 104 8.92 11.95 9.13
N SER A 105 7.94 11.44 9.90
CA SER A 105 7.57 10.00 9.88
C SER A 105 6.92 9.60 8.56
N ARG A 106 6.23 10.56 7.91
CA ARG A 106 5.60 10.37 6.59
C ARG A 106 6.67 10.13 5.51
N GLU A 107 7.83 10.79 5.68
CA GLU A 107 8.94 10.69 4.72
C GLU A 107 9.57 9.29 4.77
N THR A 108 9.73 8.76 6.00
CA THR A 108 10.25 7.40 6.24
C THR A 108 9.23 6.33 5.79
N GLY A 109 7.95 6.58 6.11
CA GLY A 109 6.87 5.62 5.84
C GLY A 109 6.58 5.44 4.36
N ILE A 110 6.66 6.55 3.61
CA ILE A 110 6.49 6.53 2.15
C ILE A 110 7.76 6.00 1.47
N ALA A 111 8.94 6.37 2.01
CA ALA A 111 10.25 5.82 1.54
C ALA A 111 10.30 4.30 1.76
N SER A 112 9.55 3.82 2.77
CA SER A 112 9.39 2.38 3.04
C SER A 112 8.54 1.74 1.93
N VAL A 113 7.41 2.40 1.56
CA VAL A 113 6.54 1.97 0.43
C VAL A 113 7.33 1.94 -0.90
N LYS A 114 8.23 2.92 -1.06
CA LYS A 114 9.12 3.02 -2.22
C LYS A 114 10.20 1.91 -2.20
N ALA A 115 10.64 1.52 -0.99
CA ALA A 115 11.69 0.50 -0.78
C ALA A 115 11.18 -0.93 -1.05
N ASN A 116 10.06 -1.31 -0.41
CA ASN A 116 9.51 -2.69 -0.43
C ASN A 116 8.29 -2.82 -1.38
N GLY A 117 7.85 -1.69 -1.95
CA GLY A 117 6.78 -1.69 -2.95
C GLY A 117 7.20 -2.26 -4.29
N THR A 118 8.53 -2.29 -4.53
CA THR A 118 9.13 -2.88 -5.74
C THR A 118 9.25 -4.43 -5.62
N SER A 119 8.74 -5.00 -4.50
CA SER A 119 8.76 -6.45 -4.27
C SER A 119 7.47 -7.10 -4.84
N GLN A 120 7.47 -8.44 -4.89
CA GLN A 120 6.33 -9.24 -5.40
C GLN A 120 5.84 -10.26 -4.34
N THR A 121 6.33 -10.11 -3.09
CA THR A 121 6.04 -11.04 -1.98
C THR A 121 4.60 -10.85 -1.44
N VAL A 122 3.63 -11.45 -2.15
CA VAL A 122 2.20 -11.40 -1.77
C VAL A 122 1.80 -12.67 -1.01
N LYS A 123 1.25 -12.48 0.19
CA LYS A 123 0.65 -13.55 0.99
C LYS A 123 -0.86 -13.53 0.72
N ASP A 124 -1.27 -14.17 -0.40
CA ASP A 124 -2.69 -14.26 -0.78
C ASP A 124 -3.39 -15.26 0.16
N ASN A 125 -4.03 -14.71 1.19
CA ASN A 125 -4.84 -15.48 2.15
C ASN A 125 -6.33 -15.49 1.70
N THR A 126 -6.57 -14.98 0.47
CA THR A 126 -7.88 -15.00 -0.19
C THR A 126 -8.32 -16.46 -0.45
N GLY A 127 -9.33 -16.93 0.28
CA GLY A 127 -9.78 -18.33 0.22
C GLY A 127 -8.98 -19.24 1.14
N SER A 128 -8.43 -18.65 2.22
CA SER A 128 -7.65 -19.35 3.24
C SER A 128 -7.81 -18.60 4.58
N ASN A 129 -7.62 -19.32 5.69
CA ASN A 129 -7.72 -18.76 7.05
C ASN A 129 -6.93 -19.63 8.04
N GLY A 14 19.82 -16.69 4.00
CA GLY A 14 19.04 -16.58 5.25
C GLY A 14 18.70 -15.13 5.59
N VAL A 15 18.50 -14.29 4.55
CA VAL A 15 18.09 -12.89 4.73
C VAL A 15 16.55 -12.79 4.82
N ILE A 16 16.06 -12.04 5.83
CA ILE A 16 14.62 -11.83 6.06
C ILE A 16 14.12 -10.61 5.27
N MET A 17 12.80 -10.42 5.24
CA MET A 17 12.15 -9.32 4.51
C MET A 17 11.55 -8.31 5.49
N ALA A 18 12.18 -7.12 5.56
CA ALA A 18 11.70 -5.99 6.37
C ALA A 18 10.68 -5.19 5.56
N GLY A 19 9.49 -5.79 5.41
CA GLY A 19 8.40 -5.24 4.62
C GLY A 19 7.84 -6.27 3.64
N TRP A 20 6.50 -6.36 3.58
CA TRP A 20 5.79 -7.38 2.79
C TRP A 20 4.33 -6.97 2.54
N PHE A 21 3.77 -7.48 1.43
CA PHE A 21 2.33 -7.38 1.14
C PHE A 21 1.60 -8.58 1.77
N GLU A 22 0.29 -8.42 2.02
CA GLU A 22 -0.61 -9.52 2.40
C GLU A 22 -1.94 -9.33 1.64
N LEU A 23 -2.18 -10.19 0.63
CA LEU A 23 -3.37 -10.10 -0.23
C LEU A 23 -4.46 -11.02 0.30
N SER A 24 -5.43 -10.44 1.00
CA SER A 24 -6.57 -11.17 1.57
C SER A 24 -7.87 -10.66 0.91
N LYS A 25 -9.02 -11.18 1.35
CA LYS A 25 -10.34 -10.70 0.93
C LYS A 25 -11.30 -10.72 2.12
N SER A 26 -12.39 -9.95 2.00
CA SER A 26 -13.47 -9.92 2.99
C SER A 26 -14.44 -11.09 2.77
N SER A 27 -15.44 -11.20 3.65
CA SER A 27 -16.55 -12.16 3.49
C SER A 27 -17.47 -11.72 2.32
N ASP A 28 -17.43 -10.41 2.00
CA ASP A 28 -18.10 -9.83 0.80
C ASP A 28 -17.31 -10.13 -0.49
N ASN A 29 -16.12 -10.75 -0.34
CA ASN A 29 -15.23 -11.16 -1.45
C ASN A 29 -14.59 -9.94 -2.14
N GLN A 30 -14.44 -8.84 -1.39
CA GLN A 30 -13.67 -7.67 -1.82
C GLN A 30 -12.20 -7.87 -1.43
N PHE A 31 -11.32 -7.88 -2.44
CA PHE A 31 -9.90 -8.21 -2.27
C PHE A 31 -9.12 -6.93 -1.95
N ARG A 32 -8.13 -7.06 -1.07
CA ARG A 32 -7.41 -5.92 -0.52
C ARG A 32 -6.05 -6.38 -0.03
N PHE A 33 -4.96 -5.86 -0.63
CA PHE A 33 -3.60 -6.15 -0.18
C PHE A 33 -3.09 -5.00 0.70
N VAL A 34 -2.51 -5.36 1.84
CA VAL A 34 -1.91 -4.41 2.79
C VAL A 34 -0.38 -4.53 2.72
N LEU A 35 0.30 -3.39 2.59
CA LEU A 35 1.78 -3.31 2.62
C LEU A 35 2.20 -2.85 4.01
N LYS A 36 2.93 -3.71 4.71
CA LYS A 36 3.39 -3.49 6.09
C LYS A 36 4.92 -3.52 6.13
N ALA A 37 5.51 -2.65 6.95
CA ALA A 37 6.95 -2.65 7.24
C ALA A 37 7.39 -3.88 8.06
N GLY A 38 8.68 -3.92 8.44
CA GLY A 38 9.27 -5.07 9.15
C GLY A 38 8.65 -5.34 10.54
N ASN A 39 8.01 -4.30 11.14
CA ASN A 39 7.32 -4.41 12.45
C ASN A 39 5.87 -4.93 12.31
N GLY A 40 5.41 -5.14 11.07
CA GLY A 40 4.02 -5.50 10.80
C GLY A 40 3.08 -4.28 10.83
N GLU A 41 3.68 -3.07 10.92
CA GLU A 41 2.96 -1.80 10.92
C GLU A 41 2.65 -1.40 9.47
N THR A 42 1.40 -1.02 9.20
CA THR A 42 0.96 -0.61 7.86
C THR A 42 1.66 0.70 7.39
N ILE A 43 2.32 0.61 6.22
CA ILE A 43 2.91 1.76 5.51
C ILE A 43 2.05 2.12 4.27
N LEU A 44 1.14 1.20 3.89
CA LEU A 44 0.25 1.37 2.73
C LEU A 44 -0.87 0.31 2.81
N THR A 45 -2.09 0.68 2.37
CA THR A 45 -3.26 -0.23 2.32
C THR A 45 -4.21 0.24 1.21
N SER A 46 -4.34 -0.59 0.18
CA SER A 46 -5.17 -0.32 -1.00
C SER A 46 -6.67 -0.21 -0.66
N GLU A 47 -7.49 0.24 -1.62
CA GLU A 47 -8.95 0.28 -1.44
C GLU A 47 -9.55 -1.12 -1.67
N LEU A 48 -10.86 -1.25 -1.42
CA LEU A 48 -11.62 -2.49 -1.64
C LEU A 48 -11.77 -2.75 -3.15
N TYR A 49 -11.13 -3.82 -3.63
CA TYR A 49 -11.22 -4.24 -5.03
C TYR A 49 -12.39 -5.22 -5.21
N THR A 50 -13.15 -5.04 -6.29
CA THR A 50 -14.30 -5.90 -6.62
C THR A 50 -13.86 -7.33 -7.01
N SER A 51 -12.59 -7.46 -7.44
CA SER A 51 -12.02 -8.71 -7.96
C SER A 51 -10.52 -8.78 -7.66
N LYS A 52 -9.98 -10.02 -7.64
CA LYS A 52 -8.53 -10.26 -7.40
C LYS A 52 -7.71 -9.73 -8.57
N THR A 53 -8.31 -9.72 -9.77
CA THR A 53 -7.70 -9.17 -10.99
C THR A 53 -7.35 -7.68 -10.81
N SER A 54 -8.26 -6.95 -10.13
CA SER A 54 -8.08 -5.52 -9.80
C SER A 54 -7.01 -5.33 -8.70
N ALA A 55 -6.87 -6.32 -7.81
CA ALA A 55 -5.87 -6.31 -6.73
C ALA A 55 -4.45 -6.57 -7.29
N GLU A 56 -4.37 -7.48 -8.27
CA GLU A 56 -3.11 -7.83 -8.97
C GLU A 56 -2.69 -6.67 -9.88
N LYS A 57 -3.69 -5.99 -10.46
CA LYS A 57 -3.54 -4.75 -11.19
C LYS A 57 -2.98 -3.66 -10.26
N GLY A 58 -3.55 -3.59 -9.04
CA GLY A 58 -3.16 -2.62 -8.03
C GLY A 58 -1.68 -2.72 -7.65
N ILE A 59 -1.21 -3.95 -7.35
CA ILE A 59 0.18 -4.17 -6.92
C ILE A 59 1.16 -4.02 -8.10
N ALA A 60 0.73 -4.40 -9.32
CA ALA A 60 1.51 -4.23 -10.55
C ALA A 60 1.71 -2.73 -10.89
N SER A 61 0.69 -1.93 -10.52
CA SER A 61 0.74 -0.47 -10.68
C SER A 61 1.64 0.20 -9.61
N VAL A 62 1.50 -0.21 -8.31
CA VAL A 62 2.25 0.44 -7.20
C VAL A 62 3.75 0.17 -7.33
N ARG A 63 4.12 -1.05 -7.78
CA ARG A 63 5.54 -1.47 -7.91
C ARG A 63 6.22 -0.67 -9.02
N SER A 64 5.44 -0.34 -10.06
CA SER A 64 5.89 0.46 -11.21
C SER A 64 5.95 1.96 -10.84
N ASN A 65 5.04 2.38 -9.93
CA ASN A 65 4.92 3.79 -9.47
C ASN A 65 5.61 3.99 -8.10
N SER A 66 6.38 2.97 -7.63
CA SER A 66 7.16 3.04 -6.37
C SER A 66 8.19 4.22 -6.37
N PRO A 67 9.02 4.44 -7.46
CA PRO A 67 9.93 5.61 -7.52
C PRO A 67 9.20 6.93 -7.91
N GLN A 68 7.94 6.82 -8.39
CA GLN A 68 7.14 7.99 -8.81
C GLN A 68 6.49 8.63 -7.58
N GLU A 69 7.29 9.40 -6.83
CA GLU A 69 6.85 10.06 -5.58
C GLU A 69 5.76 11.12 -5.85
N GLU A 70 5.68 11.59 -7.11
CA GLU A 70 4.63 12.52 -7.57
C GLU A 70 3.25 11.83 -7.56
N ARG A 71 3.24 10.54 -7.95
CA ARG A 71 2.00 9.71 -7.97
C ARG A 71 1.51 9.38 -6.56
N TYR A 72 2.44 9.42 -5.58
CA TYR A 72 2.08 9.46 -4.15
C TYR A 72 1.50 10.85 -3.85
N GLU A 73 0.23 10.88 -3.49
CA GLU A 73 -0.55 12.11 -3.29
C GLU A 73 -0.56 12.44 -1.79
N LYS A 74 0.02 13.60 -1.45
CA LYS A 74 0.22 14.06 -0.05
C LYS A 74 -1.12 14.50 0.58
N LYS A 75 -1.64 13.65 1.45
CA LYS A 75 -2.93 13.84 2.13
C LYS A 75 -2.69 14.38 3.55
N THR A 76 -3.14 15.60 3.80
CA THR A 76 -3.08 16.23 5.13
C THR A 76 -4.50 16.40 5.68
N ALA A 77 -4.80 15.62 6.73
CA ALA A 77 -6.05 15.73 7.48
C ALA A 77 -6.08 17.04 8.27
N SER A 78 -7.30 17.54 8.53
CA SER A 78 -7.54 18.74 9.35
C SER A 78 -7.05 18.55 10.80
N ASN A 79 -6.91 17.27 11.21
CA ASN A 79 -6.41 16.88 12.55
C ASN A 79 -4.85 16.86 12.59
N GLY A 80 -4.22 17.41 11.53
CA GLY A 80 -2.75 17.49 11.44
C GLY A 80 -2.10 16.13 11.17
N LYS A 81 -2.91 15.17 10.70
CA LYS A 81 -2.43 13.82 10.37
C LYS A 81 -1.87 13.82 8.94
N PHE A 82 -0.59 13.42 8.80
CA PHE A 82 0.07 13.37 7.50
C PHE A 82 0.13 11.91 7.02
N TYR A 83 -0.40 11.68 5.82
CA TYR A 83 -0.46 10.36 5.16
C TYR A 83 -0.49 10.58 3.64
N PHE A 84 -0.50 9.50 2.87
CA PHE A 84 -0.48 9.57 1.40
C PHE A 84 -1.31 8.45 0.77
N ASN A 85 -1.77 8.67 -0.48
CA ASN A 85 -2.36 7.61 -1.31
C ASN A 85 -1.80 7.69 -2.75
N LEU A 86 -1.34 6.55 -3.26
CA LEU A 86 -0.83 6.43 -4.63
C LEU A 86 -2.07 6.28 -5.56
N LYS A 87 -2.27 7.28 -6.42
CA LYS A 87 -3.38 7.30 -7.40
C LYS A 87 -2.89 6.73 -8.74
N ALA A 88 -3.74 5.89 -9.36
CA ALA A 88 -3.47 5.27 -10.68
C ALA A 88 -4.07 6.11 -11.81
N ALA A 89 -3.81 5.67 -13.06
CA ALA A 89 -4.38 6.29 -14.29
C ALA A 89 -5.91 6.11 -14.36
N ASN A 90 -6.41 5.08 -13.65
CA ASN A 90 -7.84 4.73 -13.57
C ASN A 90 -8.57 5.56 -12.48
N HIS A 91 -7.83 6.53 -11.85
CA HIS A 91 -8.31 7.40 -10.75
C HIS A 91 -8.59 6.60 -9.46
N GLN A 92 -8.16 5.32 -9.44
CA GLN A 92 -8.37 4.42 -8.29
C GLN A 92 -7.19 4.54 -7.30
N ILE A 93 -7.50 4.34 -6.01
CA ILE A 93 -6.49 4.21 -4.97
C ILE A 93 -5.89 2.80 -5.01
N ILE A 94 -4.71 2.69 -5.62
CA ILE A 94 -3.95 1.43 -5.68
C ILE A 94 -3.16 1.20 -4.37
N GLY A 95 -3.16 2.19 -3.48
CA GLY A 95 -2.57 2.07 -2.15
C GLY A 95 -2.71 3.34 -1.33
N SER A 96 -3.37 3.27 -0.16
CA SER A 96 -3.54 4.41 0.76
C SER A 96 -2.89 4.11 2.12
N SER A 97 -1.83 4.85 2.45
CA SER A 97 -1.15 4.78 3.75
C SER A 97 -2.07 5.25 4.89
N GLN A 98 -1.70 4.87 6.12
CA GLN A 98 -2.44 5.23 7.34
C GLN A 98 -1.91 6.57 7.90
N MET A 99 -2.69 7.19 8.79
CA MET A 99 -2.42 8.52 9.33
C MET A 99 -1.25 8.50 10.33
N TYR A 100 -0.20 9.28 10.01
CA TYR A 100 0.95 9.51 10.91
C TYR A 100 0.80 10.88 11.58
N ALA A 101 1.46 11.07 12.74
CA ALA A 101 1.40 12.33 13.49
C ALA A 101 2.37 13.38 12.90
N THR A 102 3.60 12.95 12.61
CA THR A 102 4.66 13.82 12.06
C THR A 102 4.82 13.61 10.55
N ALA A 103 5.30 14.66 9.89
CA ALA A 103 5.55 14.67 8.44
C ALA A 103 6.70 13.70 8.07
N GLN A 104 7.71 13.62 8.95
CA GLN A 104 8.90 12.76 8.76
C GLN A 104 8.55 11.28 8.61
N SER A 105 7.45 10.86 9.26
CA SER A 105 6.98 9.46 9.25
C SER A 105 6.41 9.05 7.87
N ARG A 106 5.63 9.95 7.22
CA ARG A 106 5.09 9.68 5.87
C ARG A 106 6.17 9.83 4.79
N GLU A 107 7.20 10.68 5.05
CA GLU A 107 8.39 10.81 4.16
C GLU A 107 9.21 9.48 4.17
N THR A 108 9.37 8.92 5.38
CA THR A 108 9.95 7.57 5.56
C THR A 108 9.04 6.51 4.91
N GLY A 109 7.72 6.76 4.94
CA GLY A 109 6.74 5.91 4.29
C GLY A 109 6.89 5.86 2.77
N ILE A 110 7.19 7.02 2.14
CA ILE A 110 7.44 7.09 0.67
C ILE A 110 8.63 6.19 0.29
N ALA A 111 9.71 6.31 1.10
CA ALA A 111 10.94 5.53 0.94
C ALA A 111 10.71 4.03 1.22
N SER A 112 9.81 3.74 2.18
CA SER A 112 9.51 2.37 2.62
C SER A 112 8.71 1.62 1.54
N VAL A 113 7.71 2.31 0.94
CA VAL A 113 6.87 1.75 -0.14
C VAL A 113 7.66 1.68 -1.46
N LYS A 114 8.70 2.53 -1.61
CA LYS A 114 9.64 2.47 -2.76
C LYS A 114 10.38 1.10 -2.72
N ALA A 115 10.84 0.74 -1.52
CA ALA A 115 11.65 -0.48 -1.28
C ALA A 115 10.79 -1.77 -1.31
N ASN A 116 9.70 -1.73 -0.54
CA ASN A 116 8.82 -2.90 -0.29
C ASN A 116 7.80 -3.08 -1.43
N GLY A 117 7.46 -1.96 -2.09
CA GLY A 117 6.50 -1.98 -3.20
C GLY A 117 7.01 -2.75 -4.41
N THR A 118 8.29 -2.52 -4.73
CA THR A 118 9.00 -3.22 -5.82
C THR A 118 9.21 -4.72 -5.49
N SER A 119 9.30 -5.04 -4.19
CA SER A 119 9.45 -6.42 -3.69
C SER A 119 8.13 -7.18 -3.80
N GLN A 120 8.14 -8.30 -4.55
CA GLN A 120 6.95 -9.12 -4.87
C GLN A 120 6.72 -10.22 -3.82
N THR A 121 6.89 -9.84 -2.54
CA THR A 121 6.65 -10.72 -1.39
C THR A 121 5.21 -10.47 -0.87
N VAL A 122 4.33 -11.48 -1.02
CA VAL A 122 2.89 -11.37 -0.69
C VAL A 122 2.42 -12.61 0.09
N LYS A 123 1.65 -12.39 1.17
CA LYS A 123 0.90 -13.46 1.86
C LYS A 123 -0.51 -13.54 1.23
N ASP A 124 -0.68 -14.45 0.26
CA ASP A 124 -1.98 -14.63 -0.41
C ASP A 124 -2.93 -15.39 0.54
N ASN A 125 -3.73 -14.60 1.26
CA ASN A 125 -4.72 -15.09 2.25
C ASN A 125 -6.16 -14.95 1.71
N THR A 126 -6.30 -14.97 0.37
CA THR A 126 -7.59 -14.79 -0.32
C THR A 126 -8.50 -16.01 -0.11
N GLY A 127 -9.26 -15.97 1.01
CA GLY A 127 -10.14 -17.08 1.41
C GLY A 127 -9.48 -18.07 2.34
N SER A 128 -8.17 -17.87 2.63
CA SER A 128 -7.40 -18.72 3.54
C SER A 128 -7.75 -18.36 5.01
N ASN A 129 -8.65 -19.15 5.60
CA ASN A 129 -9.10 -18.97 6.98
C ASN A 129 -8.95 -20.32 7.71
N GLY A 14 21.54 -12.99 -1.34
CA GLY A 14 20.75 -11.79 -1.69
C GLY A 14 20.47 -10.92 -0.47
N VAL A 15 19.93 -9.72 -0.72
CA VAL A 15 19.50 -8.77 0.34
C VAL A 15 18.14 -9.19 0.91
N ILE A 16 17.99 -9.06 2.23
CA ILE A 16 16.72 -9.34 2.92
C ILE A 16 15.77 -8.12 2.81
N MET A 17 14.53 -8.37 2.39
CA MET A 17 13.50 -7.33 2.28
C MET A 17 12.75 -7.25 3.61
N ALA A 18 12.93 -6.14 4.34
CA ALA A 18 12.18 -5.87 5.56
C ALA A 18 10.80 -5.29 5.18
N GLY A 19 9.94 -6.18 4.66
CA GLY A 19 8.61 -5.82 4.18
C GLY A 19 8.05 -6.85 3.21
N TRP A 20 6.75 -7.13 3.35
CA TRP A 20 6.04 -8.13 2.53
C TRP A 20 4.59 -7.67 2.30
N PHE A 21 3.96 -8.19 1.24
CA PHE A 21 2.54 -7.94 0.94
C PHE A 21 1.69 -9.14 1.41
N GLU A 22 0.42 -8.85 1.75
CA GLU A 22 -0.61 -9.86 2.07
C GLU A 22 -1.93 -9.44 1.39
N LEU A 23 -2.39 -10.24 0.42
CA LEU A 23 -3.65 -10.01 -0.29
C LEU A 23 -4.81 -10.51 0.58
N SER A 24 -5.43 -9.56 1.27
CA SER A 24 -6.57 -9.81 2.16
C SER A 24 -7.89 -9.59 1.41
N LYS A 25 -8.95 -10.24 1.88
CA LYS A 25 -10.32 -10.01 1.39
C LYS A 25 -11.17 -9.41 2.52
N SER A 26 -12.34 -8.87 2.17
CA SER A 26 -13.31 -8.36 3.15
C SER A 26 -14.45 -9.37 3.33
N SER A 27 -15.43 -9.02 4.18
CA SER A 27 -16.68 -9.80 4.35
C SER A 27 -17.51 -9.75 3.04
N ASP A 28 -17.35 -8.66 2.27
CA ASP A 28 -17.96 -8.50 0.93
C ASP A 28 -17.18 -9.27 -0.17
N ASN A 29 -16.12 -9.99 0.25
CA ASN A 29 -15.22 -10.77 -0.65
C ASN A 29 -14.33 -9.84 -1.52
N GLN A 30 -14.35 -8.52 -1.21
CA GLN A 30 -13.60 -7.51 -1.96
C GLN A 30 -12.11 -7.59 -1.63
N PHE A 31 -11.28 -7.61 -2.69
CA PHE A 31 -9.85 -7.91 -2.61
C PHE A 31 -9.05 -6.63 -2.44
N ARG A 32 -8.05 -6.67 -1.56
CA ARG A 32 -7.12 -5.55 -1.32
C ARG A 32 -5.81 -6.13 -0.77
N PHE A 33 -4.69 -5.57 -1.18
CA PHE A 33 -3.37 -5.99 -0.71
C PHE A 33 -2.86 -4.97 0.31
N VAL A 34 -2.28 -5.47 1.40
CA VAL A 34 -1.66 -4.64 2.44
C VAL A 34 -0.13 -4.81 2.32
N LEU A 35 0.61 -3.70 2.34
CA LEU A 35 2.06 -3.71 2.43
C LEU A 35 2.45 -3.44 3.88
N LYS A 36 3.07 -4.43 4.51
CA LYS A 36 3.62 -4.35 5.86
C LYS A 36 5.14 -4.22 5.76
N ALA A 37 5.72 -3.39 6.64
CA ALA A 37 7.17 -3.29 6.79
C ALA A 37 7.71 -4.45 7.66
N GLY A 38 9.05 -4.53 7.81
CA GLY A 38 9.70 -5.57 8.62
C GLY A 38 9.47 -5.42 10.11
N ASN A 39 8.83 -4.29 10.51
CA ASN A 39 8.37 -4.04 11.88
C ASN A 39 7.13 -4.90 12.23
N GLY A 40 6.45 -5.41 11.18
CA GLY A 40 5.18 -6.14 11.33
C GLY A 40 3.97 -5.22 11.16
N GLU A 41 4.24 -3.90 11.07
CA GLU A 41 3.21 -2.86 10.95
C GLU A 41 2.85 -2.62 9.48
N THR A 42 1.54 -2.48 9.21
CA THR A 42 1.05 -2.15 7.87
C THR A 42 1.28 -0.65 7.59
N ILE A 43 2.02 -0.37 6.51
CA ILE A 43 2.37 1.01 6.09
C ILE A 43 1.42 1.50 4.98
N LEU A 44 0.84 0.54 4.23
CA LEU A 44 0.04 0.83 3.02
C LEU A 44 -1.08 -0.22 2.87
N THR A 45 -2.25 0.22 2.39
CA THR A 45 -3.40 -0.66 2.07
C THR A 45 -4.20 -0.04 0.91
N SER A 46 -4.49 -0.85 -0.12
CA SER A 46 -5.27 -0.40 -1.28
C SER A 46 -6.79 -0.39 -0.95
N GLU A 47 -7.59 0.18 -1.87
CA GLU A 47 -9.08 0.19 -1.76
C GLU A 47 -9.65 -1.23 -1.96
N LEU A 48 -10.96 -1.38 -1.67
CA LEU A 48 -11.69 -2.64 -1.87
C LEU A 48 -12.00 -2.78 -3.37
N TYR A 49 -11.36 -3.76 -4.02
CA TYR A 49 -11.54 -4.06 -5.44
C TYR A 49 -12.63 -5.13 -5.61
N THR A 50 -13.44 -4.98 -6.67
CA THR A 50 -14.48 -5.95 -7.03
C THR A 50 -13.84 -7.24 -7.62
N SER A 51 -12.65 -7.09 -8.19
CA SER A 51 -11.93 -8.17 -8.89
C SER A 51 -10.52 -8.36 -8.28
N LYS A 52 -10.10 -9.63 -8.11
CA LYS A 52 -8.74 -9.96 -7.62
C LYS A 52 -7.68 -9.57 -8.67
N THR A 53 -8.10 -9.57 -9.94
CA THR A 53 -7.29 -9.12 -11.09
C THR A 53 -6.84 -7.66 -10.90
N SER A 54 -7.76 -6.82 -10.40
CA SER A 54 -7.52 -5.39 -10.12
C SER A 54 -6.47 -5.21 -8.99
N ALA A 55 -6.52 -6.13 -8.00
CA ALA A 55 -5.58 -6.15 -6.87
C ALA A 55 -4.19 -6.67 -7.30
N GLU A 56 -4.19 -7.61 -8.26
CA GLU A 56 -2.95 -8.22 -8.80
C GLU A 56 -2.17 -7.19 -9.64
N LYS A 57 -2.92 -6.45 -10.46
CA LYS A 57 -2.37 -5.37 -11.27
C LYS A 57 -2.11 -4.12 -10.41
N GLY A 58 -2.83 -4.03 -9.27
CA GLY A 58 -2.64 -2.96 -8.29
C GLY A 58 -1.25 -2.96 -7.68
N ILE A 59 -0.79 -4.14 -7.20
CA ILE A 59 0.57 -4.31 -6.65
C ILE A 59 1.65 -4.14 -7.75
N ALA A 60 1.31 -4.55 -8.99
CA ALA A 60 2.16 -4.31 -10.18
C ALA A 60 2.36 -2.79 -10.40
N SER A 61 1.27 -2.04 -10.15
CA SER A 61 1.26 -0.58 -10.30
C SER A 61 1.99 0.14 -9.16
N VAL A 62 1.85 -0.31 -7.89
CA VAL A 62 2.54 0.35 -6.74
C VAL A 62 4.06 0.22 -6.88
N ARG A 63 4.49 -0.91 -7.47
CA ARG A 63 5.90 -1.22 -7.74
C ARG A 63 6.44 -0.32 -8.88
N SER A 64 5.59 -0.09 -9.89
CA SER A 64 5.92 0.74 -11.07
C SER A 64 5.91 2.24 -10.70
N ASN A 65 5.05 2.59 -9.72
CA ASN A 65 4.83 3.99 -9.28
C ASN A 65 5.46 4.24 -7.89
N SER A 66 6.39 3.34 -7.48
CA SER A 66 7.26 3.55 -6.31
C SER A 66 8.14 4.85 -6.46
N PRO A 67 8.88 5.06 -7.62
CA PRO A 67 9.68 6.31 -7.81
C PRO A 67 8.83 7.51 -8.28
N GLN A 68 7.52 7.27 -8.52
CA GLN A 68 6.62 8.28 -9.10
C GLN A 68 5.91 9.06 -7.99
N GLU A 69 6.62 10.06 -7.43
CA GLU A 69 6.11 10.97 -6.37
C GLU A 69 4.81 11.69 -6.80
N GLU A 70 4.70 11.90 -8.12
CA GLU A 70 3.56 12.59 -8.77
C GLU A 70 2.26 11.80 -8.56
N ARG A 71 2.37 10.46 -8.55
CA ARG A 71 1.22 9.53 -8.43
C ARG A 71 0.69 9.46 -6.99
N TYR A 72 1.54 9.79 -5.99
CA TYR A 72 1.12 9.86 -4.58
C TYR A 72 0.26 11.12 -4.34
N GLU A 73 -0.83 10.96 -3.55
CA GLU A 73 -1.71 12.07 -3.14
C GLU A 73 -1.30 12.48 -1.73
N LYS A 74 -0.45 13.50 -1.61
CA LYS A 74 0.04 13.98 -0.32
C LYS A 74 -0.95 15.01 0.26
N LYS A 75 -1.75 14.55 1.25
CA LYS A 75 -2.82 15.35 1.87
C LYS A 75 -2.60 15.42 3.38
N THR A 76 -3.19 16.44 4.01
CA THR A 76 -3.14 16.63 5.47
C THR A 76 -4.56 16.81 6.00
N ALA A 77 -5.01 15.86 6.84
CA ALA A 77 -6.30 15.91 7.57
C ALA A 77 -6.39 17.16 8.47
N SER A 78 -7.63 17.54 8.83
CA SER A 78 -7.94 18.77 9.61
C SER A 78 -7.21 18.82 10.96
N ASN A 79 -6.90 17.64 11.51
CA ASN A 79 -6.22 17.49 12.82
C ASN A 79 -4.67 17.49 12.67
N GLY A 80 -4.18 17.96 11.51
CA GLY A 80 -2.74 18.07 11.24
C GLY A 80 -2.06 16.73 11.01
N LYS A 81 -2.80 15.77 10.43
CA LYS A 81 -2.29 14.41 10.18
C LYS A 81 -1.90 14.26 8.71
N PHE A 82 -0.64 13.91 8.45
CA PHE A 82 -0.08 13.82 7.10
C PHE A 82 -0.16 12.38 6.60
N TYR A 83 -0.68 12.18 5.39
CA TYR A 83 -0.82 10.85 4.77
C TYR A 83 -0.69 10.96 3.26
N PHE A 84 -0.43 9.84 2.60
CA PHE A 84 -0.34 9.75 1.15
C PHE A 84 -1.18 8.57 0.64
N ASN A 85 -1.94 8.81 -0.43
CA ASN A 85 -2.69 7.77 -1.14
C ASN A 85 -2.07 7.59 -2.54
N LEU A 86 -1.52 6.41 -2.84
CA LEU A 86 -0.92 6.15 -4.15
C LEU A 86 -2.08 5.92 -5.14
N LYS A 87 -2.25 6.91 -6.03
CA LYS A 87 -3.30 6.97 -7.03
C LYS A 87 -2.83 6.30 -8.33
N ALA A 88 -3.72 5.51 -8.94
CA ALA A 88 -3.54 4.97 -10.29
C ALA A 88 -4.34 5.83 -11.29
N ALA A 89 -3.90 5.84 -12.57
CA ALA A 89 -4.64 6.51 -13.66
C ALA A 89 -6.02 5.85 -13.90
N ASN A 90 -6.19 4.62 -13.36
CA ASN A 90 -7.45 3.85 -13.42
C ASN A 90 -8.50 4.41 -12.44
N HIS A 91 -8.15 5.51 -11.72
CA HIS A 91 -8.99 6.17 -10.70
C HIS A 91 -9.15 5.29 -9.44
N GLN A 92 -8.31 4.25 -9.34
CA GLN A 92 -8.34 3.30 -8.22
C GLN A 92 -7.17 3.61 -7.27
N ILE A 93 -7.47 3.48 -5.97
CA ILE A 93 -6.50 3.65 -4.90
C ILE A 93 -5.68 2.35 -4.76
N ILE A 94 -4.49 2.34 -5.36
CA ILE A 94 -3.55 1.20 -5.29
C ILE A 94 -2.75 1.24 -3.97
N GLY A 95 -2.82 2.39 -3.27
CA GLY A 95 -2.20 2.53 -1.97
C GLY A 95 -2.85 3.64 -1.16
N SER A 96 -3.01 3.42 0.14
CA SER A 96 -3.54 4.43 1.08
C SER A 96 -2.99 4.16 2.48
N SER A 97 -3.13 5.16 3.36
CA SER A 97 -2.80 5.03 4.77
C SER A 97 -3.82 5.84 5.58
N GLN A 98 -4.10 5.39 6.80
CA GLN A 98 -5.12 5.99 7.68
C GLN A 98 -4.66 7.39 8.16
N MET A 99 -3.37 7.47 8.53
CA MET A 99 -2.64 8.72 8.85
C MET A 99 -1.22 8.37 9.32
N TYR A 100 -0.30 9.31 9.16
CA TYR A 100 1.03 9.27 9.82
C TYR A 100 1.01 10.25 10.99
N ALA A 101 1.40 9.76 12.17
CA ALA A 101 1.34 10.51 13.43
C ALA A 101 2.19 11.79 13.39
N THR A 102 3.40 11.65 12.83
CA THR A 102 4.38 12.74 12.70
C THR A 102 4.57 13.11 11.21
N ALA A 103 4.82 14.41 10.96
CA ALA A 103 5.02 14.95 9.59
C ALA A 103 6.41 14.59 9.04
N GLN A 104 7.33 14.18 9.92
CA GLN A 104 8.66 13.67 9.52
C GLN A 104 8.54 12.23 8.95
N SER A 105 7.57 11.47 9.48
CA SER A 105 7.35 10.05 9.15
C SER A 105 6.85 9.85 7.69
N ARG A 106 6.29 10.92 7.06
CA ARG A 106 5.83 10.87 5.64
C ARG A 106 6.98 10.44 4.70
N GLU A 107 8.20 10.92 5.00
CA GLU A 107 9.43 10.65 4.23
C GLU A 107 9.86 9.19 4.42
N THR A 108 9.72 8.70 5.66
CA THR A 108 9.99 7.30 6.02
C THR A 108 9.01 6.37 5.26
N GLY A 109 7.74 6.83 5.17
CA GLY A 109 6.67 6.07 4.53
C GLY A 109 6.88 5.91 3.05
N ILE A 110 7.20 7.02 2.36
CA ILE A 110 7.51 7.01 0.91
C ILE A 110 8.69 6.07 0.62
N ALA A 111 9.74 6.18 1.45
CA ALA A 111 10.97 5.37 1.33
C ALA A 111 10.68 3.87 1.54
N SER A 112 9.75 3.57 2.47
CA SER A 112 9.41 2.18 2.82
C SER A 112 8.50 1.55 1.73
N VAL A 113 7.57 2.34 1.17
CA VAL A 113 6.68 1.89 0.07
C VAL A 113 7.49 1.73 -1.24
N LYS A 114 8.48 2.61 -1.43
CA LYS A 114 9.37 2.58 -2.60
C LYS A 114 10.28 1.33 -2.56
N ALA A 115 10.90 1.12 -1.39
CA ALA A 115 11.86 0.01 -1.19
C ALA A 115 11.13 -1.36 -1.19
N ASN A 116 10.07 -1.47 -0.37
CA ASN A 116 9.30 -2.72 -0.20
C ASN A 116 8.23 -2.89 -1.29
N GLY A 117 8.14 -1.92 -2.23
CA GLY A 117 7.25 -2.03 -3.38
C GLY A 117 7.72 -3.12 -4.36
N THR A 118 9.06 -3.33 -4.44
CA THR A 118 9.67 -4.33 -5.33
C THR A 118 9.69 -5.74 -4.68
N SER A 119 9.16 -5.87 -3.45
CA SER A 119 9.06 -7.16 -2.75
C SER A 119 8.06 -8.08 -3.47
N GLN A 120 8.58 -9.13 -4.14
CA GLN A 120 7.74 -10.14 -4.83
C GLN A 120 7.02 -11.07 -3.83
N THR A 121 7.48 -11.05 -2.55
CA THR A 121 6.86 -11.80 -1.46
C THR A 121 5.44 -11.26 -1.16
N VAL A 122 4.43 -12.02 -1.62
CA VAL A 122 3.01 -11.71 -1.40
C VAL A 122 2.26 -12.99 -0.98
N LYS A 123 1.62 -12.91 0.21
CA LYS A 123 0.74 -13.97 0.72
C LYS A 123 -0.66 -13.81 0.12
N ASP A 124 -1.37 -14.92 -0.06
CA ASP A 124 -2.78 -14.92 -0.46
C ASP A 124 -3.66 -15.30 0.74
N ASN A 125 -4.16 -14.28 1.45
CA ASN A 125 -5.02 -14.44 2.65
C ASN A 125 -6.47 -14.69 2.26
N THR A 126 -6.78 -14.49 0.96
CA THR A 126 -8.14 -14.57 0.41
C THR A 126 -8.75 -15.99 0.54
N GLY A 127 -9.42 -16.22 1.69
CA GLY A 127 -9.98 -17.54 2.01
C GLY A 127 -8.90 -18.50 2.48
N SER A 128 -7.95 -17.98 3.27
CA SER A 128 -6.80 -18.76 3.76
C SER A 128 -6.30 -18.19 5.11
N ASN A 129 -5.71 -19.08 5.93
CA ASN A 129 -5.19 -18.74 7.28
C ASN A 129 -3.75 -19.31 7.42
#